data_5Z1W
#
_entry.id   5Z1W
#
_cell.length_a   1
_cell.length_b   1
_cell.length_c   1
_cell.angle_alpha   90.00
_cell.angle_beta   90.00
_cell.angle_gamma   90.00
#
_symmetry.space_group_name_H-M   'P 1'
#
loop_
_entity.id
_entity.type
_entity.pdbx_description
1 polymer 'Polycystic kidney disease 2-like 1 protein'
2 non-polymer 2-acetamido-2-deoxy-beta-D-glucopyranose
#
_entity_poly.entity_id   1
_entity_poly.type   'polypeptide(L)'
_entity_poly.pdbx_seq_one_letter_code
;TLVSSCCLHICRSIRGLWGTTLTENTAENRELYVKTTLRELVVYIVFLVDICLLTYGMTSSSAYYYTKVMSELFLHTPSD
SGVSFQTISSMSDFWDFAQGPLLDSLYWTKWYNNQSLGRGSHSFIYYENLLLGAPRLRQLRVRNDSCVVHEDFREDILNC
YDVYSPDKEDQLPFGPQNGTAWTYHSQNELGGSSHWGRLTSYSGGGYYLDLPGSRQASAEALQGLQEGLWLDRGTRVVFI
DFSVYNANINLFCILRLVVEFPATGGTIPSWQIRTVKLIRYVNNWDFFIVGCEVVFCVFIFYYVVEEILEIHLHRLRYLS
SVWNILDLVVILLSIVAVGFHIFRTLEVNRLMGKLLQQPDTYADFEFLAFWQTQYNNMNAVNLFFAWIKIFKYISFNKTM
TQLSSTLARCAKDILGFAIMFFIVFFAYAQLGYLLFGTQVENFSTFVKCIFTQFRIILGDFDYNAIDNANRILGPVYFVT
YVFFVFFVLLNMFLAIINDTYSEVKEELAGQKDQLQLSDFLKQSYNKTLLRLRLRKERVSDVQKVLKGGEPEIQFEDFTS
TLRELG
;
_entity_poly.pdbx_strand_id   A,B,C,D
#
loop_
_chem_comp.id
_chem_comp.type
_chem_comp.name
_chem_comp.formula
NAG D-saccharide, beta linking 2-acetamido-2-deoxy-beta-D-glucopyranose 'C8 H15 N O6'
#
# COMPACT_ATOMS: atom_id res chain seq x y z
N LEU A 38 -46.99 16.01 25.82
CA LEU A 38 -46.63 15.27 24.63
C LEU A 38 -46.79 16.11 23.37
N ARG A 39 -47.32 17.33 23.53
CA ARG A 39 -47.43 18.23 22.38
C ARG A 39 -46.11 18.91 22.06
N GLU A 40 -45.40 19.37 23.10
CA GLU A 40 -44.08 19.95 22.88
C GLU A 40 -43.17 18.97 22.16
N LEU A 41 -43.36 17.67 22.38
CA LEU A 41 -42.65 16.68 21.59
C LEU A 41 -42.94 16.86 20.10
N VAL A 42 -44.22 16.82 19.72
CA VAL A 42 -44.60 16.94 18.32
C VAL A 42 -44.01 18.20 17.71
N VAL A 43 -44.20 19.34 18.37
CA VAL A 43 -43.61 20.59 17.89
C VAL A 43 -42.12 20.44 17.69
N TYR A 44 -41.45 19.77 18.63
CA TYR A 44 -40.02 19.52 18.50
C TYR A 44 -39.70 18.73 17.24
N ILE A 45 -40.44 17.66 16.96
CA ILE A 45 -40.24 16.95 15.71
C ILE A 45 -40.34 17.91 14.53
N VAL A 46 -41.38 18.76 14.52
CA VAL A 46 -41.51 19.75 13.45
C VAL A 46 -40.23 20.57 13.34
N PHE A 47 -39.61 20.88 14.47
CA PHE A 47 -38.32 21.54 14.42
C PHE A 47 -37.27 20.68 13.73
N LEU A 48 -37.23 19.37 14.05
CA LEU A 48 -36.23 18.50 13.42
C LEU A 48 -36.40 18.44 11.91
N VAL A 49 -37.63 18.39 11.41
CA VAL A 49 -37.76 18.40 9.97
C VAL A 49 -37.49 19.78 9.39
N ASP A 50 -37.72 20.85 10.15
CA ASP A 50 -37.34 22.18 9.67
C ASP A 50 -35.84 22.27 9.46
N ILE A 51 -35.06 22.06 10.52
CA ILE A 51 -33.62 22.11 10.40
C ILE A 51 -33.12 21.07 9.41
N CYS A 52 -33.79 19.92 9.34
CA CYS A 52 -33.37 18.87 8.41
C CYS A 52 -33.45 19.34 6.97
N LEU A 53 -34.62 19.84 6.55
CA LEU A 53 -34.72 20.31 5.18
C LEU A 53 -33.83 21.52 4.93
N LEU A 54 -33.63 22.36 5.94
CA LEU A 54 -32.79 23.53 5.71
C LEU A 54 -31.34 23.14 5.50
N THR A 55 -30.82 22.17 6.24
CA THR A 55 -29.43 21.79 6.05
C THR A 55 -29.23 20.89 4.84
N TYR A 56 -30.10 19.90 4.64
CA TYR A 56 -30.01 19.11 3.42
C TYR A 56 -30.36 19.89 2.17
N GLY A 57 -30.90 21.09 2.30
CA GLY A 57 -31.09 21.91 1.12
C GLY A 57 -29.79 22.39 0.52
N MET A 58 -28.76 22.56 1.34
CA MET A 58 -27.49 23.12 0.88
C MET A 58 -26.64 22.11 0.13
N THR A 59 -26.71 20.84 0.51
CA THR A 59 -25.78 19.86 -0.02
C THR A 59 -26.13 19.51 -1.47
N SER A 60 -25.29 18.69 -2.07
CA SER A 60 -25.58 18.09 -3.36
C SER A 60 -24.86 16.75 -3.45
N SER A 61 -25.50 15.77 -4.05
CA SER A 61 -24.86 14.47 -4.18
C SER A 61 -23.83 14.44 -5.31
N SER A 62 -23.79 15.48 -6.14
CA SER A 62 -22.83 15.58 -7.22
C SER A 62 -21.61 16.40 -6.82
N ALA A 63 -21.51 16.79 -5.55
CA ALA A 63 -20.35 17.54 -5.11
C ALA A 63 -19.08 16.70 -5.12
N TYR A 64 -19.13 15.51 -4.52
CA TYR A 64 -17.90 14.74 -4.35
C TYR A 64 -17.19 14.54 -5.67
N TYR A 65 -17.91 14.13 -6.71
CA TYR A 65 -17.23 13.94 -7.97
C TYR A 65 -16.75 15.25 -8.57
N TYR A 66 -17.29 16.38 -8.12
CA TYR A 66 -16.81 17.62 -8.66
C TYR A 66 -15.47 17.98 -8.07
N THR A 67 -15.33 17.87 -6.74
CA THR A 67 -14.00 18.02 -6.16
C THR A 67 -13.05 17.00 -6.76
N LYS A 68 -13.42 15.73 -6.72
CA LYS A 68 -12.53 14.68 -7.22
C LYS A 68 -12.03 14.98 -8.61
N VAL A 69 -12.91 15.46 -9.49
CA VAL A 69 -12.47 15.75 -10.84
C VAL A 69 -11.53 16.94 -10.88
N MET A 70 -11.84 18.02 -10.17
CA MET A 70 -10.93 19.17 -10.27
C MET A 70 -9.58 18.84 -9.64
N SER A 71 -9.58 18.26 -8.45
CA SER A 71 -8.33 17.90 -7.81
C SER A 71 -7.51 16.97 -8.68
N GLU A 72 -8.11 15.92 -9.23
CA GLU A 72 -7.32 15.09 -10.11
C GLU A 72 -6.95 15.78 -11.40
N LEU A 73 -7.54 16.92 -11.72
CA LEU A 73 -7.02 17.65 -12.88
C LEU A 73 -5.78 18.43 -12.53
N PHE A 74 -5.81 19.20 -11.45
CA PHE A 74 -4.65 20.05 -11.14
C PHE A 74 -3.56 19.34 -10.39
N LEU A 75 -3.88 18.52 -9.40
CA LEU A 75 -2.82 17.95 -8.58
C LEU A 75 -2.01 16.92 -9.34
N HIS A 76 -2.66 15.92 -9.92
CA HIS A 76 -1.94 14.72 -10.31
C HIS A 76 -1.35 14.74 -11.71
N THR A 77 -1.72 15.66 -12.57
CA THR A 77 -1.28 15.57 -13.96
C THR A 77 0.19 15.96 -14.08
N PRO A 78 1.07 15.05 -14.48
CA PRO A 78 2.50 15.37 -14.58
C PRO A 78 2.78 16.31 -15.72
N SER A 79 3.94 16.94 -15.63
CA SER A 79 4.49 17.69 -16.75
C SER A 79 5.31 16.74 -17.60
N ASP A 80 6.09 17.30 -18.54
CA ASP A 80 7.01 16.47 -19.31
C ASP A 80 8.14 15.95 -18.45
N SER A 81 8.51 16.69 -17.41
CA SER A 81 9.59 16.31 -16.51
C SER A 81 9.14 15.36 -15.42
N GLY A 82 7.89 14.90 -15.47
CA GLY A 82 7.40 14.03 -14.43
C GLY A 82 7.12 14.76 -13.15
N VAL A 83 6.80 16.04 -13.22
CA VAL A 83 6.58 16.87 -12.05
C VAL A 83 5.07 17.01 -11.88
N SER A 84 4.53 16.35 -10.88
CA SER A 84 3.14 16.55 -10.49
C SER A 84 3.09 17.74 -9.56
N PHE A 85 1.93 18.09 -9.04
CA PHE A 85 1.96 19.13 -8.02
C PHE A 85 2.39 18.55 -6.69
N GLN A 86 1.84 17.42 -6.30
CA GLN A 86 2.20 16.85 -5.01
C GLN A 86 3.69 16.59 -4.88
N THR A 87 4.38 16.33 -5.98
CA THR A 87 5.75 15.87 -5.96
C THR A 87 6.75 17.00 -6.10
N ILE A 88 6.29 18.24 -6.06
CA ILE A 88 7.18 19.38 -6.14
C ILE A 88 8.22 19.27 -5.03
N SER A 89 9.49 19.37 -5.40
CA SER A 89 10.59 19.28 -4.46
C SER A 89 11.24 20.63 -4.21
N SER A 90 11.84 21.20 -5.24
CA SER A 90 12.60 22.43 -5.10
C SER A 90 11.97 23.54 -5.90
N MET A 91 12.62 24.71 -5.97
CA MET A 91 12.03 25.81 -6.72
C MET A 91 11.96 25.50 -8.21
N SER A 92 13.02 24.96 -8.79
CA SER A 92 12.98 24.68 -10.23
C SER A 92 11.83 23.74 -10.57
N ASP A 93 11.48 22.83 -9.66
CA ASP A 93 10.27 22.05 -9.87
C ASP A 93 9.03 22.92 -9.86
N PHE A 94 8.95 23.89 -8.96
CA PHE A 94 7.81 24.78 -8.97
C PHE A 94 7.67 25.44 -10.32
N TRP A 95 8.73 26.06 -10.82
CA TRP A 95 8.60 26.67 -12.12
C TRP A 95 8.27 25.67 -13.22
N ASP A 96 8.79 24.46 -13.14
CA ASP A 96 8.39 23.45 -14.11
C ASP A 96 6.91 23.12 -14.03
N PHE A 97 6.30 23.29 -12.86
CA PHE A 97 4.87 23.09 -12.71
C PHE A 97 4.07 24.28 -13.20
N ALA A 98 4.42 25.48 -12.79
CA ALA A 98 3.63 26.65 -13.16
C ALA A 98 3.59 26.88 -14.66
N GLN A 99 4.71 26.80 -15.36
CA GLN A 99 4.72 26.91 -16.80
C GLN A 99 4.34 25.59 -17.45
N GLY A 100 4.08 24.57 -16.66
CA GLY A 100 3.75 23.24 -17.09
C GLY A 100 2.24 23.06 -17.15
N PRO A 101 1.78 21.94 -16.63
CA PRO A 101 0.34 21.64 -16.62
C PRO A 101 -0.56 22.79 -16.21
N LEU A 102 -0.20 23.55 -15.18
CA LEU A 102 -1.10 24.59 -14.69
C LEU A 102 -1.51 25.59 -15.76
N LEU A 103 -0.69 25.84 -16.77
CA LEU A 103 -1.16 26.66 -17.88
C LEU A 103 -1.88 25.86 -18.96
N ASP A 104 -1.77 24.55 -18.94
CA ASP A 104 -2.58 23.76 -19.84
C ASP A 104 -3.77 23.09 -19.18
N SER A 105 -3.87 23.14 -17.86
CA SER A 105 -5.06 22.68 -17.15
C SER A 105 -5.97 23.84 -16.76
N LEU A 106 -5.62 25.05 -17.14
CA LEU A 106 -6.50 26.21 -16.98
C LEU A 106 -7.19 26.61 -18.26
N TYR A 107 -6.44 26.95 -19.29
CA TYR A 107 -7.01 27.54 -20.49
C TYR A 107 -7.35 26.41 -21.44
N TRP A 108 -8.64 26.14 -21.60
CA TRP A 108 -9.08 25.21 -22.63
C TRP A 108 -9.72 26.02 -23.73
N THR A 109 -9.41 25.66 -24.96
CA THR A 109 -9.86 26.41 -26.12
C THR A 109 -10.54 25.46 -27.08
N LYS A 110 -9.85 24.42 -27.49
CA LYS A 110 -10.27 23.59 -28.60
C LYS A 110 -10.68 22.20 -28.12
N TRP A 111 -11.52 21.54 -28.90
CA TRP A 111 -12.02 20.22 -28.52
C TRP A 111 -10.91 19.18 -28.59
N TYR A 112 -11.28 17.94 -28.24
CA TYR A 112 -10.33 16.84 -28.35
C TYR A 112 -10.02 16.50 -29.80
N ASN A 113 -10.90 16.85 -30.73
CA ASN A 113 -10.63 16.64 -32.14
C ASN A 113 -9.93 17.82 -32.77
N ASN A 114 -9.50 18.78 -31.95
CA ASN A 114 -8.74 19.93 -32.41
C ASN A 114 -9.60 20.84 -33.29
N GLN A 115 -10.90 20.80 -33.06
CA GLN A 115 -11.85 21.77 -33.57
C GLN A 115 -12.09 22.84 -32.51
N SER A 116 -12.22 24.08 -32.93
CA SER A 116 -12.38 25.17 -31.98
C SER A 116 -13.70 25.06 -31.23
N LEU A 117 -13.68 25.48 -29.98
CA LEU A 117 -14.90 25.54 -29.18
C LEU A 117 -15.55 26.90 -29.33
N GLY A 118 -16.88 26.90 -29.39
CA GLY A 118 -17.59 28.07 -29.89
C GLY A 118 -18.06 29.04 -28.84
N ARG A 119 -17.46 29.03 -27.66
CA ARG A 119 -17.80 30.03 -26.66
C ARG A 119 -16.69 31.06 -26.57
N GLY A 120 -17.06 32.33 -26.71
CA GLY A 120 -16.05 33.35 -26.92
C GLY A 120 -15.11 33.62 -25.76
N SER A 121 -13.82 33.39 -26.01
CA SER A 121 -12.71 33.96 -25.25
C SER A 121 -12.64 33.51 -23.80
N HIS A 122 -13.72 32.97 -23.26
CA HIS A 122 -13.68 32.45 -21.91
C HIS A 122 -13.15 31.02 -21.90
N SER A 123 -12.57 30.63 -20.77
CA SER A 123 -11.91 29.34 -20.64
C SER A 123 -12.80 28.39 -19.85
N PHE A 124 -13.28 27.34 -20.51
CA PHE A 124 -14.14 26.35 -19.89
C PHE A 124 -13.32 25.11 -19.56
N ILE A 125 -13.13 24.87 -18.28
CA ILE A 125 -12.37 23.71 -17.84
C ILE A 125 -13.25 22.48 -17.95
N TYR A 126 -12.77 21.47 -18.67
CA TYR A 126 -13.56 20.30 -19.04
C TYR A 126 -14.79 20.66 -19.85
N TYR A 127 -14.79 21.82 -20.48
CA TYR A 127 -15.84 22.28 -21.37
C TYR A 127 -17.12 22.60 -20.63
N GLU A 128 -17.25 22.06 -19.41
CA GLU A 128 -18.47 22.24 -18.63
C GLU A 128 -18.33 23.25 -17.50
N ASN A 129 -17.13 23.83 -17.30
CA ASN A 129 -16.87 24.61 -16.10
C ASN A 129 -16.30 25.97 -16.47
N LEU A 130 -17.00 27.03 -16.10
CA LEU A 130 -16.54 28.38 -16.39
C LEU A 130 -15.48 28.79 -15.38
N LEU A 131 -14.55 29.62 -15.82
CA LEU A 131 -13.47 30.11 -14.97
C LEU A 131 -13.77 31.55 -14.58
N LEU A 132 -13.89 31.81 -13.29
CA LEU A 132 -14.33 33.11 -12.80
C LEU A 132 -13.15 34.04 -12.63
N GLY A 133 -13.14 35.12 -13.37
CA GLY A 133 -12.10 36.11 -13.21
C GLY A 133 -10.75 35.61 -13.68
N ALA A 134 -9.70 35.93 -12.94
CA ALA A 134 -8.35 35.55 -13.30
C ALA A 134 -7.70 34.89 -12.10
N PRO A 135 -6.73 34.00 -12.33
CA PRO A 135 -6.00 33.40 -11.21
C PRO A 135 -4.98 34.36 -10.65
N ARG A 136 -4.66 34.17 -9.36
CA ARG A 136 -3.74 35.08 -8.69
C ARG A 136 -2.67 34.31 -7.92
N LEU A 137 -1.41 34.60 -8.24
CA LEU A 137 -0.27 34.24 -7.41
C LEU A 137 -0.04 35.30 -6.35
N ARG A 138 0.33 34.90 -5.15
CA ARG A 138 0.90 35.91 -4.26
C ARG A 138 1.87 35.25 -3.32
N GLN A 139 2.88 36.01 -2.92
CA GLN A 139 4.07 35.52 -2.27
C GLN A 139 4.23 36.19 -0.91
N LEU A 140 5.02 35.62 -0.02
CA LEU A 140 5.40 36.33 1.18
C LEU A 140 6.90 36.27 1.38
N ARG A 141 7.48 37.43 1.72
CA ARG A 141 8.92 37.58 1.83
C ARG A 141 9.26 37.84 3.28
N VAL A 142 10.50 37.55 3.65
CA VAL A 142 10.99 37.84 4.99
C VAL A 142 12.23 38.71 4.87
N ARG A 143 12.45 39.55 5.88
CA ARG A 143 13.42 40.64 5.79
C ARG A 143 14.83 40.10 5.57
N ASN A 144 15.65 40.93 4.94
CA ASN A 144 17.01 40.51 4.58
C ASN A 144 17.75 39.95 5.78
N ASP A 145 18.07 40.78 6.76
CA ASP A 145 18.78 40.32 7.94
C ASP A 145 17.73 40.16 9.04
N SER A 146 17.30 38.92 9.24
CA SER A 146 16.23 38.65 10.18
C SER A 146 16.69 38.03 11.48
N CYS A 147 17.97 37.69 11.62
CA CYS A 147 18.42 37.12 12.88
C CYS A 147 19.90 37.42 13.00
N VAL A 148 20.57 36.76 13.95
CA VAL A 148 21.99 36.95 14.18
C VAL A 148 22.71 35.67 13.77
N VAL A 149 23.49 35.76 12.70
CA VAL A 149 24.35 34.64 12.31
C VAL A 149 25.32 34.37 13.43
N HIS A 150 25.61 33.11 13.70
CA HIS A 150 26.50 32.80 14.80
C HIS A 150 27.91 33.32 14.49
N GLU A 151 28.69 33.50 15.56
CA GLU A 151 29.98 34.17 15.48
C GLU A 151 30.99 33.41 14.63
N ASP A 152 30.93 32.09 14.60
CA ASP A 152 31.95 31.32 13.87
C ASP A 152 31.82 31.53 12.37
N PHE A 153 30.60 31.61 11.87
CA PHE A 153 30.33 31.53 10.43
C PHE A 153 30.23 32.89 9.78
N ARG A 154 30.38 33.98 10.54
CA ARG A 154 30.17 35.31 9.99
C ARG A 154 31.01 35.58 8.77
N GLU A 155 32.07 34.83 8.57
CA GLU A 155 32.92 34.95 7.39
C GLU A 155 32.25 34.41 6.13
N ASP A 156 31.61 33.25 6.18
CA ASP A 156 31.02 32.63 5.02
C ASP A 156 29.55 32.94 4.81
N ILE A 157 28.87 33.53 5.78
CA ILE A 157 27.42 33.71 5.72
C ILE A 157 27.12 35.17 6.01
N LEU A 158 26.62 35.88 5.01
CA LEU A 158 26.34 37.29 5.17
C LEU A 158 24.88 37.62 5.42
N ASN A 159 23.99 36.63 5.51
CA ASN A 159 22.57 36.92 5.62
C ASN A 159 21.84 35.84 6.40
N CYS A 160 20.85 36.26 7.18
CA CYS A 160 19.95 35.36 7.86
C CYS A 160 18.52 35.70 7.49
N TYR A 161 17.82 34.75 6.89
CA TYR A 161 16.39 34.85 6.63
C TYR A 161 15.72 33.91 7.61
N ASP A 162 14.99 34.46 8.57
CA ASP A 162 14.47 33.60 9.62
C ASP A 162 13.17 32.93 9.18
N VAL A 163 12.58 32.15 10.08
CA VAL A 163 11.27 31.56 9.83
C VAL A 163 10.24 32.67 9.73
N TYR A 164 9.14 32.39 9.04
CA TYR A 164 8.10 33.40 8.88
C TYR A 164 7.40 33.70 10.19
N SER A 165 7.34 34.99 10.53
CA SER A 165 6.43 35.51 11.54
C SER A 165 6.04 36.90 11.06
N PRO A 166 4.80 37.33 11.30
CA PRO A 166 4.35 38.59 10.70
C PRO A 166 5.14 39.80 11.12
N ASP A 167 5.94 39.70 12.17
CA ASP A 167 6.81 40.80 12.59
C ASP A 167 7.92 41.05 11.60
N LYS A 168 8.42 40.02 10.94
CA LYS A 168 9.60 40.11 10.10
C LYS A 168 9.28 40.22 8.61
N GLU A 169 8.01 40.28 8.24
CA GLU A 169 7.62 40.27 6.83
C GLU A 169 8.25 41.44 6.09
N ASP A 170 8.87 41.15 4.95
CA ASP A 170 9.62 42.15 4.22
C ASP A 170 8.71 42.95 3.31
N GLN A 171 8.64 44.26 3.57
CA GLN A 171 7.72 45.14 2.84
C GLN A 171 8.41 45.97 1.75
N LEU A 172 9.64 45.78 1.54
CA LEU A 172 10.24 46.62 0.51
C LEU A 172 10.17 45.97 -0.86
N PRO A 173 10.23 46.75 -1.93
CA PRO A 173 10.28 46.18 -3.26
C PRO A 173 11.59 45.47 -3.53
N PHE A 174 11.60 44.65 -4.58
CA PHE A 174 12.79 43.95 -5.01
C PHE A 174 12.71 43.71 -6.50
N GLY A 175 13.68 42.98 -7.03
CA GLY A 175 13.77 42.78 -8.45
C GLY A 175 13.81 44.09 -9.20
N PRO A 176 13.20 44.13 -10.39
CA PRO A 176 13.04 45.39 -11.11
C PRO A 176 12.16 46.42 -10.41
N GLN A 177 11.40 46.03 -9.39
CA GLN A 177 10.75 46.95 -8.48
C GLN A 177 9.68 47.80 -9.15
N ASN A 178 8.85 47.22 -10.00
CA ASN A 178 7.99 48.00 -10.87
C ASN A 178 6.52 47.65 -10.71
N GLY A 179 6.12 46.47 -11.19
CA GLY A 179 4.73 46.08 -11.18
C GLY A 179 4.22 45.72 -9.80
N THR A 180 2.99 45.24 -9.77
CA THR A 180 2.38 44.79 -8.53
C THR A 180 2.88 43.44 -8.10
N ALA A 181 3.67 42.78 -8.95
CA ALA A 181 4.31 41.53 -8.56
C ALA A 181 5.58 41.77 -7.76
N TRP A 182 6.26 42.88 -8.01
CA TRP A 182 7.55 43.16 -7.39
C TRP A 182 7.46 44.12 -6.20
N THR A 183 6.27 44.55 -5.81
CA THR A 183 6.11 45.57 -4.77
C THR A 183 5.02 45.17 -3.80
N TYR A 184 5.21 45.54 -2.55
CA TYR A 184 4.37 45.02 -1.48
C TYR A 184 2.95 45.56 -1.60
N HIS A 185 2.02 44.82 -1.01
CA HIS A 185 0.64 45.26 -0.88
C HIS A 185 0.13 44.80 0.47
N SER A 186 -0.56 45.67 1.17
CA SER A 186 -1.01 45.39 2.52
C SER A 186 -2.15 44.38 2.49
N GLN A 187 -2.68 44.04 3.66
CA GLN A 187 -3.82 43.16 3.73
C GLN A 187 -5.14 43.88 3.49
N ASN A 188 -5.17 45.20 3.50
CA ASN A 188 -6.37 45.91 3.09
C ASN A 188 -6.50 46.02 1.58
N GLU A 189 -5.44 46.47 0.90
CA GLU A 189 -5.48 46.61 -0.54
C GLU A 189 -5.81 45.30 -1.24
N LEU A 190 -5.50 44.18 -0.60
CA LEU A 190 -5.97 42.88 -1.02
C LEU A 190 -6.90 42.39 0.07
N GLY A 191 -8.20 42.42 -0.19
CA GLY A 191 -9.12 41.95 0.83
C GLY A 191 -8.86 40.48 1.07
N GLY A 192 -8.55 40.11 2.30
CA GLY A 192 -8.19 38.73 2.57
C GLY A 192 -8.02 38.48 4.05
N SER A 193 -8.11 37.21 4.40
CA SER A 193 -8.00 36.77 5.78
C SER A 193 -6.78 35.87 5.90
N SER A 194 -6.55 35.38 7.10
CA SER A 194 -5.40 34.55 7.40
C SER A 194 -5.60 33.18 6.76
N HIS A 195 -4.64 32.76 5.96
CA HIS A 195 -4.56 31.34 5.61
C HIS A 195 -3.74 30.63 6.67
N TRP A 196 -4.22 29.49 7.12
CA TRP A 196 -3.52 28.70 8.13
C TRP A 196 -3.07 27.39 7.52
N GLY A 197 -1.77 27.30 7.27
CA GLY A 197 -1.20 26.20 6.52
C GLY A 197 -0.64 25.13 7.43
N ARG A 198 0.39 24.43 6.94
CA ARG A 198 0.97 23.38 7.77
C ARG A 198 1.93 23.94 8.80
N LEU A 199 2.75 24.92 8.43
CA LEU A 199 3.72 25.43 9.38
C LEU A 199 3.06 26.43 10.33
N THR A 200 2.77 27.63 9.85
CA THR A 200 2.16 28.66 10.68
C THR A 200 1.14 29.42 9.85
N SER A 201 0.31 30.20 10.55
CA SER A 201 -0.65 31.04 9.87
C SER A 201 0.05 32.13 9.08
N TYR A 202 -0.62 32.62 8.05
CA TYR A 202 -0.06 33.59 7.13
C TYR A 202 -1.04 34.73 6.94
N SER A 203 -0.53 35.92 6.66
CA SER A 203 -1.40 37.08 6.52
C SER A 203 -1.99 37.09 5.11
N GLY A 204 -2.62 38.20 4.74
CA GLY A 204 -3.20 38.36 3.42
C GLY A 204 -2.50 39.31 2.50
N GLY A 205 -1.32 39.80 2.86
CA GLY A 205 -0.64 40.77 2.02
C GLY A 205 0.21 40.10 0.98
N GLY A 206 1.34 40.70 0.64
CA GLY A 206 2.28 40.06 -0.22
C GLY A 206 2.31 40.62 -1.61
N TYR A 207 3.08 40.00 -2.50
CA TYR A 207 3.28 40.53 -3.83
C TYR A 207 2.46 39.70 -4.81
N TYR A 208 1.31 40.23 -5.19
CA TYR A 208 0.42 39.46 -6.02
C TYR A 208 0.75 39.65 -7.49
N LEU A 209 0.36 38.67 -8.30
CA LEU A 209 0.29 38.85 -9.74
C LEU A 209 -0.99 38.22 -10.24
N ASP A 210 -1.65 38.88 -11.19
CA ASP A 210 -2.91 38.40 -11.75
C ASP A 210 -2.69 38.03 -13.21
N LEU A 211 -2.84 36.76 -13.52
CA LEU A 211 -2.55 36.29 -14.86
C LEU A 211 -3.57 36.83 -15.85
N PRO A 212 -3.14 37.20 -17.03
CA PRO A 212 -4.07 37.70 -18.05
C PRO A 212 -5.03 36.63 -18.55
N GLY A 213 -5.84 36.96 -19.55
CA GLY A 213 -6.88 36.08 -20.03
C GLY A 213 -6.44 34.83 -20.79
N SER A 214 -5.73 35.00 -21.89
CA SER A 214 -5.41 33.88 -22.75
C SER A 214 -4.28 33.07 -22.14
N ARG A 215 -3.82 32.03 -22.84
CA ARG A 215 -2.65 31.34 -22.36
C ARG A 215 -1.36 32.07 -22.68
N GLN A 216 -1.20 32.50 -23.92
CA GLN A 216 0.08 33.02 -24.37
C GLN A 216 0.53 34.19 -23.51
N ALA A 217 -0.36 35.14 -23.26
CA ALA A 217 0.01 36.26 -22.40
C ALA A 217 0.40 35.79 -21.01
N SER A 218 -0.28 34.76 -20.51
CA SER A 218 0.07 34.24 -19.19
C SER A 218 1.49 33.67 -19.18
N ALA A 219 1.81 32.82 -20.15
CA ALA A 219 3.17 32.30 -20.24
C ALA A 219 4.18 33.42 -20.36
N GLU A 220 3.87 34.48 -21.11
CA GLU A 220 4.75 35.64 -21.11
C GLU A 220 4.95 36.19 -19.71
N ALA A 221 3.88 36.26 -18.91
CA ALA A 221 4.02 36.73 -17.54
C ALA A 221 4.99 35.84 -16.75
N LEU A 222 4.59 34.60 -16.49
CA LEU A 222 5.42 33.74 -15.64
C LEU A 222 6.84 33.61 -16.18
N GLN A 223 7.02 33.61 -17.49
CA GLN A 223 8.37 33.69 -18.02
C GLN A 223 9.05 34.96 -17.55
N GLY A 224 8.32 36.07 -17.53
CA GLY A 224 8.86 37.30 -16.98
C GLY A 224 9.23 37.20 -15.52
N LEU A 225 8.54 36.38 -14.74
CA LEU A 225 8.89 36.19 -13.33
C LEU A 225 10.01 35.18 -13.12
N GLN A 226 10.27 34.29 -14.07
CA GLN A 226 11.48 33.49 -14.00
C GLN A 226 12.71 34.25 -14.44
N GLU A 227 12.55 35.16 -15.41
CA GLU A 227 13.68 35.99 -15.84
C GLU A 227 14.38 36.59 -14.64
N GLY A 228 13.74 37.54 -13.98
CA GLY A 228 14.19 37.92 -12.66
C GLY A 228 13.95 36.80 -11.67
N LEU A 229 14.38 36.99 -10.43
CA LEU A 229 14.12 35.97 -9.44
C LEU A 229 12.93 36.43 -8.61
N TRP A 230 11.78 35.83 -8.89
CA TRP A 230 10.63 36.16 -8.08
C TRP A 230 10.50 35.18 -6.95
N LEU A 231 11.28 34.11 -6.97
CA LEU A 231 11.48 33.24 -5.84
C LEU A 231 12.95 33.27 -5.49
N ASP A 232 13.28 33.86 -4.34
CA ASP A 232 14.66 33.88 -3.88
C ASP A 232 14.70 33.47 -2.43
N ARG A 233 15.87 33.55 -1.78
CA ARG A 233 15.97 33.03 -0.42
C ARG A 233 14.95 33.67 0.50
N GLY A 234 14.52 34.88 0.19
CA GLY A 234 13.57 35.53 1.06
C GLY A 234 12.19 34.93 1.07
N THR A 235 11.83 34.21 0.01
CA THR A 235 10.46 33.72 -0.14
C THR A 235 10.10 32.78 1.00
N ARG A 236 8.82 32.76 1.35
CA ARG A 236 8.35 31.80 2.33
C ARG A 236 7.12 31.04 1.85
N VAL A 237 6.03 31.72 1.52
CA VAL A 237 4.83 31.04 1.07
C VAL A 237 4.47 31.55 -0.30
N VAL A 238 3.93 30.67 -1.14
CA VAL A 238 3.42 31.04 -2.44
C VAL A 238 2.03 30.45 -2.60
N PHE A 239 1.06 31.30 -2.95
CA PHE A 239 -0.33 30.93 -3.12
C PHE A 239 -0.72 31.05 -4.58
N ILE A 240 -1.53 30.10 -5.04
CA ILE A 240 -2.20 30.20 -6.33
C ILE A 240 -3.68 30.03 -6.06
N ASP A 241 -4.46 31.06 -6.31
CA ASP A 241 -5.89 31.02 -6.01
C ASP A 241 -6.67 31.17 -7.30
N PHE A 242 -7.64 30.28 -7.50
CA PHE A 242 -8.63 30.54 -8.53
C PHE A 242 -9.86 29.68 -8.26
N SER A 243 -10.97 30.09 -8.89
CA SER A 243 -12.28 29.52 -8.62
C SER A 243 -13.01 29.29 -9.93
N VAL A 244 -13.97 28.37 -9.89
CA VAL A 244 -14.61 27.82 -11.07
C VAL A 244 -16.10 27.68 -10.79
N TYR A 245 -16.94 27.99 -11.77
CA TYR A 245 -18.38 27.88 -11.60
C TYR A 245 -18.96 26.89 -12.60
N ASN A 246 -19.75 25.94 -12.10
CA ASN A 246 -20.34 24.91 -12.92
C ASN A 246 -21.77 25.29 -13.29
N ALA A 247 -22.05 25.35 -14.58
CA ALA A 247 -23.35 25.78 -15.06
C ALA A 247 -24.42 24.71 -14.99
N ASN A 248 -24.05 23.44 -15.15
CA ASN A 248 -25.03 22.37 -15.35
C ASN A 248 -25.77 22.13 -14.06
N ILE A 249 -25.10 21.57 -13.07
CA ILE A 249 -25.56 21.73 -11.70
C ILE A 249 -25.20 23.15 -11.32
N ASN A 250 -25.43 23.53 -10.07
CA ASN A 250 -25.03 24.85 -9.62
C ASN A 250 -24.08 24.66 -8.44
N LEU A 251 -22.79 24.89 -8.68
CA LEU A 251 -21.79 24.82 -7.64
C LEU A 251 -20.56 25.61 -8.06
N PHE A 252 -19.80 26.04 -7.07
CA PHE A 252 -18.49 26.64 -7.24
C PHE A 252 -17.44 25.67 -6.73
N CYS A 253 -16.32 25.58 -7.43
CA CYS A 253 -15.14 24.93 -6.90
C CYS A 253 -14.09 26.00 -6.75
N ILE A 254 -13.81 26.40 -5.51
CA ILE A 254 -12.80 27.39 -5.20
C ILE A 254 -11.59 26.66 -4.65
N LEU A 255 -10.41 26.97 -5.18
CA LEU A 255 -9.25 26.19 -4.81
C LEU A 255 -8.02 27.05 -4.64
N ARG A 256 -7.25 26.70 -3.61
CA ARG A 256 -5.98 27.30 -3.26
C ARG A 256 -4.90 26.25 -3.35
N LEU A 257 -3.83 26.59 -4.04
CA LEU A 257 -2.65 25.75 -4.11
C LEU A 257 -1.56 26.47 -3.33
N VAL A 258 -1.18 25.92 -2.19
CA VAL A 258 -0.30 26.57 -1.23
C VAL A 258 1.01 25.80 -1.20
N VAL A 259 2.08 26.42 -1.67
CA VAL A 259 3.41 25.81 -1.63
C VAL A 259 4.21 26.59 -0.62
N GLU A 260 4.79 25.90 0.36
CA GLU A 260 5.54 26.57 1.41
C GLU A 260 7.02 26.31 1.24
N PHE A 261 7.83 27.34 1.42
CA PHE A 261 9.27 27.17 1.41
C PHE A 261 9.76 27.38 2.82
N PRO A 262 10.14 26.37 3.58
CA PRO A 262 10.59 26.62 4.94
C PRO A 262 11.95 27.31 4.92
N ALA A 263 12.42 27.65 6.11
CA ALA A 263 13.76 28.21 6.24
C ALA A 263 14.81 27.19 5.84
N THR A 264 14.49 25.91 5.99
CA THR A 264 15.44 24.84 5.76
C THR A 264 15.72 24.64 4.28
N GLY A 265 14.95 25.27 3.41
CA GLY A 265 15.01 24.98 1.99
C GLY A 265 13.94 23.98 1.59
N GLY A 266 13.91 23.68 0.32
CA GLY A 266 12.96 22.73 -0.17
C GLY A 266 11.56 23.31 -0.20
N THR A 267 10.58 22.44 -0.29
CA THR A 267 9.19 22.85 -0.41
C THR A 267 8.27 21.86 0.29
N ILE A 268 7.09 22.36 0.62
CA ILE A 268 6.01 21.58 1.19
C ILE A 268 4.74 21.96 0.45
N PRO A 269 4.36 21.25 -0.61
CA PRO A 269 3.10 21.56 -1.27
C PRO A 269 1.91 21.06 -0.48
N SER A 270 0.83 21.82 -0.58
CA SER A 270 -0.43 21.56 0.11
C SER A 270 -1.53 22.26 -0.66
N TRP A 271 -2.78 21.85 -0.41
CA TRP A 271 -3.88 22.37 -1.21
C TRP A 271 -5.16 22.35 -0.42
N GLN A 272 -6.07 23.26 -0.78
CA GLN A 272 -7.44 23.25 -0.27
C GLN A 272 -8.40 23.44 -1.42
N ILE A 273 -9.35 22.53 -1.55
CA ILE A 273 -10.35 22.58 -2.60
C ILE A 273 -11.72 22.47 -1.95
N ARG A 274 -12.52 23.53 -2.10
CA ARG A 274 -13.84 23.59 -1.50
C ARG A 274 -14.87 23.83 -2.60
N THR A 275 -15.86 22.96 -2.69
CA THR A 275 -17.00 23.19 -3.56
C THR A 275 -18.19 23.59 -2.73
N VAL A 276 -18.93 24.56 -3.22
CA VAL A 276 -19.83 25.36 -2.42
C VAL A 276 -21.04 25.73 -3.26
N LYS A 277 -22.23 25.63 -2.67
CA LYS A 277 -23.41 26.20 -3.28
C LYS A 277 -23.57 27.59 -2.71
N LEU A 278 -23.28 28.61 -3.53
CA LEU A 278 -23.40 29.98 -3.02
C LEU A 278 -24.76 30.55 -3.35
N ILE A 279 -25.06 30.69 -4.64
CA ILE A 279 -26.37 31.17 -5.06
C ILE A 279 -27.35 30.06 -4.71
N ARG A 280 -28.33 30.36 -3.88
CA ARG A 280 -29.34 29.38 -3.54
C ARG A 280 -30.58 29.51 -4.40
N TYR A 281 -30.59 30.47 -5.31
CA TYR A 281 -31.73 30.68 -6.21
C TYR A 281 -31.63 29.67 -7.33
N VAL A 282 -32.65 28.84 -7.44
CA VAL A 282 -32.76 27.82 -8.47
C VAL A 282 -34.08 27.94 -9.21
N ASN A 283 -35.17 27.73 -8.49
CA ASN A 283 -36.52 27.81 -9.03
C ASN A 283 -37.43 28.30 -7.90
N ASN A 284 -38.74 28.17 -8.09
CA ASN A 284 -39.67 28.44 -7.00
C ASN A 284 -39.31 27.70 -5.72
N TRP A 285 -38.62 26.55 -5.85
CA TRP A 285 -38.08 25.86 -4.69
C TRP A 285 -37.19 26.76 -3.84
N ASP A 286 -36.46 27.69 -4.45
CA ASP A 286 -35.73 28.68 -3.67
C ASP A 286 -36.66 29.56 -2.84
N PHE A 287 -37.85 29.88 -3.38
CA PHE A 287 -38.84 30.61 -2.60
C PHE A 287 -39.41 29.75 -1.48
N PHE A 288 -39.55 28.44 -1.71
CA PHE A 288 -39.83 27.54 -0.61
C PHE A 288 -38.70 27.50 0.41
N ILE A 289 -37.48 27.84 -0.01
CA ILE A 289 -36.36 27.95 0.93
C ILE A 289 -36.43 29.26 1.71
N VAL A 290 -36.92 30.33 1.09
CA VAL A 290 -37.15 31.57 1.83
C VAL A 290 -38.24 31.36 2.87
N GLY A 291 -39.36 30.75 2.46
CA GLY A 291 -40.38 30.37 3.43
C GLY A 291 -39.81 29.47 4.52
N CYS A 292 -38.96 28.52 4.14
CA CYS A 292 -38.35 27.66 5.15
C CYS A 292 -37.52 28.47 6.14
N GLU A 293 -36.75 29.44 5.65
CA GLU A 293 -35.95 30.26 6.54
C GLU A 293 -36.83 31.05 7.50
N VAL A 294 -37.86 31.72 7.00
CA VAL A 294 -38.69 32.51 7.91
C VAL A 294 -39.44 31.60 8.89
N VAL A 295 -39.82 30.39 8.47
CA VAL A 295 -40.38 29.44 9.43
C VAL A 295 -39.36 29.13 10.50
N PHE A 296 -38.10 28.95 10.12
CA PHE A 296 -37.07 28.64 11.10
C PHE A 296 -36.92 29.76 12.12
N CYS A 297 -36.88 31.01 11.66
CA CYS A 297 -36.77 32.09 12.64
C CYS A 297 -38.01 32.18 13.50
N VAL A 298 -39.19 31.89 12.94
CA VAL A 298 -40.38 31.76 13.79
C VAL A 298 -40.13 30.75 14.89
N PHE A 299 -39.59 29.58 14.54
CA PHE A 299 -39.29 28.57 15.53
C PHE A 299 -38.36 29.10 16.61
N ILE A 300 -37.25 29.72 16.21
CA ILE A 300 -36.29 30.15 17.22
C ILE A 300 -36.88 31.22 18.13
N PHE A 301 -37.71 32.13 17.60
CA PHE A 301 -38.37 33.06 18.51
C PHE A 301 -39.29 32.33 19.48
N TYR A 302 -40.03 31.33 18.98
CA TYR A 302 -40.82 30.50 19.89
C TYR A 302 -39.95 29.89 20.99
N TYR A 303 -38.73 29.48 20.65
CA TYR A 303 -37.87 28.80 21.60
C TYR A 303 -37.14 29.74 22.54
N VAL A 304 -37.00 31.02 22.18
CA VAL A 304 -36.50 31.97 23.15
C VAL A 304 -37.61 32.40 24.10
N VAL A 305 -38.86 32.51 23.60
CA VAL A 305 -39.99 32.74 24.47
C VAL A 305 -40.11 31.62 25.50
N GLU A 306 -40.22 30.37 25.03
CA GLU A 306 -40.29 29.25 25.96
C GLU A 306 -38.98 29.01 26.69
N GLU A 307 -37.88 29.60 26.20
CA GLU A 307 -36.60 29.40 26.85
C GLU A 307 -36.45 30.27 28.10
N ILE A 308 -36.79 31.55 28.00
CA ILE A 308 -36.45 32.49 29.06
C ILE A 308 -37.14 32.17 30.40
N LEU A 309 -38.42 31.79 30.37
CA LEU A 309 -39.17 31.54 31.61
C LEU A 309 -38.57 30.43 32.45
N VAL A 322 -29.92 21.20 32.90
CA VAL A 322 -28.80 20.53 32.25
C VAL A 322 -29.03 20.48 30.74
N TRP A 323 -30.15 19.90 30.35
CA TRP A 323 -30.48 19.83 28.93
C TRP A 323 -30.73 21.22 28.36
N ASN A 324 -31.18 22.16 29.19
CA ASN A 324 -31.34 23.53 28.74
C ASN A 324 -30.01 24.18 28.37
N ILE A 325 -28.89 23.64 28.86
CA ILE A 325 -27.59 24.02 28.31
C ILE A 325 -27.57 23.72 26.81
N LEU A 326 -27.86 22.47 26.46
CA LEU A 326 -27.95 22.09 25.06
C LEU A 326 -28.96 22.97 24.32
N ASP A 327 -30.04 23.38 24.99
CA ASP A 327 -31.01 24.25 24.35
C ASP A 327 -30.41 25.60 23.99
N LEU A 328 -29.77 26.26 24.96
CA LEU A 328 -29.19 27.56 24.68
C LEU A 328 -28.06 27.48 23.65
N VAL A 329 -27.34 26.36 23.61
CA VAL A 329 -26.33 26.18 22.56
C VAL A 329 -26.98 26.07 21.20
N VAL A 330 -27.92 25.14 21.03
CA VAL A 330 -28.59 24.95 19.77
C VAL A 330 -29.20 26.26 19.27
N ILE A 331 -29.87 26.99 20.15
CA ILE A 331 -30.46 28.26 19.74
C ILE A 331 -29.37 29.25 19.38
N LEU A 332 -28.27 29.25 20.13
CA LEU A 332 -27.18 30.18 19.84
C LEU A 332 -26.66 29.99 18.42
N LEU A 333 -26.22 28.77 18.10
CA LEU A 333 -25.72 28.51 16.76
C LEU A 333 -26.81 28.67 15.71
N SER A 334 -28.07 28.50 16.09
CA SER A 334 -29.16 28.77 15.17
C SER A 334 -29.15 30.24 14.74
N ILE A 335 -29.24 31.14 15.71
CA ILE A 335 -29.31 32.56 15.35
C ILE A 335 -28.01 33.04 14.74
N VAL A 336 -26.87 32.43 15.10
CA VAL A 336 -25.67 32.69 14.32
C VAL A 336 -25.89 32.32 12.87
N ALA A 337 -26.54 31.19 12.63
CA ALA A 337 -26.79 30.74 11.27
C ALA A 337 -27.84 31.57 10.56
N VAL A 338 -28.62 32.38 11.27
CA VAL A 338 -29.66 33.17 10.60
C VAL A 338 -29.04 34.28 9.76
N GLY A 339 -28.24 35.13 10.40
CA GLY A 339 -27.73 36.30 9.70
C GLY A 339 -26.80 36.00 8.55
N PHE A 340 -26.20 34.82 8.57
CA PHE A 340 -25.23 34.49 7.54
C PHE A 340 -25.84 34.51 6.15
N HIS A 341 -27.14 34.27 6.02
CA HIS A 341 -27.73 34.30 4.69
C HIS A 341 -27.78 35.71 4.12
N ILE A 342 -28.10 36.70 4.95
CA ILE A 342 -28.06 38.08 4.47
C ILE A 342 -26.62 38.49 4.19
N PHE A 343 -25.71 38.16 5.10
CA PHE A 343 -24.28 38.36 4.84
C PHE A 343 -23.89 37.79 3.48
N ARG A 344 -24.36 36.59 3.17
CA ARG A 344 -23.98 35.92 1.92
C ARG A 344 -24.59 36.60 0.71
N THR A 345 -25.90 36.82 0.71
CA THR A 345 -26.53 37.49 -0.44
C THR A 345 -25.88 38.83 -0.71
N LEU A 346 -25.55 39.58 0.33
CA LEU A 346 -24.81 40.81 0.11
C LEU A 346 -23.47 40.51 -0.56
N GLU A 347 -22.70 39.57 0.00
CA GLU A 347 -21.39 39.28 -0.55
C GLU A 347 -21.47 38.88 -2.02
N VAL A 348 -22.27 37.86 -2.34
CA VAL A 348 -22.40 37.38 -3.71
C VAL A 348 -22.85 38.50 -4.62
N ASN A 349 -23.85 39.28 -4.19
CA ASN A 349 -24.28 40.41 -4.99
C ASN A 349 -23.10 41.31 -5.34
N ARG A 350 -22.26 41.62 -4.35
CA ARG A 350 -21.12 42.49 -4.62
C ARG A 350 -20.15 41.85 -5.59
N LEU A 351 -19.76 40.60 -5.34
CA LEU A 351 -18.78 39.93 -6.20
C LEU A 351 -19.26 39.87 -7.63
N MET A 352 -20.41 39.24 -7.87
CA MET A 352 -20.93 39.17 -9.23
C MET A 352 -21.08 40.57 -9.83
N GLY A 353 -21.28 41.58 -8.99
CA GLY A 353 -21.11 42.93 -9.45
C GLY A 353 -19.72 43.19 -10.01
N LYS A 354 -18.69 42.77 -9.29
CA LYS A 354 -17.33 43.06 -9.74
C LYS A 354 -16.99 42.28 -11.00
N LEU A 355 -17.18 40.96 -10.98
CA LEU A 355 -16.97 40.15 -12.17
C LEU A 355 -17.74 40.70 -13.35
N LEU A 356 -18.93 41.23 -13.11
CA LEU A 356 -19.67 41.89 -14.16
C LEU A 356 -18.92 43.11 -14.67
N GLN A 357 -18.38 43.93 -13.78
CA GLN A 357 -17.79 45.19 -14.22
C GLN A 357 -16.44 45.00 -14.91
N GLN A 358 -15.50 44.32 -14.28
CA GLN A 358 -14.15 44.24 -14.79
C GLN A 358 -13.63 42.81 -14.79
N PRO A 359 -13.78 42.08 -15.88
CA PRO A 359 -13.13 40.77 -15.99
C PRO A 359 -11.62 40.88 -15.98
N ASP A 360 -10.92 39.75 -16.02
CA ASP A 360 -9.46 39.72 -15.94
C ASP A 360 -8.97 40.45 -14.69
N THR A 361 -9.72 40.32 -13.60
CA THR A 361 -9.36 40.88 -12.32
C THR A 361 -9.74 39.88 -11.26
N TYR A 362 -8.80 39.53 -10.39
CA TYR A 362 -9.10 38.54 -9.38
C TYR A 362 -10.23 39.04 -8.49
N ALA A 363 -11.26 38.22 -8.33
CA ALA A 363 -12.37 38.53 -7.44
C ALA A 363 -12.44 37.44 -6.40
N ASP A 364 -12.36 37.82 -5.13
CA ASP A 364 -12.16 36.82 -4.09
C ASP A 364 -13.46 36.06 -3.88
N PHE A 365 -13.43 34.77 -4.17
CA PHE A 365 -14.39 33.83 -3.64
C PHE A 365 -13.84 33.01 -2.49
N GLU A 366 -12.57 33.20 -2.13
CA GLU A 366 -11.99 32.32 -1.12
C GLU A 366 -12.48 32.65 0.28
N PHE A 367 -12.58 33.95 0.60
CA PHE A 367 -13.17 34.34 1.88
C PHE A 367 -14.61 33.82 2.00
N LEU A 368 -15.41 34.11 0.98
CA LEU A 368 -16.81 33.70 1.00
C LEU A 368 -16.96 32.19 1.07
N ALA A 369 -16.16 31.45 0.29
CA ALA A 369 -16.22 30.00 0.33
C ALA A 369 -15.79 29.47 1.70
N PHE A 370 -14.74 30.06 2.25
CA PHE A 370 -14.27 29.67 3.58
C PHE A 370 -15.42 29.74 4.58
N TRP A 371 -16.08 30.89 4.66
CA TRP A 371 -17.12 31.01 5.66
C TRP A 371 -18.38 30.25 5.28
N GLN A 372 -18.62 30.00 4.01
CA GLN A 372 -19.73 29.14 3.64
C GLN A 372 -19.52 27.72 4.13
N THR A 373 -18.30 27.20 3.98
CA THR A 373 -18.06 25.82 4.40
C THR A 373 -18.07 25.70 5.91
N GLN A 374 -17.51 26.68 6.61
CA GLN A 374 -17.57 26.59 8.07
C GLN A 374 -18.98 26.83 8.56
N TYR A 375 -19.76 27.61 7.82
CA TYR A 375 -21.19 27.67 8.07
C TYR A 375 -21.82 26.29 7.97
N ASN A 376 -21.49 25.54 6.91
CA ASN A 376 -22.02 24.19 6.79
C ASN A 376 -21.58 23.30 7.94
N ASN A 377 -20.35 23.47 8.42
CA ASN A 377 -19.93 22.70 9.58
C ASN A 377 -20.81 23.04 10.78
N MET A 378 -21.08 24.32 11.00
CA MET A 378 -21.95 24.71 12.12
C MET A 378 -23.32 24.07 11.99
N ASN A 379 -23.94 24.17 10.81
CA ASN A 379 -25.23 23.49 10.62
C ASN A 379 -25.13 22.01 10.92
N ALA A 380 -24.05 21.35 10.51
CA ALA A 380 -23.90 19.94 10.81
C ALA A 380 -23.95 19.70 12.30
N VAL A 381 -23.22 20.49 13.08
CA VAL A 381 -23.19 20.25 14.52
C VAL A 381 -24.55 20.54 15.15
N ASN A 382 -25.18 21.65 14.75
CA ASN A 382 -26.55 21.91 15.20
C ASN A 382 -27.44 20.71 14.95
N LEU A 383 -27.45 20.21 13.73
CA LEU A 383 -28.36 19.11 13.41
C LEU A 383 -28.04 17.89 14.26
N PHE A 384 -26.76 17.61 14.48
CA PHE A 384 -26.40 16.47 15.31
C PHE A 384 -26.96 16.62 16.71
N PHE A 385 -26.70 17.75 17.36
CA PHE A 385 -27.31 17.99 18.66
C PHE A 385 -28.83 17.88 18.59
N ALA A 386 -29.43 18.39 17.52
CA ALA A 386 -30.88 18.32 17.39
C ALA A 386 -31.37 16.89 17.38
N TRP A 387 -30.54 15.95 16.93
CA TRP A 387 -30.90 14.55 17.10
C TRP A 387 -30.64 14.06 18.51
N ILE A 388 -29.55 14.47 19.15
CA ILE A 388 -29.31 14.02 20.52
C ILE A 388 -30.46 14.43 21.43
N LYS A 389 -30.92 15.66 21.29
CA LYS A 389 -31.88 16.32 22.17
C LYS A 389 -33.16 15.51 22.34
N ILE A 390 -33.44 14.56 21.44
CA ILE A 390 -34.64 13.73 21.54
C ILE A 390 -34.78 13.17 22.95
N PHE A 391 -33.69 12.77 23.57
CA PHE A 391 -33.79 12.13 24.87
C PHE A 391 -34.36 13.07 25.92
N LYS A 392 -34.15 14.38 25.78
CA LYS A 392 -34.77 15.32 26.70
C LYS A 392 -36.28 15.31 26.57
N TYR A 393 -36.78 15.13 25.35
CA TYR A 393 -38.21 15.11 25.09
C TYR A 393 -38.80 13.70 25.10
N ILE A 394 -38.01 12.70 25.44
CA ILE A 394 -38.50 11.33 25.48
C ILE A 394 -38.02 10.59 26.73
N PHE A 417 -8.97 7.27 39.69
CA PHE A 417 -8.00 6.28 39.27
C PHE A 417 -7.45 6.60 37.89
N ALA A 418 -8.29 7.19 37.04
CA ALA A 418 -7.89 7.50 35.67
C ALA A 418 -6.69 8.41 35.62
N ILE A 419 -6.44 9.22 36.65
CA ILE A 419 -5.33 10.16 36.61
C ILE A 419 -4.01 9.43 36.46
N MET A 420 -3.87 8.27 37.11
CA MET A 420 -2.69 7.46 36.87
C MET A 420 -2.56 7.09 35.40
N PHE A 421 -3.68 6.98 34.69
CA PHE A 421 -3.58 6.68 33.27
C PHE A 421 -3.23 7.91 32.46
N PHE A 422 -3.89 9.04 32.69
CA PHE A 422 -3.62 10.20 31.86
C PHE A 422 -2.21 10.74 32.07
N ILE A 423 -1.74 10.81 33.31
CA ILE A 423 -0.39 11.31 33.53
C ILE A 423 0.61 10.50 32.73
N VAL A 424 0.63 9.18 32.94
CA VAL A 424 1.59 8.34 32.25
C VAL A 424 1.36 8.39 30.74
N PHE A 425 0.11 8.54 30.31
CA PHE A 425 -0.15 8.67 28.88
C PHE A 425 0.58 9.87 28.30
N PHE A 426 0.34 11.06 28.83
CA PHE A 426 1.06 12.22 28.34
C PHE A 426 2.55 12.06 28.50
N ALA A 427 2.99 11.32 29.51
CA ALA A 427 4.42 11.07 29.65
C ALA A 427 4.95 10.29 28.44
N TYR A 428 4.20 9.31 27.95
CA TYR A 428 4.60 8.68 26.70
C TYR A 428 4.51 9.63 25.52
N ALA A 429 3.46 10.43 25.42
CA ALA A 429 3.40 11.38 24.32
C ALA A 429 4.67 12.21 24.26
N GLN A 430 5.13 12.67 25.42
CA GLN A 430 6.33 13.48 25.48
C GLN A 430 7.56 12.67 25.08
N LEU A 431 7.74 11.50 25.70
CA LEU A 431 8.88 10.66 25.37
C LEU A 431 8.95 10.38 23.88
N GLY A 432 7.87 9.85 23.32
CA GLY A 432 7.82 9.60 21.89
C GLY A 432 8.11 10.83 21.07
N TYR A 433 7.63 12.00 21.50
CA TYR A 433 7.97 13.20 20.77
C TYR A 433 9.46 13.49 20.79
N LEU A 434 10.14 13.20 21.89
CA LEU A 434 11.57 13.51 21.95
C LEU A 434 12.42 12.49 21.20
N LEU A 435 12.17 11.21 21.41
CA LEU A 435 12.98 10.19 20.76
C LEU A 435 12.77 10.19 19.25
N PHE A 436 11.54 10.05 18.84
CA PHE A 436 11.17 10.13 17.44
C PHE A 436 10.91 11.61 17.14
N GLY A 437 10.28 11.94 16.03
CA GLY A 437 9.82 13.28 15.84
C GLY A 437 10.79 14.19 15.13
N THR A 438 12.07 13.88 15.12
CA THR A 438 12.97 14.40 14.10
C THR A 438 13.14 13.42 12.96
N GLN A 439 12.41 12.32 13.00
CA GLN A 439 12.44 11.28 11.98
C GLN A 439 11.05 11.01 11.41
N VAL A 440 10.17 10.45 12.22
CA VAL A 440 8.84 10.05 11.81
C VAL A 440 7.93 11.27 11.86
N GLU A 441 7.02 11.39 10.90
CA GLU A 441 6.14 12.55 10.92
C GLU A 441 5.08 12.43 11.99
N ASN A 442 4.48 11.26 12.14
CA ASN A 442 3.38 11.09 13.08
C ASN A 442 3.73 11.56 14.47
N PHE A 443 5.01 11.59 14.84
CA PHE A 443 5.44 12.07 16.14
C PHE A 443 5.97 13.51 16.10
N SER A 444 5.99 14.16 14.95
CA SER A 444 6.81 15.35 14.81
C SER A 444 6.30 16.55 15.60
N THR A 445 5.09 16.50 16.16
CA THR A 445 4.64 17.54 17.09
C THR A 445 3.95 16.89 18.27
N PHE A 446 3.43 17.67 19.20
CA PHE A 446 2.90 17.03 20.39
C PHE A 446 1.50 16.47 20.16
N VAL A 447 0.59 17.25 19.58
CA VAL A 447 -0.75 16.74 19.34
C VAL A 447 -0.70 15.53 18.42
N LYS A 448 0.10 15.57 17.36
CA LYS A 448 0.26 14.39 16.53
C LYS A 448 0.73 13.19 17.33
N CYS A 449 1.56 13.40 18.36
CA CYS A 449 1.93 12.28 19.21
C CYS A 449 0.73 11.76 19.98
N ILE A 450 -0.11 12.66 20.48
CA ILE A 450 -1.28 12.20 21.20
C ILE A 450 -2.15 11.33 20.31
N PHE A 451 -2.49 11.79 19.11
CA PHE A 451 -3.36 10.96 18.30
C PHE A 451 -2.66 9.75 17.72
N THR A 452 -1.35 9.80 17.55
CA THR A 452 -0.65 8.59 17.16
C THR A 452 -0.76 7.52 18.23
N GLN A 453 -0.50 7.88 19.48
CA GLN A 453 -0.64 6.91 20.53
C GLN A 453 -2.07 6.43 20.65
N PHE A 454 -3.03 7.30 20.38
CA PHE A 454 -4.41 6.86 20.46
C PHE A 454 -4.71 5.82 19.38
N ARG A 455 -4.23 6.04 18.16
CA ARG A 455 -4.39 5.00 17.16
C ARG A 455 -3.69 3.72 17.56
N ILE A 456 -2.49 3.80 18.14
CA ILE A 456 -1.83 2.58 18.59
C ILE A 456 -2.75 1.80 19.52
N ILE A 457 -3.42 2.49 20.44
CA ILE A 457 -4.42 1.80 21.24
C ILE A 457 -5.46 1.15 20.35
N LEU A 458 -5.90 1.85 19.30
CA LEU A 458 -6.94 1.29 18.45
C LEU A 458 -6.39 0.33 17.41
N GLY A 459 -5.11 0.02 17.45
CA GLY A 459 -4.61 -1.01 16.58
C GLY A 459 -4.38 -0.56 15.16
N ASP A 460 -3.85 0.64 14.99
CA ASP A 460 -3.36 1.10 13.70
C ASP A 460 -2.00 1.74 13.93
N PHE A 461 -0.96 1.15 13.37
CA PHE A 461 0.39 1.65 13.59
C PHE A 461 1.27 1.16 12.45
N ASP A 462 2.39 1.85 12.27
CA ASP A 462 3.44 1.42 11.36
C ASP A 462 4.65 1.13 12.23
N TYR A 463 5.00 -0.14 12.36
CA TYR A 463 6.12 -0.48 13.23
C TYR A 463 7.46 -0.28 12.56
N ASN A 464 7.53 -0.39 11.23
CA ASN A 464 8.79 -0.14 10.54
C ASN A 464 9.33 1.25 10.85
N ALA A 465 8.47 2.26 10.87
CA ALA A 465 8.96 3.61 11.11
C ALA A 465 9.55 3.74 12.51
N ILE A 466 8.78 3.40 13.52
CA ILE A 466 9.27 3.44 14.89
C ILE A 466 10.55 2.67 15.02
N ASP A 467 10.68 1.57 14.27
CA ASP A 467 11.84 0.71 14.44
C ASP A 467 13.08 1.23 13.71
N ASN A 468 12.90 1.90 12.58
CA ASN A 468 14.07 2.46 11.91
C ASN A 468 14.45 3.83 12.45
N ALA A 469 13.57 4.51 13.17
CA ALA A 469 13.98 5.76 13.78
C ALA A 469 15.08 5.52 14.81
N ASN A 470 14.80 4.72 15.81
CA ASN A 470 15.83 4.27 16.75
C ASN A 470 15.58 2.80 17.00
N ARG A 471 16.52 1.95 16.60
CA ARG A 471 16.27 0.51 16.55
C ARG A 471 16.50 -0.21 17.86
N ILE A 472 16.83 0.51 18.93
CA ILE A 472 16.81 -0.05 20.27
C ILE A 472 15.64 0.50 21.08
N LEU A 473 15.62 1.81 21.30
CA LEU A 473 14.55 2.41 22.08
C LEU A 473 13.19 2.30 21.40
N GLY A 474 13.13 2.00 20.12
CA GLY A 474 11.87 1.91 19.43
C GLY A 474 11.00 0.79 19.97
N PRO A 475 11.50 -0.44 19.87
CA PRO A 475 10.74 -1.57 20.41
C PRO A 475 10.46 -1.44 21.89
N VAL A 476 11.36 -0.84 22.65
CA VAL A 476 11.10 -0.64 24.07
C VAL A 476 9.90 0.29 24.26
N TYR A 477 9.84 1.36 23.47
CA TYR A 477 8.69 2.25 23.53
C TYR A 477 7.42 1.51 23.16
N PHE A 478 7.41 0.84 22.02
CA PHE A 478 6.20 0.20 21.53
C PHE A 478 5.70 -0.86 22.51
N VAL A 479 6.56 -1.83 22.84
CA VAL A 479 6.16 -2.87 23.78
C VAL A 479 5.71 -2.27 25.10
N THR A 480 6.55 -1.42 25.70
CA THR A 480 6.24 -0.88 27.01
C THR A 480 4.89 -0.19 27.02
N TYR A 481 4.60 0.57 25.96
CA TYR A 481 3.32 1.25 25.89
C TYR A 481 2.19 0.26 25.79
N VAL A 482 2.36 -0.79 24.99
CA VAL A 482 1.30 -1.78 24.85
C VAL A 482 0.98 -2.42 26.19
N PHE A 483 2.00 -2.91 26.90
CA PHE A 483 1.74 -3.46 28.23
C PHE A 483 1.12 -2.44 29.16
N PHE A 484 1.50 -1.17 29.07
CA PHE A 484 0.86 -0.19 29.93
C PHE A 484 -0.64 -0.13 29.68
N VAL A 485 -1.04 0.11 28.43
CA VAL A 485 -2.46 0.27 28.14
C VAL A 485 -3.22 -1.01 28.45
N PHE A 486 -2.71 -2.15 27.97
CA PHE A 486 -3.32 -3.44 28.26
C PHE A 486 -3.55 -3.64 29.76
N PHE A 487 -2.50 -3.41 30.55
CA PHE A 487 -2.53 -3.71 31.98
C PHE A 487 -3.46 -2.76 32.73
N VAL A 488 -3.34 -1.46 32.48
CA VAL A 488 -4.22 -0.49 33.13
C VAL A 488 -5.67 -0.77 32.78
N LEU A 489 -5.95 -1.03 31.50
CA LEU A 489 -7.30 -1.41 31.11
C LEU A 489 -7.78 -2.61 31.93
N LEU A 490 -6.94 -3.62 32.07
CA LEU A 490 -7.29 -4.74 32.93
C LEU A 490 -7.73 -4.27 34.30
N ASN A 491 -6.83 -3.61 35.05
CA ASN A 491 -7.18 -3.18 36.39
C ASN A 491 -8.47 -2.37 36.42
N MET A 492 -8.77 -1.65 35.34
CA MET A 492 -10.08 -1.01 35.26
C MET A 492 -11.21 -2.03 35.21
N PHE A 493 -11.06 -3.08 34.40
CA PHE A 493 -12.07 -4.14 34.42
C PHE A 493 -12.25 -4.71 35.82
N LEU A 494 -11.17 -5.19 36.44
CA LEU A 494 -11.33 -5.82 37.75
C LEU A 494 -11.92 -4.85 38.77
N ALA A 495 -11.60 -3.57 38.67
CA ALA A 495 -12.22 -2.60 39.58
C ALA A 495 -13.71 -2.52 39.34
N ILE A 496 -14.13 -2.39 38.08
CA ILE A 496 -15.56 -2.28 37.80
C ILE A 496 -16.29 -3.55 38.23
N ILE A 497 -15.62 -4.71 38.17
CA ILE A 497 -16.25 -5.92 38.66
C ILE A 497 -16.31 -5.91 40.18
N ASN A 498 -15.35 -5.26 40.83
CA ASN A 498 -15.44 -5.08 42.28
C ASN A 498 -16.62 -4.20 42.66
N ASP A 499 -16.96 -3.20 41.84
CA ASP A 499 -18.15 -2.41 42.12
C ASP A 499 -19.44 -3.22 41.97
N THR A 500 -19.34 -4.45 41.45
CA THR A 500 -20.52 -5.28 41.21
C THR A 500 -20.55 -6.49 42.14
N LEU B 38 14.77 -37.17 39.14
CA LEU B 38 15.24 -35.88 38.66
C LEU B 38 16.47 -36.03 37.77
N ARG B 39 16.98 -37.25 37.64
CA ARG B 39 18.11 -37.48 36.75
C ARG B 39 17.65 -37.59 35.29
N GLU B 40 16.56 -38.32 35.05
CA GLU B 40 16.01 -38.38 33.69
C GLU B 40 15.73 -36.98 33.15
N LEU B 41 15.39 -36.04 34.02
CA LEU B 41 15.27 -34.65 33.59
C LEU B 41 16.59 -34.15 33.02
N VAL B 42 17.68 -34.25 33.80
CA VAL B 42 18.98 -33.76 33.33
C VAL B 42 19.35 -34.40 32.00
N VAL B 43 19.26 -35.73 31.91
CA VAL B 43 19.54 -36.40 30.65
C VAL B 43 18.69 -35.83 29.53
N TYR B 44 17.42 -35.56 29.81
CA TYR B 44 16.55 -34.93 28.83
C TYR B 44 17.08 -33.59 28.37
N ILE B 45 17.50 -32.73 29.29
CA ILE B 45 18.13 -31.47 28.88
C ILE B 45 19.28 -31.74 27.93
N VAL B 46 20.14 -32.70 28.28
CA VAL B 46 21.24 -33.05 27.38
C VAL B 46 20.72 -33.38 26.00
N PHE B 47 19.56 -34.03 25.94
CA PHE B 47 18.94 -34.27 24.65
C PHE B 47 18.57 -32.95 23.97
N LEU B 48 18.01 -32.00 24.70
CA LEU B 48 17.62 -30.72 24.10
C LEU B 48 18.82 -29.99 23.53
N VAL B 49 19.96 -30.00 24.22
CA VAL B 49 21.10 -29.33 23.61
C VAL B 49 21.69 -30.16 22.47
N ASP B 50 21.53 -31.48 22.49
CA ASP B 50 21.96 -32.28 21.35
C ASP B 50 21.18 -31.89 20.10
N ILE B 51 19.86 -32.05 20.14
CA ILE B 51 19.03 -31.68 19.00
C ILE B 51 19.20 -30.21 18.66
N CYS B 52 19.40 -29.36 19.66
CA CYS B 52 19.56 -27.94 19.43
C CYS B 52 20.79 -27.67 18.56
N LEU B 53 21.96 -28.16 18.97
CA LEU B 53 23.14 -27.92 18.17
C LEU B 53 23.05 -28.60 16.82
N LEU B 54 22.37 -29.75 16.74
CA LEU B 54 22.29 -30.43 15.46
C LEU B 54 21.43 -29.66 14.47
N THR B 55 20.32 -29.07 14.92
CA THR B 55 19.48 -28.32 13.99
C THR B 55 20.02 -26.93 13.70
N TYR B 56 20.50 -26.22 14.72
CA TYR B 56 21.15 -24.93 14.46
C TYR B 56 22.48 -25.07 13.74
N GLY B 57 23.01 -26.28 13.61
CA GLY B 57 24.19 -26.44 12.79
C GLY B 57 23.92 -26.25 11.31
N MET B 58 22.70 -26.55 10.87
CA MET B 58 22.37 -26.49 9.45
C MET B 58 22.12 -25.07 8.96
N THR B 59 21.60 -24.20 9.80
CA THR B 59 21.16 -22.90 9.34
C THR B 59 22.36 -22.00 9.06
N SER B 60 22.06 -20.80 8.56
CA SER B 60 23.05 -19.74 8.43
C SER B 60 22.34 -18.41 8.51
N SER B 61 22.96 -17.43 9.16
CA SER B 61 22.34 -16.13 9.25
C SER B 61 22.51 -15.31 7.99
N SER B 62 23.34 -15.78 7.06
CA SER B 62 23.54 -15.12 5.78
C SER B 62 22.67 -15.70 4.68
N ALA B 63 21.77 -16.62 5.02
CA ALA B 63 20.88 -17.19 4.02
C ALA B 63 19.89 -16.17 3.49
N TYR B 64 19.20 -15.48 4.39
CA TYR B 64 18.10 -14.62 3.95
C TYR B 64 18.57 -13.63 2.89
N TYR B 65 19.68 -12.96 3.12
CA TYR B 65 20.14 -12.03 2.09
C TYR B 65 20.58 -12.74 0.83
N TYR B 66 20.87 -14.03 0.91
CA TYR B 66 21.26 -14.70 -0.31
C TYR B 66 20.04 -14.98 -1.18
N THR B 67 18.96 -15.48 -0.59
CA THR B 67 17.73 -15.57 -1.36
C THR B 67 17.32 -14.20 -1.86
N LYS B 68 17.22 -13.23 -0.96
CA LYS B 68 16.78 -11.90 -1.33
C LYS B 68 17.56 -11.35 -2.52
N VAL B 69 18.86 -11.56 -2.53
CA VAL B 69 19.65 -11.03 -3.64
C VAL B 69 19.35 -11.79 -4.92
N MET B 70 19.30 -13.12 -4.87
CA MET B 70 19.07 -13.83 -6.13
C MET B 70 17.68 -13.52 -6.68
N SER B 71 16.66 -13.62 -5.83
CA SER B 71 15.31 -13.32 -6.26
C SER B 71 15.19 -11.93 -6.83
N GLU B 72 15.74 -10.92 -6.14
CA GLU B 72 15.68 -9.60 -6.75
C GLU B 72 16.55 -9.47 -7.97
N LEU B 73 17.44 -10.42 -8.24
CA LEU B 73 18.13 -10.36 -9.52
C LEU B 73 17.27 -10.89 -10.65
N PHE B 74 16.68 -12.07 -10.48
CA PHE B 74 15.93 -12.65 -11.58
C PHE B 74 14.50 -12.15 -11.69
N LEU B 75 13.79 -12.02 -10.58
CA LEU B 75 12.38 -11.69 -10.69
C LEU B 75 12.17 -10.24 -11.15
N HIS B 76 12.77 -9.29 -10.47
CA HIS B 76 12.32 -7.91 -10.61
C HIS B 76 12.97 -7.11 -11.72
N THR B 77 14.07 -7.56 -12.31
CA THR B 77 14.77 -6.71 -13.26
C THR B 77 14.02 -6.62 -14.58
N PRO B 78 13.53 -5.45 -14.97
CA PRO B 78 12.78 -5.34 -16.22
C PRO B 78 13.66 -5.52 -17.43
N SER B 79 13.01 -5.82 -18.54
CA SER B 79 13.65 -5.77 -19.85
C SER B 79 13.54 -4.37 -20.41
N ASP B 80 13.86 -4.20 -21.68
CA ASP B 80 13.65 -2.91 -22.33
C ASP B 80 12.16 -2.61 -22.50
N SER B 81 11.35 -3.66 -22.63
CA SER B 81 9.91 -3.51 -22.80
C SER B 81 9.17 -3.34 -21.50
N GLY B 82 9.90 -3.23 -20.39
CA GLY B 82 9.23 -3.11 -19.10
C GLY B 82 8.65 -4.41 -18.63
N VAL B 83 9.20 -5.53 -19.05
CA VAL B 83 8.69 -6.85 -18.73
C VAL B 83 9.54 -7.41 -17.61
N SER B 84 9.00 -7.47 -16.41
CA SER B 84 9.65 -8.15 -15.30
C SER B 84 9.28 -9.62 -15.41
N PHE B 85 9.72 -10.45 -14.47
CA PHE B 85 9.21 -11.79 -14.50
C PHE B 85 7.81 -11.85 -13.90
N GLN B 86 7.61 -11.21 -12.76
CA GLN B 86 6.30 -11.27 -12.13
C GLN B 86 5.19 -10.75 -13.04
N THR B 87 5.50 -9.85 -13.95
CA THR B 87 4.50 -9.13 -14.72
C THR B 87 4.24 -9.79 -16.07
N ILE B 88 4.81 -10.96 -16.30
CA ILE B 88 4.56 -11.67 -17.55
C ILE B 88 3.07 -11.87 -17.73
N SER B 89 2.55 -11.47 -18.88
CA SER B 89 1.13 -11.57 -19.20
C SER B 89 0.86 -12.67 -20.21
N SER B 90 1.38 -12.52 -21.41
CA SER B 90 1.09 -13.44 -22.49
C SER B 90 2.35 -14.16 -22.95
N MET B 91 2.26 -14.95 -24.02
CA MET B 91 3.44 -15.65 -24.49
C MET B 91 4.51 -14.70 -25.00
N SER B 92 4.13 -13.70 -25.79
CA SER B 92 5.15 -12.78 -26.31
C SER B 92 5.90 -12.11 -25.18
N ASP B 93 5.25 -11.86 -24.06
CA ASP B 93 5.98 -11.38 -22.89
C ASP B 93 6.96 -12.42 -22.40
N PHE B 94 6.58 -13.69 -22.37
CA PHE B 94 7.54 -14.70 -21.96
C PHE B 94 8.78 -14.65 -22.83
N TRP B 95 8.61 -14.69 -24.14
CA TRP B 95 9.80 -14.59 -24.98
C TRP B 95 10.56 -13.30 -24.77
N ASP B 96 9.89 -12.20 -24.53
CA ASP B 96 10.61 -10.97 -24.22
C ASP B 96 11.41 -11.09 -22.93
N PHE B 97 11.00 -11.93 -22.01
CA PHE B 97 11.74 -12.18 -20.79
C PHE B 97 12.90 -13.14 -21.00
N ALA B 98 12.66 -14.27 -21.65
CA ALA B 98 13.71 -15.27 -21.82
C ALA B 98 14.89 -14.75 -22.61
N GLN B 99 14.67 -14.08 -23.73
CA GLN B 99 15.75 -13.47 -24.47
C GLN B 99 16.16 -12.13 -23.88
N GLY B 100 15.49 -11.72 -22.81
CA GLY B 100 15.71 -10.47 -22.13
C GLY B 100 16.66 -10.64 -20.98
N PRO B 101 16.30 -10.06 -19.85
CA PRO B 101 17.15 -10.16 -18.65
C PRO B 101 17.69 -11.54 -18.34
N LEU B 102 16.89 -12.59 -18.47
CA LEU B 102 17.35 -13.92 -18.08
C LEU B 102 18.62 -14.35 -18.78
N LEU B 103 18.92 -13.87 -19.97
CA LEU B 103 20.23 -14.15 -20.55
C LEU B 103 21.27 -13.13 -20.17
N ASP B 104 20.89 -11.99 -19.62
CA ASP B 104 21.88 -11.09 -19.05
C ASP B 104 21.99 -11.14 -17.55
N SER B 105 21.10 -11.84 -16.86
CA SER B 105 21.23 -12.07 -15.43
C SER B 105 21.78 -13.46 -15.14
N LEU B 106 22.14 -14.22 -16.17
CA LEU B 106 22.86 -15.47 -16.01
C LEU B 106 24.33 -15.36 -16.30
N TYR B 107 24.70 -14.97 -17.50
CA TYR B 107 26.07 -15.03 -17.94
C TYR B 107 26.71 -13.70 -17.61
N TRP B 108 27.59 -13.70 -16.62
CA TRP B 108 28.40 -12.54 -16.32
C TRP B 108 29.81 -12.83 -16.78
N THR B 109 30.43 -11.87 -17.42
CA THR B 109 31.74 -12.04 -18.01
C THR B 109 32.66 -10.95 -17.51
N LYS B 110 32.26 -9.70 -17.72
CA LYS B 110 33.16 -8.57 -17.54
C LYS B 110 32.73 -7.73 -16.34
N TRP B 111 33.68 -6.99 -15.78
CA TRP B 111 33.40 -6.19 -14.59
C TRP B 111 32.49 -5.02 -14.94
N TYR B 112 32.18 -4.23 -13.92
CA TYR B 112 31.40 -3.02 -14.12
C TYR B 112 32.17 -1.96 -14.88
N ASN B 113 33.50 -2.01 -14.85
CA ASN B 113 34.32 -1.09 -15.62
C ASN B 113 34.61 -1.61 -17.00
N ASN B 114 33.98 -2.72 -17.39
CA ASN B 114 34.11 -3.28 -18.72
C ASN B 114 35.50 -3.83 -18.96
N GLN B 115 36.16 -4.21 -17.87
CA GLN B 115 37.36 -5.03 -17.89
C GLN B 115 36.99 -6.48 -17.71
N SER B 116 37.69 -7.36 -18.41
CA SER B 116 37.36 -8.77 -18.37
C SER B 116 37.61 -9.36 -16.99
N LEU B 117 36.79 -10.32 -16.60
CA LEU B 117 36.98 -11.04 -15.36
C LEU B 117 37.84 -12.27 -15.60
N GLY B 118 38.73 -12.56 -14.65
CA GLY B 118 39.83 -13.47 -14.94
C GLY B 118 39.58 -14.91 -14.56
N ARG B 119 38.34 -15.33 -14.43
CA ARG B 119 38.05 -16.73 -14.18
C ARG B 119 37.52 -17.39 -15.46
N GLY B 120 38.16 -18.48 -15.86
CA GLY B 120 37.93 -18.99 -17.19
C GLY B 120 36.55 -19.55 -17.47
N SER B 121 35.85 -18.94 -18.41
CA SER B 121 34.72 -19.50 -19.14
C SER B 121 33.50 -19.81 -18.28
N HIS B 122 33.67 -19.87 -16.96
CA HIS B 122 32.52 -20.08 -16.10
C HIS B 122 31.84 -18.75 -15.79
N SER B 123 30.55 -18.83 -15.48
CA SER B 123 29.73 -17.65 -15.28
C SER B 123 29.49 -17.43 -13.80
N PHE B 124 30.02 -16.36 -13.26
CA PHE B 124 29.88 -16.02 -11.85
C PHE B 124 28.82 -14.94 -11.70
N ILE B 125 27.70 -15.30 -11.12
CA ILE B 125 26.62 -14.36 -10.89
C ILE B 125 26.97 -13.47 -9.71
N TYR B 126 26.95 -12.16 -9.92
CA TYR B 126 27.44 -11.19 -8.95
C TYR B 126 28.90 -11.39 -8.61
N TYR B 127 29.64 -12.07 -9.49
CA TYR B 127 31.08 -12.27 -9.36
C TYR B 127 31.42 -13.21 -8.21
N GLU B 128 30.49 -13.38 -7.27
CA GLU B 128 30.73 -14.19 -6.09
C GLU B 128 30.06 -15.56 -6.15
N ASN B 129 29.29 -15.85 -7.20
CA ASN B 129 28.42 -17.03 -7.20
C ASN B 129 28.65 -17.86 -8.45
N LEU B 130 29.07 -19.10 -8.27
CA LEU B 130 29.31 -19.98 -9.39
C LEU B 130 28.01 -20.57 -9.88
N LEU B 131 27.93 -20.84 -11.18
CA LEU B 131 26.75 -21.40 -11.80
C LEU B 131 26.99 -22.87 -12.09
N LEU B 132 26.18 -23.74 -11.50
CA LEU B 132 26.41 -25.17 -11.57
C LEU B 132 25.75 -25.76 -12.80
N GLY B 133 26.56 -26.32 -13.69
CA GLY B 133 26.01 -26.97 -14.86
C GLY B 133 25.38 -26.01 -15.83
N ALA B 134 24.25 -26.39 -16.39
CA ALA B 134 23.56 -25.56 -17.37
C ALA B 134 22.10 -25.42 -16.96
N PRO B 135 21.45 -24.35 -17.35
CA PRO B 135 20.03 -24.19 -17.06
C PRO B 135 19.18 -25.03 -18.00
N ARG B 136 17.99 -25.42 -17.53
CA ARG B 136 17.13 -26.28 -18.32
C ARG B 136 15.71 -25.75 -18.37
N LEU B 137 15.20 -25.54 -19.58
CA LEU B 137 13.79 -25.37 -19.85
C LEU B 137 13.12 -26.72 -20.03
N ARG B 138 11.90 -26.86 -19.53
CA ARG B 138 11.14 -28.01 -20.00
C ARG B 138 9.66 -27.68 -19.95
N GLN B 139 8.91 -28.27 -20.86
CA GLN B 139 7.56 -27.89 -21.20
C GLN B 139 6.63 -29.07 -20.98
N LEU B 140 5.34 -28.82 -20.85
CA LEU B 140 4.38 -29.91 -20.90
C LEU B 140 3.26 -29.60 -21.87
N ARG B 141 2.92 -30.60 -22.69
CA ARG B 141 1.97 -30.44 -23.77
C ARG B 141 0.74 -31.27 -23.46
N VAL B 142 -0.39 -30.91 -24.04
CA VAL B 142 -1.61 -31.69 -23.90
C VAL B 142 -2.11 -32.06 -25.28
N ARG B 143 -2.79 -33.20 -25.37
CA ARG B 143 -3.07 -33.85 -26.64
C ARG B 143 -3.94 -32.95 -27.52
N ASN B 144 -3.81 -33.15 -28.84
CA ASN B 144 -4.51 -32.30 -29.80
C ASN B 144 -5.99 -32.23 -29.49
N ASP B 145 -6.70 -33.32 -29.67
CA ASP B 145 -8.13 -33.33 -29.39
C ASP B 145 -8.32 -33.98 -28.02
N SER B 146 -8.48 -33.13 -27.01
CA SER B 146 -8.57 -33.61 -25.65
C SER B 146 -9.97 -33.62 -25.07
N CYS B 147 -10.96 -33.08 -25.77
CA CYS B 147 -12.30 -33.10 -25.22
C CYS B 147 -13.27 -33.06 -26.40
N VAL B 148 -14.53 -32.80 -26.11
CA VAL B 148 -15.57 -32.73 -27.14
C VAL B 148 -16.02 -31.28 -27.24
N VAL B 149 -15.72 -30.65 -28.39
CA VAL B 149 -16.24 -29.32 -28.65
C VAL B 149 -17.76 -29.40 -28.70
N HIS B 150 -18.43 -28.40 -28.17
CA HIS B 150 -19.88 -28.45 -28.16
C HIS B 150 -20.43 -28.41 -29.58
N GLU B 151 -21.67 -28.88 -29.72
CA GLU B 151 -22.26 -29.10 -31.03
C GLU B 151 -22.47 -27.81 -31.82
N ASP B 152 -22.73 -26.69 -31.16
CA ASP B 152 -23.02 -25.46 -31.89
C ASP B 152 -21.79 -24.94 -32.61
N PHE B 153 -20.62 -25.06 -31.98
CA PHE B 153 -19.42 -24.36 -32.44
C PHE B 153 -18.55 -25.22 -33.34
N ARG B 154 -18.94 -26.46 -33.61
CA ARG B 154 -18.08 -27.38 -34.35
C ARG B 154 -17.66 -26.82 -35.69
N GLU B 155 -18.37 -25.83 -36.20
CA GLU B 155 -18.01 -25.16 -37.44
C GLU B 155 -16.79 -24.26 -37.31
N ASP B 156 -16.70 -23.46 -36.24
CA ASP B 156 -15.62 -22.51 -36.07
C ASP B 156 -14.46 -23.03 -35.24
N ILE B 157 -14.60 -24.16 -34.56
CA ILE B 157 -13.59 -24.62 -33.62
C ILE B 157 -13.26 -26.07 -33.95
N LEU B 158 -12.05 -26.31 -34.42
CA LEU B 158 -11.64 -27.64 -34.81
C LEU B 158 -10.82 -28.39 -33.78
N ASN B 159 -10.55 -27.81 -32.60
CA ASN B 159 -9.66 -28.44 -31.65
C ASN B 159 -10.03 -28.08 -30.23
N CYS B 160 -9.88 -29.05 -29.33
CA CYS B 160 -10.02 -28.83 -27.91
C CYS B 160 -8.75 -29.28 -27.20
N TYR B 161 -8.10 -28.36 -26.51
CA TYR B 161 -6.97 -28.65 -25.64
C TYR B 161 -7.49 -28.51 -24.22
N ASP B 162 -7.59 -29.60 -23.49
CA ASP B 162 -8.25 -29.51 -22.19
C ASP B 162 -7.25 -29.05 -21.13
N VAL B 163 -7.72 -28.95 -19.90
CA VAL B 163 -6.84 -28.65 -18.77
C VAL B 163 -5.85 -29.78 -18.59
N TYR B 164 -4.71 -29.49 -17.98
CA TYR B 164 -3.69 -30.50 -17.78
C TYR B 164 -4.13 -31.55 -16.78
N SER B 165 -4.03 -32.81 -17.20
CA SER B 165 -4.06 -33.96 -16.30
C SER B 165 -3.15 -34.99 -16.90
N PRO B 166 -2.43 -35.77 -16.09
CA PRO B 166 -1.39 -36.65 -16.65
C PRO B 166 -1.93 -37.70 -17.62
N ASP B 167 -3.23 -37.92 -17.65
CA ASP B 167 -3.83 -38.83 -18.62
C ASP B 167 -3.75 -38.31 -20.03
N LYS B 168 -3.82 -37.00 -20.21
CA LYS B 168 -3.93 -36.39 -21.53
C LYS B 168 -2.61 -35.84 -22.06
N GLU B 169 -1.51 -36.01 -21.33
CA GLU B 169 -0.25 -35.42 -21.72
C GLU B 169 0.19 -35.90 -23.10
N ASP B 170 0.56 -34.96 -23.96
CA ASP B 170 0.85 -35.27 -25.35
C ASP B 170 2.29 -35.73 -25.50
N GLN B 171 2.46 -36.97 -25.95
CA GLN B 171 3.78 -37.58 -26.05
C GLN B 171 4.34 -37.59 -27.48
N LEU B 172 3.67 -37.04 -28.39
CA LEU B 172 4.25 -37.11 -29.73
C LEU B 172 5.14 -35.92 -30.02
N PRO B 173 6.07 -36.05 -30.95
CA PRO B 173 6.88 -34.90 -31.36
C PRO B 173 6.07 -33.86 -32.10
N PHE B 174 6.64 -32.67 -32.22
CA PHE B 174 6.04 -31.58 -32.97
C PHE B 174 7.14 -30.69 -33.51
N GLY B 175 6.73 -29.58 -34.11
CA GLY B 175 7.66 -28.71 -34.76
C GLY B 175 8.50 -29.45 -35.79
N PRO B 176 9.76 -29.04 -35.92
CA PRO B 176 10.70 -29.80 -36.76
C PRO B 176 10.99 -31.22 -36.29
N GLN B 177 10.63 -31.56 -35.05
CA GLN B 177 10.60 -32.94 -34.56
C GLN B 177 11.96 -33.58 -34.52
N ASN B 178 12.99 -32.88 -34.03
CA ASN B 178 14.36 -33.33 -34.20
C ASN B 178 15.09 -33.46 -32.87
N GLY B 179 15.42 -32.34 -32.25
CA GLY B 179 16.20 -32.33 -31.03
C GLY B 179 15.42 -32.82 -29.82
N THR B 180 16.08 -32.73 -28.66
CA THR B 180 15.45 -33.09 -27.41
C THR B 180 14.49 -32.03 -26.93
N ALA B 181 14.45 -30.88 -27.59
CA ALA B 181 13.45 -29.86 -27.28
C ALA B 181 12.13 -30.14 -27.93
N TRP B 182 12.13 -30.81 -29.09
CA TRP B 182 10.93 -31.03 -29.87
C TRP B 182 10.34 -32.43 -29.70
N THR B 183 10.91 -33.27 -28.84
CA THR B 183 10.49 -34.66 -28.73
C THR B 183 10.39 -35.06 -27.27
N TYR B 184 9.43 -35.92 -26.98
CA TYR B 184 9.06 -36.20 -25.60
C TYR B 184 10.17 -36.93 -24.88
N HIS B 185 10.17 -36.82 -23.55
CA HIS B 185 11.05 -37.58 -22.69
C HIS B 185 10.26 -37.97 -21.45
N SER B 186 10.41 -39.22 -21.03
CA SER B 186 9.64 -39.73 -19.92
C SER B 186 10.14 -39.13 -18.61
N GLN B 187 9.55 -39.55 -17.51
CA GLN B 187 10.01 -39.10 -16.19
C GLN B 187 11.19 -39.90 -15.70
N ASN B 188 11.51 -41.04 -16.31
CA ASN B 188 12.75 -41.72 -15.96
C ASN B 188 13.96 -41.11 -16.64
N GLU B 189 13.90 -40.91 -17.97
CA GLU B 189 15.02 -40.35 -18.70
C GLU B 189 15.42 -38.99 -18.15
N LEU B 190 14.50 -38.29 -17.54
CA LEU B 190 14.79 -37.09 -16.77
C LEU B 190 14.46 -37.43 -15.33
N GLY B 191 15.49 -37.64 -14.51
CA GLY B 191 15.21 -37.95 -13.12
C GLY B 191 14.52 -36.77 -12.48
N GLY B 192 13.32 -36.98 -11.95
CA GLY B 192 12.58 -35.85 -11.42
C GLY B 192 11.33 -36.31 -10.72
N SER B 193 10.82 -35.43 -9.86
CA SER B 193 9.62 -35.70 -9.08
C SER B 193 8.56 -34.70 -9.48
N SER B 194 7.40 -34.83 -8.84
CA SER B 194 6.25 -33.98 -9.13
C SER B 194 6.53 -32.57 -8.63
N HIS B 195 6.41 -31.60 -9.51
CA HIS B 195 6.26 -30.23 -9.07
C HIS B 195 4.80 -29.93 -8.81
N TRP B 196 4.51 -29.30 -7.70
CA TRP B 196 3.13 -28.96 -7.34
C TRP B 196 2.98 -27.45 -7.35
N GLY B 197 2.31 -26.94 -8.38
CA GLY B 197 2.24 -25.52 -8.61
C GLY B 197 0.95 -24.92 -8.09
N ARG B 198 0.50 -23.86 -8.73
CA ARG B 198 -0.73 -23.23 -8.25
C ARG B 198 -1.96 -23.96 -8.74
N LEU B 199 -1.97 -24.42 -9.99
CA LEU B 199 -3.18 -25.08 -10.49
C LEU B 199 -3.22 -26.53 -10.03
N THR B 200 -2.40 -27.39 -10.62
CA THR B 200 -2.37 -28.79 -10.28
C THR B 200 -0.93 -29.28 -10.29
N SER B 201 -0.73 -30.47 -9.72
CA SER B 201 0.58 -31.08 -9.74
C SER B 201 0.98 -31.45 -11.17
N TYR B 202 2.29 -31.53 -11.39
CA TYR B 202 2.83 -31.77 -12.72
C TYR B 202 3.87 -32.88 -12.64
N SER B 203 4.03 -33.62 -13.72
CA SER B 203 4.97 -34.74 -13.72
C SER B 203 6.37 -34.22 -13.96
N GLY B 204 7.31 -35.13 -14.21
CA GLY B 204 8.69 -34.75 -14.49
C GLY B 204 9.14 -34.95 -15.92
N GLY B 205 8.25 -35.25 -16.84
CA GLY B 205 8.66 -35.50 -18.20
C GLY B 205 8.72 -34.23 -19.00
N GLY B 206 8.39 -34.32 -20.28
CA GLY B 206 8.27 -33.12 -21.08
C GLY B 206 9.42 -32.92 -22.04
N TYR B 207 9.43 -31.80 -22.73
CA TYR B 207 10.40 -31.54 -23.78
C TYR B 207 11.45 -30.57 -23.23
N TYR B 208 12.58 -31.11 -22.83
CA TYR B 208 13.58 -30.26 -22.21
C TYR B 208 14.48 -29.64 -23.24
N LEU B 209 15.09 -28.52 -22.88
CA LEU B 209 16.24 -27.99 -23.60
C LEU B 209 17.28 -27.53 -22.59
N ASP B 210 18.55 -27.79 -22.87
CA ASP B 210 19.64 -27.41 -22.00
C ASP B 210 20.49 -26.35 -22.68
N LEU B 211 20.50 -25.16 -22.11
CA LEU B 211 21.19 -24.05 -22.73
C LEU B 211 22.70 -24.27 -22.73
N PRO B 212 23.38 -23.90 -23.79
CA PRO B 212 24.83 -24.06 -23.83
C PRO B 212 25.55 -23.15 -22.85
N GLY B 213 26.88 -23.14 -22.90
CA GLY B 213 27.69 -22.41 -21.94
C GLY B 213 27.67 -20.91 -22.02
N SER B 214 28.06 -20.34 -23.15
CA SER B 214 28.22 -18.90 -23.25
C SER B 214 26.86 -18.24 -23.40
N ARG B 215 26.83 -16.93 -23.58
CA ARG B 215 25.57 -16.29 -23.87
C ARG B 215 25.16 -16.44 -25.32
N GLN B 216 26.08 -16.18 -26.24
CA GLN B 216 25.72 -16.09 -27.65
C GLN B 216 25.07 -17.38 -28.13
N ALA B 217 25.69 -18.52 -27.82
CA ALA B 217 25.10 -19.78 -28.21
C ALA B 217 23.72 -19.96 -27.60
N SER B 218 23.52 -19.50 -26.37
CA SER B 218 22.22 -19.61 -25.74
C SER B 218 21.17 -18.79 -26.50
N ALA B 219 21.48 -17.53 -26.79
CA ALA B 219 20.55 -16.73 -27.58
C ALA B 219 20.27 -17.37 -28.92
N GLU B 220 21.26 -17.98 -29.57
CA GLU B 220 20.98 -18.75 -30.77
C GLU B 220 19.95 -19.84 -30.51
N ALA B 221 20.07 -20.54 -29.38
CA ALA B 221 19.08 -21.56 -29.05
C ALA B 221 17.69 -20.96 -28.95
N LEU B 222 17.44 -20.14 -27.94
CA LEU B 222 16.09 -19.62 -27.73
C LEU B 222 15.55 -18.91 -28.96
N GLN B 223 16.39 -18.24 -29.72
CA GLN B 223 15.94 -17.72 -31.01
C GLN B 223 15.46 -18.86 -31.89
N GLY B 224 16.19 -19.98 -31.88
CA GLY B 224 15.74 -21.15 -32.61
C GLY B 224 14.40 -21.70 -32.14
N LEU B 225 14.08 -21.53 -30.86
CA LEU B 225 12.78 -21.96 -30.35
C LEU B 225 11.66 -20.95 -30.58
N GLN B 226 11.99 -19.68 -30.79
CA GLN B 226 10.96 -18.75 -31.26
C GLN B 226 10.70 -18.89 -32.74
N GLU B 227 11.71 -19.22 -33.53
CA GLU B 227 11.52 -19.45 -34.96
C GLU B 227 10.33 -20.37 -35.20
N GLY B 228 10.48 -21.64 -34.87
CA GLY B 228 9.32 -22.48 -34.75
C GLY B 228 8.48 -22.07 -33.57
N LEU B 229 7.35 -22.73 -33.38
CA LEU B 229 6.53 -22.41 -32.21
C LEU B 229 6.79 -23.47 -31.16
N TRP B 230 7.58 -23.11 -30.17
CA TRP B 230 7.80 -24.05 -29.10
C TRP B 230 6.82 -23.81 -27.98
N LEU B 231 6.08 -22.71 -28.06
CA LEU B 231 4.92 -22.47 -27.23
C LEU B 231 3.73 -22.32 -28.16
N ASP B 232 2.82 -23.29 -28.14
CA ASP B 232 1.62 -23.19 -28.95
C ASP B 232 0.42 -23.54 -28.08
N ARG B 233 -0.77 -23.64 -28.65
CA ARG B 233 -1.96 -23.83 -27.83
C ARG B 233 -1.84 -25.05 -26.95
N GLY B 234 -1.04 -26.04 -27.36
CA GLY B 234 -0.92 -27.23 -26.56
C GLY B 234 -0.20 -27.06 -25.26
N THR B 235 0.64 -26.03 -25.15
CA THR B 235 1.50 -25.86 -23.99
C THR B 235 0.68 -25.71 -22.72
N ARG B 236 1.21 -26.17 -21.61
CA ARG B 236 0.58 -25.94 -20.32
C ARG B 236 1.53 -25.36 -19.29
N VAL B 237 2.62 -26.03 -18.97
CA VAL B 237 3.55 -25.54 -17.99
C VAL B 237 4.92 -25.39 -18.62
N VAL B 238 5.66 -24.37 -18.21
CA VAL B 238 7.04 -24.19 -18.64
C VAL B 238 7.89 -23.94 -17.41
N PHE B 239 8.96 -24.72 -17.27
CA PHE B 239 9.88 -24.65 -16.15
C PHE B 239 11.24 -24.14 -16.62
N ILE B 240 11.87 -23.32 -15.80
CA ILE B 240 13.26 -22.93 -15.98
C ILE B 240 13.96 -23.28 -14.67
N ASP B 241 14.88 -24.22 -14.72
CA ASP B 241 15.56 -24.66 -13.51
C ASP B 241 17.04 -24.35 -13.62
N PHE B 242 17.59 -23.74 -12.58
CA PHE B 242 19.05 -23.70 -12.46
C PHE B 242 19.43 -23.41 -11.03
N SER B 243 20.68 -23.71 -10.71
CA SER B 243 21.18 -23.66 -9.35
C SER B 243 22.56 -23.02 -9.32
N VAL B 244 22.92 -22.50 -8.16
CA VAL B 244 24.07 -21.61 -8.00
C VAL B 244 24.77 -21.98 -6.70
N TYR B 245 26.10 -21.98 -6.69
CA TYR B 245 26.86 -22.31 -5.51
C TYR B 245 27.73 -21.15 -5.08
N ASN B 246 27.63 -20.77 -3.81
CA ASN B 246 28.38 -19.64 -3.27
C ASN B 246 29.63 -20.13 -2.58
N ALA B 247 30.78 -19.62 -3.03
CA ALA B 247 32.06 -20.07 -2.51
C ALA B 247 32.44 -19.45 -1.18
N ASN B 248 32.02 -18.22 -0.91
CA ASN B 248 32.53 -17.46 0.22
C ASN B 248 32.00 -18.06 1.51
N ILE B 249 30.71 -17.90 1.76
CA ILE B 249 30.04 -18.79 2.68
C ILE B 249 29.86 -20.10 1.91
N ASN B 250 29.19 -21.07 2.50
CA ASN B 250 28.91 -22.30 1.78
C ASN B 250 27.40 -22.48 1.74
N LEU B 251 26.81 -22.25 0.57
CA LEU B 251 25.38 -22.46 0.37
C LEU B 251 25.11 -22.63 -1.12
N PHE B 252 23.99 -23.28 -1.41
CA PHE B 252 23.44 -23.39 -2.74
C PHE B 252 22.16 -22.58 -2.81
N CYS B 253 21.95 -21.89 -3.91
CA CYS B 253 20.64 -21.31 -4.21
C CYS B 253 20.12 -22.05 -5.42
N ILE B 254 19.14 -22.90 -5.23
CA ILE B 254 18.50 -23.65 -6.30
C ILE B 254 17.16 -23.01 -6.57
N LEU B 255 16.87 -22.74 -7.83
CA LEU B 255 15.68 -21.98 -8.13
C LEU B 255 14.97 -22.49 -9.38
N ARG B 256 13.64 -22.51 -9.27
CA ARG B 256 12.71 -22.88 -10.32
C ARG B 256 11.86 -21.69 -10.66
N LEU B 257 11.75 -21.39 -11.94
CA LEU B 257 10.84 -20.36 -12.43
C LEU B 257 9.76 -21.09 -13.21
N VAL B 258 8.55 -21.09 -12.66
CA VAL B 258 7.43 -21.88 -13.16
C VAL B 258 6.40 -20.94 -13.74
N VAL B 259 6.21 -20.97 -15.05
CA VAL B 259 5.20 -20.17 -15.71
C VAL B 259 4.12 -21.11 -16.20
N GLU B 260 2.88 -20.87 -15.81
CA GLU B 260 1.79 -21.76 -16.19
C GLU B 260 0.91 -21.10 -17.24
N PHE B 261 0.51 -21.87 -18.23
CA PHE B 261 -0.44 -21.37 -19.21
C PHE B 261 -1.73 -22.12 -19.01
N PRO B 262 -2.78 -21.53 -18.43
CA PRO B 262 -4.01 -22.30 -18.24
C PRO B 262 -4.69 -22.55 -19.57
N ALA B 263 -5.79 -23.29 -19.51
CA ALA B 263 -6.58 -23.50 -20.70
C ALA B 263 -7.22 -22.20 -21.16
N THR B 264 -7.43 -21.27 -20.24
CA THR B 264 -8.11 -20.03 -20.54
C THR B 264 -7.25 -19.08 -21.35
N GLY B 265 -5.98 -19.38 -21.51
CA GLY B 265 -5.04 -18.43 -22.09
C GLY B 265 -4.31 -17.66 -21.02
N GLY B 266 -3.42 -16.79 -21.47
CA GLY B 266 -2.69 -15.99 -20.53
C GLY B 266 -1.65 -16.80 -19.81
N THR B 267 -1.16 -16.25 -18.71
CA THR B 267 -0.08 -16.87 -17.95
C THR B 267 -0.25 -16.60 -16.46
N ILE B 268 0.39 -17.45 -15.68
CA ILE B 268 0.45 -17.33 -14.24
C ILE B 268 1.89 -17.60 -13.84
N PRO B 269 2.74 -16.58 -13.73
CA PRO B 269 4.11 -16.83 -13.27
C PRO B 269 4.17 -17.07 -11.79
N SER B 270 5.12 -17.92 -11.40
CA SER B 270 5.34 -18.33 -10.02
C SER B 270 6.78 -18.82 -9.91
N TRP B 271 7.29 -18.89 -8.68
CA TRP B 271 8.69 -19.20 -8.51
C TRP B 271 8.93 -19.89 -7.18
N GLN B 272 9.99 -20.69 -7.12
CA GLN B 272 10.48 -21.25 -5.88
C GLN B 272 11.99 -21.08 -5.82
N ILE B 273 12.47 -20.48 -4.74
CA ILE B 273 13.90 -20.26 -4.53
C ILE B 273 14.26 -20.80 -3.17
N ARG B 274 15.12 -21.82 -3.16
CA ARG B 274 15.54 -22.48 -1.93
C ARG B 274 17.05 -22.39 -1.82
N THR B 275 17.54 -21.86 -0.71
CA THR B 275 18.96 -21.90 -0.41
C THR B 275 19.21 -22.93 0.67
N VAL B 276 20.28 -23.69 0.50
CA VAL B 276 20.46 -24.97 1.16
C VAL B 276 21.92 -25.15 1.48
N LYS B 277 22.23 -25.64 2.67
CA LYS B 277 23.57 -26.11 2.99
C LYS B 277 23.57 -27.60 2.69
N LEU B 278 24.23 -27.99 1.61
CA LEU B 278 24.27 -29.41 1.28
C LEU B 278 25.51 -30.07 1.84
N ILE B 279 26.68 -29.63 1.38
CA ILE B 279 27.93 -30.14 1.90
C ILE B 279 28.03 -29.61 3.33
N ARG B 280 28.12 -30.51 4.30
CA ARG B 280 28.28 -30.08 5.68
C ARG B 280 29.73 -30.07 6.10
N TYR B 281 30.64 -30.45 5.21
CA TYR B 281 32.06 -30.47 5.52
C TYR B 281 32.59 -29.05 5.39
N VAL B 282 33.12 -28.54 6.50
CA VAL B 282 33.69 -27.21 6.57
C VAL B 282 35.10 -27.27 7.13
N ASN B 283 35.23 -27.69 8.38
CA ASN B 283 36.50 -27.82 9.08
C ASN B 283 36.37 -29.01 10.03
N ASN B 284 37.31 -29.11 10.98
CA ASN B 284 37.17 -30.09 12.05
C ASN B 284 35.82 -29.98 12.74
N TRP B 285 35.20 -28.80 12.74
CA TRP B 285 33.84 -28.64 13.22
C TRP B 285 32.87 -29.61 12.55
N ASP B 286 33.08 -29.92 11.27
CA ASP B 286 32.26 -30.96 10.64
C ASP B 286 32.47 -32.31 11.30
N PHE B 287 33.70 -32.61 11.75
CA PHE B 287 33.92 -33.84 12.50
C PHE B 287 33.25 -33.80 13.87
N PHE B 288 33.21 -32.62 14.50
CA PHE B 288 32.36 -32.44 15.67
C PHE B 288 30.88 -32.64 15.34
N ILE B 289 30.49 -32.44 14.08
CA ILE B 289 29.12 -32.71 13.66
C ILE B 289 28.91 -34.19 13.44
N VAL B 290 29.94 -34.92 13.00
CA VAL B 290 29.83 -36.37 12.93
C VAL B 290 29.72 -36.97 14.33
N GLY B 291 30.58 -36.52 15.25
CA GLY B 291 30.42 -36.91 16.63
C GLY B 291 29.05 -36.55 17.18
N CYS B 292 28.56 -35.35 16.84
CA CYS B 292 27.23 -34.97 17.28
C CYS B 292 26.17 -35.94 16.76
N GLU B 293 26.26 -36.32 15.48
CA GLU B 293 25.30 -37.26 14.92
C GLU B 293 25.33 -38.61 15.65
N VAL B 294 26.53 -39.17 15.85
CA VAL B 294 26.58 -40.46 16.51
C VAL B 294 26.12 -40.36 17.97
N VAL B 295 26.37 -39.23 18.63
CA VAL B 295 25.81 -39.02 19.96
C VAL B 295 24.29 -39.03 19.88
N PHE B 296 23.73 -38.39 18.86
CA PHE B 296 22.27 -38.35 18.72
C PHE B 296 21.71 -39.75 18.55
N CYS B 297 22.31 -40.58 17.70
CA CYS B 297 21.77 -41.92 17.57
C CYS B 297 21.96 -42.73 18.86
N VAL B 298 23.05 -42.49 19.59
CA VAL B 298 23.15 -43.07 20.93
C VAL B 298 21.95 -42.69 21.77
N PHE B 299 21.58 -41.41 21.75
CA PHE B 299 20.41 -40.95 22.51
C PHE B 299 19.17 -41.70 22.09
N ILE B 300 18.89 -41.77 20.78
CA ILE B 300 17.64 -42.38 20.35
C ILE B 300 17.61 -43.88 20.70
N PHE B 301 18.75 -44.58 20.63
CA PHE B 301 18.73 -45.96 21.10
C PHE B 301 18.43 -46.03 22.59
N TYR B 302 19.03 -45.13 23.38
CA TYR B 302 18.66 -45.05 24.79
C TYR B 302 17.16 -44.87 24.97
N TYR B 303 16.53 -44.06 24.11
CA TYR B 303 15.12 -43.73 24.26
C TYR B 303 14.19 -44.81 23.72
N VAL B 304 14.68 -45.67 22.83
CA VAL B 304 13.86 -46.84 22.47
C VAL B 304 13.99 -47.92 23.54
N VAL B 305 15.17 -48.06 24.15
CA VAL B 305 15.30 -48.96 25.29
C VAL B 305 14.35 -48.53 26.40
N GLU B 306 14.47 -47.28 26.87
CA GLU B 306 13.58 -46.79 27.91
C GLU B 306 12.15 -46.63 27.41
N GLU B 307 11.95 -46.64 26.09
CA GLU B 307 10.60 -46.47 25.55
C GLU B 307 9.80 -47.76 25.62
N ILE B 308 10.40 -48.89 25.21
CA ILE B 308 9.63 -50.11 25.02
C ILE B 308 9.02 -50.64 26.32
N LEU B 309 9.74 -50.61 27.43
CA LEU B 309 9.27 -51.19 28.69
C LEU B 309 7.99 -50.50 29.19
N VAL B 322 -0.05 -40.87 27.50
CA VAL B 322 -0.43 -39.72 26.69
C VAL B 322 0.80 -39.01 26.17
N TRP B 323 1.67 -38.60 27.08
CA TRP B 323 2.91 -37.94 26.68
C TRP B 323 3.81 -38.89 25.91
N ASN B 324 3.71 -40.20 26.18
CA ASN B 324 4.48 -41.17 25.43
C ASN B 324 4.05 -41.22 23.97
N ILE B 325 2.86 -40.75 23.63
CA ILE B 325 2.53 -40.48 22.23
C ILE B 325 3.54 -39.51 21.65
N LEU B 326 3.67 -38.35 22.29
CA LEU B 326 4.68 -37.38 21.88
C LEU B 326 6.07 -38.00 21.83
N ASP B 327 6.36 -38.92 22.75
CA ASP B 327 7.66 -39.58 22.74
C ASP B 327 7.86 -40.40 21.47
N LEU B 328 6.90 -41.27 21.15
CA LEU B 328 7.04 -42.11 19.96
C LEU B 328 7.06 -41.27 18.68
N VAL B 329 6.37 -40.13 18.67
CA VAL B 329 6.44 -39.24 17.52
C VAL B 329 7.84 -38.65 17.39
N VAL B 330 8.32 -38.00 18.45
CA VAL B 330 9.65 -37.39 18.42
C VAL B 330 10.71 -38.40 18.01
N ILE B 331 10.66 -39.60 18.57
CA ILE B 331 11.64 -40.60 18.19
C ILE B 331 11.46 -41.03 16.74
N LEU B 332 10.20 -41.12 16.29
CA LEU B 332 9.93 -41.49 14.91
C LEU B 332 10.60 -40.52 13.94
N LEU B 333 10.27 -39.24 14.06
CA LEU B 333 10.88 -38.26 13.16
C LEU B 333 12.38 -38.16 13.38
N SER B 334 12.85 -38.49 14.58
CA SER B 334 14.30 -38.53 14.79
C SER B 334 14.95 -39.56 13.89
N ILE B 335 14.50 -40.82 13.98
CA ILE B 335 15.16 -41.84 13.18
C ILE B 335 14.90 -41.65 11.70
N VAL B 336 13.77 -41.03 11.33
CA VAL B 336 13.63 -40.60 9.94
C VAL B 336 14.74 -39.64 9.59
N ALA B 337 15.06 -38.72 10.49
CA ALA B 337 16.11 -37.75 10.25
C ALA B 337 17.51 -38.36 10.28
N VAL B 338 17.67 -39.57 10.80
CA VAL B 338 19.01 -40.15 10.86
C VAL B 338 19.49 -40.55 9.47
N GLY B 339 18.73 -41.39 8.77
CA GLY B 339 19.19 -41.91 7.51
C GLY B 339 19.37 -40.88 6.42
N PHE B 340 18.69 -39.74 6.55
CA PHE B 340 18.75 -38.73 5.50
C PHE B 340 20.17 -38.24 5.27
N HIS B 341 21.04 -38.27 6.28
CA HIS B 341 22.39 -37.80 6.06
C HIS B 341 23.17 -38.74 5.14
N ILE B 342 23.01 -40.05 5.30
CA ILE B 342 23.66 -40.97 4.38
C ILE B 342 23.05 -40.83 2.99
N PHE B 343 21.72 -40.77 2.93
CA PHE B 343 21.06 -40.47 1.66
C PHE B 343 21.67 -39.24 0.99
N ARG B 344 21.91 -38.19 1.76
CA ARG B 344 22.42 -36.95 1.21
C ARG B 344 23.86 -37.08 0.74
N THR B 345 24.75 -37.57 1.61
CA THR B 345 26.15 -37.74 1.20
C THR B 345 26.27 -38.58 -0.06
N LEU B 346 25.47 -39.64 -0.16
CA LEU B 346 25.45 -40.39 -1.41
C LEU B 346 25.02 -39.49 -2.57
N GLU B 347 23.90 -38.79 -2.41
CA GLU B 347 23.39 -37.96 -3.50
C GLU B 347 24.43 -36.94 -3.95
N VAL B 348 24.92 -36.12 -3.02
CA VAL B 348 25.89 -35.09 -3.36
C VAL B 348 27.12 -35.70 -4.01
N ASN B 349 27.64 -36.79 -3.44
CA ASN B 349 28.76 -37.48 -4.06
C ASN B 349 28.49 -37.78 -5.51
N ARG B 350 27.30 -38.31 -5.81
CA ARG B 350 26.98 -38.65 -7.19
C ARG B 350 26.91 -37.41 -8.06
N LEU B 351 26.19 -36.38 -7.62
CA LEU B 351 26.03 -35.18 -8.43
C LEU B 351 27.37 -34.54 -8.75
N MET B 352 28.13 -34.17 -7.70
CA MET B 352 29.44 -33.59 -7.95
C MET B 352 30.31 -34.50 -8.80
N GLY B 353 30.07 -35.81 -8.72
CA GLY B 353 30.62 -36.70 -9.73
C GLY B 353 30.21 -36.31 -11.13
N LYS B 354 28.92 -36.05 -11.34
CA LYS B 354 28.46 -35.76 -12.69
C LYS B 354 28.99 -34.41 -13.18
N LEU B 355 28.76 -33.35 -12.40
CA LEU B 355 29.31 -32.05 -12.74
C LEU B 355 30.81 -32.12 -13.00
N LEU B 356 31.50 -32.98 -12.26
CA LEU B 356 32.91 -33.20 -12.54
C LEU B 356 33.10 -33.80 -13.93
N GLN B 357 32.29 -34.80 -14.28
CA GLN B 357 32.54 -35.51 -15.53
C GLN B 357 32.16 -34.69 -16.76
N GLN B 358 30.93 -34.19 -16.81
CA GLN B 358 30.41 -33.56 -18.02
C GLN B 358 29.74 -32.22 -17.72
N PRO B 359 30.47 -31.12 -17.78
CA PRO B 359 29.82 -29.81 -17.68
C PRO B 359 28.87 -29.55 -18.83
N ASP B 360 28.20 -28.40 -18.83
CA ASP B 360 27.20 -28.07 -19.84
C ASP B 360 26.15 -29.18 -19.96
N THR B 361 25.81 -29.76 -18.82
CA THR B 361 24.76 -30.77 -18.73
C THR B 361 23.99 -30.53 -17.46
N TYR B 362 22.67 -30.42 -17.56
CA TYR B 362 21.87 -30.16 -16.38
C TYR B 362 22.06 -31.28 -15.38
N ALA B 363 22.40 -30.91 -14.15
CA ALA B 363 22.54 -31.86 -13.06
C ALA B 363 21.55 -31.45 -11.98
N ASP B 364 20.67 -32.37 -11.61
CA ASP B 364 19.53 -31.98 -10.78
C ASP B 364 20.01 -31.75 -9.36
N PHE B 365 19.91 -30.52 -8.90
CA PHE B 365 19.91 -30.21 -7.48
C PHE B 365 18.51 -29.94 -6.94
N GLU B 366 17.48 -29.97 -7.79
CA GLU B 366 16.17 -29.58 -7.30
C GLU B 366 15.54 -30.66 -6.44
N PHE B 367 15.67 -31.92 -6.83
CA PHE B 367 15.21 -33.01 -5.98
C PHE B 367 15.90 -32.96 -4.63
N LEU B 368 17.24 -32.91 -4.65
CA LEU B 368 18.01 -32.91 -3.43
C LEU B 368 17.70 -31.71 -2.56
N ALA B 369 17.58 -30.53 -3.16
CA ALA B 369 17.23 -29.33 -2.39
C ALA B 369 15.85 -29.45 -1.80
N PHE B 370 14.90 -29.95 -2.59
CA PHE B 370 13.55 -30.15 -2.10
C PHE B 370 13.55 -30.96 -0.83
N TRP B 371 14.18 -32.14 -0.86
CA TRP B 371 14.15 -32.96 0.34
C TRP B 371 15.04 -32.44 1.45
N GLN B 372 16.07 -31.68 1.13
CA GLN B 372 16.85 -31.04 2.19
C GLN B 372 16.00 -30.03 2.94
N THR B 373 15.21 -29.22 2.23
CA THR B 373 14.42 -28.22 2.91
C THR B 373 13.29 -28.84 3.71
N GLN B 374 12.66 -29.87 3.16
CA GLN B 374 11.61 -30.51 3.95
C GLN B 374 12.20 -31.28 5.11
N TYR B 375 13.42 -31.77 4.95
CA TYR B 375 14.16 -32.29 6.09
C TYR B 375 14.31 -31.22 7.16
N ASN B 376 14.71 -30.00 6.78
CA ASN B 376 14.81 -28.93 7.76
C ASN B 376 13.47 -28.64 8.41
N ASN B 377 12.38 -28.71 7.66
CA ASN B 377 11.07 -28.53 8.28
C ASN B 377 10.83 -29.59 9.34
N MET B 378 11.14 -30.85 9.02
CA MET B 378 10.97 -31.91 10.00
C MET B 378 11.78 -31.65 11.26
N ASN B 379 13.06 -31.30 11.11
CA ASN B 379 13.86 -30.95 12.27
C ASN B 379 13.24 -29.83 13.07
N ALA B 380 12.70 -28.82 12.39
CA ALA B 380 12.04 -27.74 13.11
C ALA B 380 10.91 -28.25 13.97
N VAL B 381 10.07 -29.13 13.44
CA VAL B 381 8.94 -29.61 14.22
C VAL B 381 9.41 -30.49 15.38
N ASN B 382 10.37 -31.39 15.11
CA ASN B 382 10.97 -32.14 16.20
C ASN B 382 11.43 -31.24 17.32
N LEU B 383 12.22 -30.21 16.99
CA LEU B 383 12.76 -29.34 18.02
C LEU B 383 11.64 -28.65 18.79
N PHE B 384 10.61 -28.21 18.08
CA PHE B 384 9.50 -27.56 18.77
C PHE B 384 8.86 -28.50 19.78
N PHE B 385 8.49 -29.71 19.36
CA PHE B 385 7.98 -30.68 20.31
C PHE B 385 8.97 -30.92 21.45
N ALA B 386 10.26 -30.97 21.13
CA ALA B 386 11.26 -31.20 22.16
C ALA B 386 11.24 -30.10 23.20
N TRP B 387 10.81 -28.90 22.83
CA TRP B 387 10.58 -27.90 23.86
C TRP B 387 9.27 -28.09 24.59
N ILE B 388 8.21 -28.49 23.89
CA ILE B 388 6.94 -28.71 24.59
C ILE B 388 7.10 -29.77 25.66
N LYS B 389 7.78 -30.86 25.34
CA LYS B 389 7.92 -32.06 26.16
C LYS B 389 8.41 -31.77 27.56
N ILE B 390 9.02 -30.60 27.78
CA ILE B 390 9.50 -30.23 29.12
C ILE B 390 8.44 -30.47 30.18
N PHE B 391 7.18 -30.17 29.86
CA PHE B 391 6.14 -30.28 30.87
C PHE B 391 5.97 -31.73 31.33
N LYS B 392 6.25 -32.70 30.48
CA LYS B 392 6.19 -34.09 30.93
C LYS B 392 7.25 -34.37 31.98
N TYR B 393 8.41 -33.76 31.85
CA TYR B 393 9.50 -33.96 32.78
C TYR B 393 9.54 -32.92 33.88
N ILE B 394 8.53 -32.04 33.96
CA ILE B 394 8.49 -31.02 35.00
C ILE B 394 7.10 -30.90 35.60
N PHE B 417 -21.68 -27.40 22.10
CA PHE B 417 -22.22 -26.12 21.66
C PHE B 417 -21.48 -25.59 20.44
N ALA B 418 -20.18 -25.90 20.37
CA ALA B 418 -19.37 -25.39 19.27
C ALA B 418 -19.87 -25.84 17.91
N ILE B 419 -20.58 -26.97 17.85
CA ILE B 419 -21.04 -27.49 16.56
C ILE B 419 -21.95 -26.47 15.87
N MET B 420 -22.78 -25.77 16.63
CA MET B 420 -23.56 -24.69 16.05
C MET B 420 -22.65 -23.64 15.42
N PHE B 421 -21.45 -23.47 15.96
CA PHE B 421 -20.54 -22.52 15.35
C PHE B 421 -19.87 -23.08 14.11
N PHE B 422 -19.35 -24.30 14.17
CA PHE B 422 -18.64 -24.82 13.00
C PHE B 422 -19.55 -25.03 11.82
N ILE B 423 -20.75 -25.58 12.04
CA ILE B 423 -21.65 -25.78 10.91
C ILE B 423 -21.90 -24.47 10.18
N VAL B 424 -22.37 -23.46 10.90
CA VAL B 424 -22.67 -22.18 10.26
C VAL B 424 -21.42 -21.56 9.69
N PHE B 425 -20.28 -21.77 10.33
CA PHE B 425 -19.03 -21.26 9.78
C PHE B 425 -18.77 -21.81 8.38
N PHE B 426 -18.72 -23.14 8.24
CA PHE B 426 -18.54 -23.70 6.92
C PHE B 426 -19.65 -23.29 5.98
N ALA B 427 -20.86 -23.05 6.49
CA ALA B 427 -21.92 -22.56 5.64
C ALA B 427 -21.56 -21.20 5.04
N TYR B 428 -20.95 -20.31 5.83
CA TYR B 428 -20.44 -19.07 5.24
C TYR B 428 -19.30 -19.33 4.28
N ALA B 429 -18.36 -20.22 4.62
CA ALA B 429 -17.29 -20.49 3.68
C ALA B 429 -17.85 -20.87 2.32
N GLN B 430 -18.89 -21.70 2.31
CA GLN B 430 -19.50 -22.13 1.07
C GLN B 430 -20.19 -20.97 0.36
N LEU B 431 -21.03 -20.23 1.09
CA LEU B 431 -21.72 -19.09 0.50
C LEU B 431 -20.74 -18.12 -0.12
N GLY B 432 -19.76 -17.66 0.65
CA GLY B 432 -18.74 -16.78 0.12
C GLY B 432 -18.02 -17.35 -1.07
N TYR B 433 -17.77 -18.65 -1.08
CA TYR B 433 -17.15 -19.23 -2.25
C TYR B 433 -18.05 -19.13 -3.48
N LEU B 434 -19.37 -19.25 -3.31
CA LEU B 434 -20.24 -19.20 -4.48
C LEU B 434 -20.46 -17.78 -4.97
N LEU B 435 -20.77 -16.85 -4.06
CA LEU B 435 -21.05 -15.49 -4.48
C LEU B 435 -19.81 -14.82 -5.05
N PHE B 436 -18.76 -14.79 -4.28
CA PHE B 436 -17.47 -14.27 -4.73
C PHE B 436 -16.74 -15.44 -5.38
N GLY B 437 -15.46 -15.33 -5.62
CA GLY B 437 -14.71 -16.48 -6.02
C GLY B 437 -14.58 -16.67 -7.50
N THR B 438 -15.46 -16.10 -8.30
CA THR B 438 -15.16 -15.84 -9.70
C THR B 438 -14.67 -14.42 -9.89
N GLN B 439 -14.49 -13.67 -8.81
CA GLN B 439 -14.00 -12.31 -8.82
C GLN B 439 -12.77 -12.14 -7.95
N VAL B 440 -12.94 -12.27 -6.64
CA VAL B 440 -11.88 -12.06 -5.66
C VAL B 440 -11.06 -13.32 -5.57
N GLU B 441 -9.74 -13.17 -5.43
CA GLU B 441 -8.93 -14.38 -5.32
C GLU B 441 -9.07 -15.05 -3.97
N ASN B 442 -9.06 -14.27 -2.89
CA ASN B 442 -9.09 -14.85 -1.56
C ASN B 442 -10.23 -15.83 -1.37
N PHE B 443 -11.30 -15.72 -2.15
CA PHE B 443 -12.41 -16.65 -2.08
C PHE B 443 -12.38 -17.72 -3.17
N SER B 444 -11.39 -17.71 -4.05
CA SER B 444 -11.53 -18.46 -5.29
C SER B 444 -11.50 -19.97 -5.12
N THR B 445 -11.16 -20.48 -3.94
CA THR B 445 -11.29 -21.91 -3.67
C THR B 445 -11.88 -22.10 -2.28
N PHE B 446 -12.05 -23.34 -1.83
CA PHE B 446 -12.74 -23.49 -0.56
C PHE B 446 -11.82 -23.24 0.62
N VAL B 447 -10.62 -23.83 0.63
CA VAL B 447 -9.71 -23.61 1.76
C VAL B 447 -9.37 -22.13 1.86
N LYS B 448 -9.09 -21.46 0.74
CA LYS B 448 -8.85 -20.04 0.80
C LYS B 448 -10.02 -19.29 1.41
N CYS B 449 -11.26 -19.77 1.20
CA CYS B 449 -12.39 -19.15 1.87
C CYS B 449 -12.32 -19.37 3.37
N ILE B 450 -11.93 -20.56 3.80
CA ILE B 450 -11.82 -20.81 5.23
C ILE B 450 -10.84 -19.85 5.86
N PHE B 451 -9.63 -19.74 5.30
CA PHE B 451 -8.67 -18.87 5.95
C PHE B 451 -8.98 -17.39 5.75
N THR B 452 -9.69 -17.04 4.68
CA THR B 452 -10.13 -15.66 4.56
C THR B 452 -11.09 -15.31 5.67
N GLN B 453 -12.09 -16.16 5.90
CA GLN B 453 -13.01 -15.87 6.98
C GLN B 453 -12.30 -15.86 8.31
N PHE B 454 -11.28 -16.69 8.47
CA PHE B 454 -10.58 -16.69 9.73
C PHE B 454 -9.83 -15.37 9.94
N ARG B 455 -9.20 -14.85 8.89
CA ARG B 455 -8.60 -13.54 9.03
C ARG B 455 -9.65 -12.48 9.33
N ILE B 456 -10.81 -12.53 8.69
CA ILE B 456 -11.86 -11.57 9.01
C ILE B 456 -12.15 -11.58 10.50
N ILE B 457 -12.23 -12.76 11.10
CA ILE B 457 -12.33 -12.81 12.56
C ILE B 457 -11.18 -12.08 13.20
N LEU B 458 -9.97 -12.26 12.69
CA LEU B 458 -8.81 -11.63 13.31
C LEU B 458 -8.62 -10.19 12.88
N GLY B 459 -9.56 -9.64 12.10
CA GLY B 459 -9.47 -8.23 11.81
C GLY B 459 -8.47 -7.88 10.75
N ASP B 460 -8.39 -8.68 9.69
CA ASP B 460 -7.65 -8.33 8.50
C ASP B 460 -8.53 -8.66 7.31
N PHE B 461 -8.92 -7.64 6.56
CA PHE B 461 -9.82 -7.85 5.43
C PHE B 461 -9.67 -6.67 4.47
N ASP B 462 -10.09 -6.90 3.23
CA ASP B 462 -10.18 -5.85 2.24
C ASP B 462 -11.66 -5.73 1.90
N TYR B 463 -12.29 -4.64 2.32
CA TYR B 463 -13.71 -4.50 2.08
C TYR B 463 -14.02 -4.04 0.68
N ASN B 464 -13.12 -3.28 0.05
CA ASN B 464 -13.36 -2.87 -1.33
C ASN B 464 -13.60 -4.05 -2.24
N ALA B 465 -12.83 -5.12 -2.09
CA ALA B 465 -12.99 -6.26 -2.98
C ALA B 465 -14.35 -6.89 -2.81
N ILE B 466 -14.69 -7.28 -1.59
CA ILE B 466 -15.99 -7.86 -1.32
C ILE B 466 -17.09 -6.96 -1.83
N ASP B 467 -16.88 -5.65 -1.76
CA ASP B 467 -17.95 -4.72 -2.11
C ASP B 467 -18.08 -4.52 -3.62
N ASN B 468 -16.98 -4.58 -4.35
CA ASN B 468 -17.10 -4.45 -5.80
C ASN B 468 -17.41 -5.77 -6.48
N ALA B 469 -17.22 -6.90 -5.82
CA ALA B 469 -17.62 -8.15 -6.43
C ALA B 469 -19.13 -8.18 -6.63
N ASN B 470 -19.89 -8.06 -5.55
CA ASN B 470 -21.33 -7.88 -5.64
C ASN B 470 -21.72 -6.82 -4.63
N ARG B 471 -22.24 -5.69 -5.11
CA ARG B 471 -22.37 -4.52 -4.26
C ARG B 471 -23.64 -4.49 -3.45
N ILE B 472 -24.47 -5.52 -3.52
CA ILE B 472 -25.58 -5.71 -2.60
C ILE B 472 -25.30 -6.84 -1.62
N LEU B 473 -25.12 -8.06 -2.13
CA LEU B 473 -24.87 -9.19 -1.25
C LEU B 473 -23.54 -9.10 -0.53
N GLY B 474 -22.63 -8.24 -0.96
CA GLY B 474 -21.35 -8.14 -0.31
C GLY B 474 -21.45 -7.66 1.12
N PRO B 475 -22.00 -6.45 1.30
CA PRO B 475 -22.18 -5.94 2.66
C PRO B 475 -23.06 -6.83 3.51
N VAL B 476 -24.05 -7.49 2.92
CA VAL B 476 -24.87 -8.41 3.70
C VAL B 476 -24.02 -9.56 4.22
N TYR B 477 -23.16 -10.10 3.37
CA TYR B 477 -22.25 -11.15 3.82
C TYR B 477 -21.35 -10.65 4.93
N PHE B 478 -20.67 -9.54 4.70
CA PHE B 478 -19.69 -9.06 5.68
C PHE B 478 -20.35 -8.76 7.02
N VAL B 479 -21.36 -7.90 7.02
CA VAL B 479 -22.05 -7.56 8.26
C VAL B 479 -22.59 -8.81 8.93
N THR B 480 -23.36 -9.62 8.20
CA THR B 480 -23.99 -10.78 8.79
C THR B 480 -22.97 -11.68 9.45
N TYR B 481 -21.84 -11.89 8.79
CA TYR B 481 -20.80 -12.74 9.37
C TYR B 481 -20.25 -12.12 10.63
N VAL B 482 -20.02 -10.82 10.62
CA VAL B 482 -19.49 -10.16 11.81
C VAL B 482 -20.42 -10.34 13.00
N PHE B 483 -21.71 -10.03 12.82
CA PHE B 483 -22.64 -10.27 13.91
C PHE B 483 -22.69 -11.72 14.33
N PHE B 484 -22.56 -12.65 13.39
CA PHE B 484 -22.55 -14.05 13.80
C PHE B 484 -21.41 -14.34 14.76
N VAL B 485 -20.18 -14.03 14.34
CA VAL B 485 -19.02 -14.37 15.16
C VAL B 485 -19.07 -13.62 16.49
N PHE B 486 -19.31 -12.32 16.43
CA PHE B 486 -19.45 -11.50 17.64
C PHE B 486 -20.45 -12.12 18.61
N PHE B 487 -21.64 -12.44 18.12
CA PHE B 487 -22.74 -12.89 18.96
C PHE B 487 -22.47 -14.27 19.55
N VAL B 488 -22.05 -15.21 18.72
CA VAL B 488 -21.74 -16.55 19.21
C VAL B 488 -20.63 -16.49 20.23
N LEU B 489 -19.57 -15.73 19.96
CA LEU B 489 -18.52 -15.55 20.94
C LEU B 489 -19.09 -15.04 22.27
N LEU B 490 -19.98 -14.06 22.20
CA LEU B 490 -20.66 -13.61 23.41
C LEU B 490 -21.28 -14.77 24.17
N ASN B 491 -22.23 -15.47 23.55
CA ASN B 491 -22.89 -16.57 24.24
C ASN B 491 -21.90 -17.56 24.81
N MET B 492 -20.74 -17.72 24.17
CA MET B 492 -19.69 -18.55 24.78
C MET B 492 -19.19 -17.92 26.07
N PHE B 493 -18.95 -16.61 26.08
CA PHE B 493 -18.56 -15.97 27.34
C PHE B 493 -19.61 -16.20 28.42
N LEU B 494 -20.87 -15.85 28.16
CA LEU B 494 -21.88 -15.99 29.21
C LEU B 494 -22.01 -17.43 29.66
N ALA B 495 -21.84 -18.39 28.75
CA ALA B 495 -21.89 -19.79 29.18
C ALA B 495 -20.74 -20.11 30.12
N ILE B 496 -19.52 -19.71 29.76
CA ILE B 496 -18.38 -20.01 30.63
C ILE B 496 -18.53 -19.31 31.98
N ILE B 497 -19.19 -18.16 32.02
CA ILE B 497 -19.44 -17.51 33.30
C ILE B 497 -20.51 -18.27 34.07
N ASN B 498 -21.45 -18.89 33.35
CA ASN B 498 -22.41 -19.77 34.04
C ASN B 498 -21.72 -20.98 34.66
N ASP B 499 -20.68 -21.51 34.02
CA ASP B 499 -19.93 -22.59 34.66
C ASP B 499 -19.19 -22.14 35.92
N THR B 500 -19.17 -20.84 36.20
CA THR B 500 -18.44 -20.30 37.34
C THR B 500 -19.41 -19.75 38.39
N LEU C 38 -37.12 -39.98 12.49
CA LEU C 38 -35.73 -39.90 12.08
C LEU C 38 -35.57 -40.23 10.60
N ARG C 39 -36.66 -40.62 9.95
CA ARG C 39 -36.62 -40.88 8.51
C ARG C 39 -36.67 -39.58 7.71
N GLU C 40 -37.56 -38.66 8.09
CA GLU C 40 -37.61 -37.35 7.45
C GLU C 40 -36.24 -36.67 7.49
N LEU C 41 -35.46 -36.93 8.52
CA LEU C 41 -34.08 -36.46 8.53
C LEU C 41 -33.31 -37.01 7.35
N VAL C 42 -33.27 -38.34 7.21
CA VAL C 42 -32.52 -38.95 6.11
C VAL C 42 -32.95 -38.38 4.77
N VAL C 43 -34.26 -38.37 4.52
CA VAL C 43 -34.76 -37.78 3.28
C VAL C 43 -34.26 -36.37 3.10
N TYR C 44 -34.25 -35.59 4.19
CA TYR C 44 -33.72 -34.23 4.13
C TYR C 44 -32.26 -34.22 3.70
N ILE C 45 -31.42 -35.08 4.27
CA ILE C 45 -30.03 -35.17 3.80
C ILE C 45 -30.02 -35.41 2.30
N VAL C 46 -30.83 -36.36 1.82
CA VAL C 46 -30.89 -36.61 0.38
C VAL C 46 -31.20 -35.32 -0.36
N PHE C 47 -32.04 -34.47 0.22
CA PHE C 47 -32.26 -33.17 -0.37
C PHE C 47 -30.99 -32.34 -0.40
N LEU C 48 -30.22 -32.33 0.69
CA LEU C 48 -28.98 -31.55 0.73
C LEU C 48 -27.99 -31.99 -0.33
N VAL C 49 -27.86 -33.30 -0.56
CA VAL C 49 -26.94 -33.69 -1.63
C VAL C 49 -27.55 -33.42 -3.01
N ASP C 50 -28.87 -33.43 -3.13
CA ASP C 50 -29.48 -33.04 -4.40
C ASP C 50 -29.13 -31.60 -4.75
N ILE C 51 -29.53 -30.66 -3.89
CA ILE C 51 -29.22 -29.26 -4.13
C ILE C 51 -27.72 -29.04 -4.22
N CYS C 52 -26.94 -29.80 -3.45
CA CYS C 52 -25.49 -29.64 -3.47
C CYS C 52 -24.93 -29.95 -4.85
N LEU C 53 -25.24 -31.13 -5.39
CA LEU C 53 -24.72 -31.45 -6.70
C LEU C 53 -25.29 -30.54 -7.77
N LEU C 54 -26.53 -30.08 -7.61
CA LEU C 54 -27.10 -29.21 -8.63
C LEU C 54 -26.41 -27.86 -8.66
N THR C 55 -26.07 -27.29 -7.50
CA THR C 55 -25.42 -26.00 -7.51
C THR C 55 -23.93 -26.10 -7.81
N TYR C 56 -23.23 -27.06 -7.23
CA TYR C 56 -21.83 -27.27 -7.62
C TYR C 56 -21.67 -27.78 -9.03
N GLY C 57 -22.74 -28.19 -9.70
CA GLY C 57 -22.61 -28.52 -11.09
C GLY C 57 -22.35 -27.33 -11.98
N MET C 58 -22.82 -26.15 -11.57
CA MET C 58 -22.71 -24.95 -12.39
C MET C 58 -21.31 -24.34 -12.34
N THR C 59 -20.63 -24.43 -11.21
CA THR C 59 -19.39 -23.70 -11.04
C THR C 59 -18.27 -24.33 -11.84
N SER C 60 -17.11 -23.70 -11.80
CA SER C 60 -15.88 -24.26 -12.34
C SER C 60 -14.71 -23.68 -11.57
N SER C 61 -13.69 -24.50 -11.31
CA SER C 61 -12.54 -23.99 -10.59
C SER C 61 -11.60 -23.20 -11.49
N SER C 62 -11.83 -23.24 -12.80
CA SER C 62 -11.03 -22.48 -13.76
C SER C 62 -11.66 -21.15 -14.11
N ALA C 63 -12.76 -20.78 -13.45
CA ALA C 63 -13.39 -19.51 -13.72
C ALA C 63 -12.53 -18.33 -13.28
N TYR C 64 -12.05 -18.36 -12.04
CA TYR C 64 -11.37 -17.19 -11.50
C TYR C 64 -10.23 -16.75 -12.39
N TYR C 65 -9.38 -17.68 -12.83
CA TYR C 65 -8.30 -17.26 -13.71
C TYR C 65 -8.81 -16.80 -15.05
N TYR C 66 -10.02 -17.16 -15.43
CA TYR C 66 -10.51 -16.69 -16.71
C TYR C 66 -10.92 -15.24 -16.62
N THR C 67 -11.68 -14.87 -15.58
CA THR C 67 -11.91 -13.45 -15.36
C THR C 67 -10.60 -12.71 -15.22
N LYS C 68 -9.74 -13.17 -14.30
CA LYS C 68 -8.49 -12.47 -14.04
C LYS C 68 -7.71 -12.21 -15.32
N VAL C 69 -7.67 -13.19 -16.21
CA VAL C 69 -6.93 -12.99 -17.45
C VAL C 69 -7.61 -11.98 -18.35
N MET C 70 -8.93 -12.07 -18.53
CA MET C 70 -9.54 -11.12 -19.43
C MET C 70 -9.45 -9.70 -18.87
N SER C 71 -9.81 -9.52 -17.61
CA SER C 71 -9.73 -8.20 -17.00
C SER C 71 -8.32 -7.64 -17.10
N GLU C 72 -7.31 -8.41 -16.75
CA GLU C 72 -5.97 -7.87 -16.91
C GLU C 72 -5.58 -7.69 -18.36
N LEU C 73 -6.32 -8.23 -19.31
CA LEU C 73 -6.02 -7.89 -20.69
C LEU C 73 -6.61 -6.55 -21.06
N PHE C 74 -7.88 -6.31 -20.77
CA PHE C 74 -8.49 -5.06 -21.21
C PHE C 74 -8.25 -3.90 -20.27
N LEU C 75 -8.35 -4.09 -18.98
CA LEU C 75 -8.27 -2.95 -18.08
C LEU C 75 -6.86 -2.38 -18.03
N HIS C 76 -5.87 -3.21 -17.73
CA HIS C 76 -4.59 -2.67 -17.28
C HIS C 76 -3.59 -2.34 -18.37
N THR C 77 -3.78 -2.79 -19.60
CA THR C 77 -2.73 -2.62 -20.61
C THR C 77 -2.67 -1.18 -21.08
N PRO C 78 -1.58 -0.47 -20.84
CA PRO C 78 -1.50 0.94 -21.25
C PRO C 78 -1.40 1.08 -22.75
N SER C 79 -1.72 2.28 -23.21
CA SER C 79 -1.46 2.67 -24.58
C SER C 79 -0.05 3.25 -24.66
N ASP C 80 0.29 3.88 -25.78
CA ASP C 80 1.56 4.57 -25.88
C ASP C 80 1.60 5.79 -24.99
N SER C 81 0.45 6.41 -24.74
CA SER C 81 0.34 7.61 -23.93
C SER C 81 0.26 7.28 -22.45
N GLY C 82 0.41 6.02 -22.07
CA GLY C 82 0.29 5.66 -20.68
C GLY C 82 -1.13 5.68 -20.18
N VAL C 83 -2.09 5.46 -21.07
CA VAL C 83 -3.50 5.53 -20.73
C VAL C 83 -4.01 4.10 -20.58
N SER C 84 -4.25 3.69 -19.34
CA SER C 84 -4.90 2.43 -19.07
C SER C 84 -6.40 2.65 -19.19
N PHE C 85 -7.20 1.63 -18.93
CA PHE C 85 -8.62 1.93 -18.86
C PHE C 85 -8.99 2.55 -17.54
N GLN C 86 -8.49 1.99 -16.43
CA GLN C 86 -8.84 2.54 -15.13
C GLN C 86 -8.47 4.00 -14.99
N THR C 87 -7.44 4.45 -15.70
CA THR C 87 -6.85 5.76 -15.49
C THR C 87 -7.42 6.81 -16.43
N ILE C 88 -8.44 6.46 -17.21
CA ILE C 88 -9.07 7.41 -18.10
C ILE C 88 -9.53 8.62 -17.30
N SER C 89 -9.13 9.81 -17.73
CA SER C 89 -9.47 11.06 -17.08
C SER C 89 -10.51 11.84 -17.85
N SER C 90 -10.16 12.29 -19.05
CA SER C 90 -11.02 13.15 -19.83
C SER C 90 -11.45 12.47 -21.12
N MET C 91 -12.14 13.19 -22.00
CA MET C 91 -12.59 12.56 -23.24
C MET C 91 -11.41 12.19 -24.14
N SER C 92 -10.42 13.07 -24.29
CA SER C 92 -9.31 12.74 -25.16
C SER C 92 -8.60 11.49 -24.69
N ASP C 93 -8.58 11.24 -23.38
CA ASP C 93 -8.08 9.95 -22.90
C ASP C 93 -8.95 8.80 -23.37
N PHE C 94 -10.27 8.97 -23.34
CA PHE C 94 -11.13 7.92 -23.84
C PHE C 94 -10.77 7.59 -25.28
N TRP C 95 -10.73 8.58 -26.14
CA TRP C 95 -10.36 8.26 -27.52
C TRP C 95 -8.97 7.66 -27.63
N ASP C 96 -8.02 8.08 -26.79
CA ASP C 96 -6.71 7.43 -26.81
C ASP C 96 -6.79 5.97 -26.40
N PHE C 97 -7.78 5.61 -25.60
CA PHE C 97 -8.00 4.21 -25.23
C PHE C 97 -8.71 3.43 -26.31
N ALA C 98 -9.81 3.95 -26.85
CA ALA C 98 -10.57 3.20 -27.83
C ALA C 98 -9.78 2.89 -29.08
N GLN C 99 -9.07 3.86 -29.65
CA GLN C 99 -8.20 3.61 -30.79
C GLN C 99 -6.87 3.02 -30.36
N GLY C 100 -6.68 2.83 -29.07
CA GLY C 100 -5.48 2.31 -28.47
C GLY C 100 -5.57 0.82 -28.27
N PRO C 101 -5.17 0.37 -27.09
CA PRO C 101 -5.21 -1.06 -26.77
C PRO C 101 -6.50 -1.78 -27.14
N LEU C 102 -7.66 -1.18 -26.92
CA LEU C 102 -8.91 -1.87 -27.18
C LEU C 102 -9.04 -2.39 -28.60
N LEU C 103 -8.41 -1.77 -29.58
CA LEU C 103 -8.39 -2.37 -30.90
C LEU C 103 -7.25 -3.33 -31.11
N ASP C 104 -6.24 -3.32 -30.24
CA ASP C 104 -5.23 -4.36 -30.31
C ASP C 104 -5.39 -5.45 -29.27
N SER C 105 -6.29 -5.30 -28.31
CA SER C 105 -6.62 -6.38 -27.39
C SER C 105 -7.91 -7.09 -27.78
N LEU C 106 -8.50 -6.72 -28.91
CA LEU C 106 -9.61 -7.47 -29.49
C LEU C 106 -9.21 -8.34 -30.65
N TYR C 107 -8.66 -7.78 -31.69
CA TYR C 107 -8.42 -8.52 -32.92
C TYR C 107 -7.03 -9.11 -32.84
N TRP C 108 -6.96 -10.43 -32.68
CA TRP C 108 -5.70 -11.13 -32.77
C TRP C 108 -5.70 -11.89 -34.07
N THR C 109 -4.58 -11.84 -34.77
CA THR C 109 -4.46 -12.44 -36.08
C THR C 109 -3.27 -13.36 -36.10
N LYS C 110 -2.09 -12.84 -35.77
CA LYS C 110 -0.84 -13.52 -36.01
C LYS C 110 -0.20 -13.94 -34.69
N TRP C 111 0.64 -14.96 -34.75
CA TRP C 111 1.28 -15.48 -33.55
C TRP C 111 2.29 -14.49 -32.99
N TYR C 112 2.92 -14.88 -31.89
CA TYR C 112 3.97 -14.06 -31.31
C TYR C 112 5.22 -14.06 -32.18
N ASN C 113 5.41 -15.07 -33.02
CA ASN C 113 6.53 -15.08 -33.94
C ASN C 113 6.18 -14.42 -35.26
N ASN C 114 5.02 -13.77 -35.34
CA ASN C 114 4.61 -13.02 -36.51
C ASN C 114 4.35 -13.95 -37.69
N GLN C 115 4.00 -15.19 -37.38
CA GLN C 115 3.42 -16.13 -38.33
C GLN C 115 1.91 -16.09 -38.22
N SER C 116 1.25 -16.21 -39.36
CA SER C 116 -0.21 -16.10 -39.37
C SER C 116 -0.85 -17.26 -38.63
N LEU C 117 -1.97 -16.98 -37.99
CA LEU C 117 -2.76 -18.01 -37.33
C LEU C 117 -3.79 -18.57 -38.29
N GLY C 118 -3.99 -19.89 -38.23
CA GLY C 118 -4.65 -20.59 -39.30
C GLY C 118 -6.14 -20.78 -39.14
N ARG C 119 -6.78 -19.96 -38.31
CA ARG C 119 -8.24 -20.04 -38.21
C ARG C 119 -8.86 -18.84 -38.93
N GLY C 120 -9.78 -19.13 -39.85
CA GLY C 120 -10.21 -18.11 -40.77
C GLY C 120 -10.99 -16.95 -40.18
N SER C 121 -10.43 -15.75 -40.32
CA SER C 121 -11.13 -14.47 -40.24
C SER C 121 -11.73 -14.17 -38.87
N HIS C 122 -11.88 -15.18 -38.01
CA HIS C 122 -12.36 -14.92 -36.67
C HIS C 122 -11.21 -14.51 -35.76
N SER C 123 -11.55 -13.77 -34.72
CA SER C 123 -10.56 -13.20 -33.81
C SER C 123 -10.52 -14.00 -32.52
N PHE C 124 -9.40 -14.67 -32.27
CA PHE C 124 -9.23 -15.48 -31.06
C PHE C 124 -8.38 -14.72 -30.07
N ILE C 125 -8.98 -14.30 -28.98
CA ILE C 125 -8.28 -13.57 -27.94
C ILE C 125 -7.45 -14.55 -27.12
N TYR C 126 -6.15 -14.29 -27.02
CA TYR C 126 -5.19 -15.23 -26.44
C TYR C 126 -5.16 -16.55 -27.18
N TYR C 127 -5.61 -16.58 -28.43
CA TYR C 127 -5.56 -17.73 -29.31
C TYR C 127 -6.51 -18.83 -28.84
N GLU C 128 -6.92 -18.78 -27.58
CA GLU C 128 -7.78 -19.81 -27.01
C GLU C 128 -9.24 -19.38 -26.87
N ASN C 129 -9.57 -18.13 -27.20
CA ASN C 129 -10.89 -17.59 -26.87
C ASN C 129 -11.55 -16.99 -28.09
N LEU C 130 -12.71 -17.52 -28.47
CA LEU C 130 -13.44 -17.02 -29.62
C LEU C 130 -14.21 -15.76 -29.24
N LEU C 131 -14.36 -14.87 -30.20
CA LEU C 131 -15.07 -13.61 -29.99
C LEU C 131 -16.44 -13.73 -30.64
N LEU C 132 -17.50 -13.58 -29.85
CA LEU C 132 -18.86 -13.82 -30.31
C LEU C 132 -19.44 -12.56 -30.91
N GLY C 133 -19.76 -12.60 -32.19
CA GLY C 133 -20.41 -11.47 -32.83
C GLY C 133 -19.48 -10.28 -32.95
N ALA C 134 -20.01 -9.09 -32.71
CA ALA C 134 -19.25 -7.86 -32.83
C ALA C 134 -19.41 -7.06 -31.56
N PRO C 135 -18.44 -6.22 -31.23
CA PRO C 135 -18.57 -5.35 -30.06
C PRO C 135 -19.48 -4.16 -30.37
N ARG C 136 -20.10 -3.63 -29.32
CA ARG C 136 -21.04 -2.53 -29.51
C ARG C 136 -20.77 -1.40 -28.53
N LEU C 137 -20.55 -0.20 -29.07
CA LEU C 137 -20.63 1.04 -28.30
C LEU C 137 -22.05 1.55 -28.26
N ARG C 138 -22.45 2.10 -27.13
CA ARG C 138 -23.67 2.90 -27.19
C ARG C 138 -23.62 3.98 -26.13
N GLN C 139 -24.26 5.10 -26.44
CA GLN C 139 -24.10 6.36 -25.74
C GLN C 139 -25.45 6.81 -25.20
N LEU C 140 -25.45 7.70 -24.22
CA LEU C 140 -26.69 8.35 -23.84
C LEU C 140 -26.51 9.86 -23.79
N ARG C 141 -27.47 10.57 -24.36
CA ARG C 141 -27.39 12.02 -24.49
C ARG C 141 -28.46 12.64 -23.63
N VAL C 142 -28.27 13.90 -23.28
CA VAL C 142 -29.26 14.65 -22.51
C VAL C 142 -29.60 15.92 -23.28
N ARG C 143 -30.84 16.39 -23.13
CA ARG C 143 -31.40 17.40 -24.01
C ARG C 143 -30.61 18.70 -23.92
N ASN C 144 -30.65 19.47 -25.02
CA ASN C 144 -29.88 20.69 -25.12
C ASN C 144 -30.09 21.59 -23.92
N ASP C 145 -31.28 22.15 -23.78
CA ASP C 145 -31.59 23.02 -22.66
C ASP C 145 -32.36 22.19 -21.66
N SER C 146 -31.66 21.71 -20.65
CA SER C 146 -32.26 20.83 -19.67
C SER C 146 -32.57 21.46 -18.33
N CYS C 147 -32.17 22.72 -18.11
CA CYS C 147 -32.47 23.34 -16.84
C CYS C 147 -32.50 24.84 -17.08
N VAL C 148 -32.50 25.62 -16.00
CA VAL C 148 -32.54 27.07 -16.07
C VAL C 148 -31.19 27.60 -15.59
N VAL C 149 -30.42 28.17 -16.51
CA VAL C 149 -29.19 28.85 -16.12
C VAL C 149 -29.55 29.99 -15.20
N HIS C 150 -28.72 30.22 -14.19
CA HIS C 150 -29.05 31.27 -13.25
C HIS C 150 -28.98 32.64 -13.93
N GLU C 151 -29.66 33.61 -13.33
CA GLU C 151 -29.86 34.92 -13.95
C GLU C 151 -28.57 35.69 -14.17
N ASP C 152 -27.58 35.52 -13.29
CA ASP C 152 -26.36 36.32 -13.41
C ASP C 152 -25.56 35.93 -14.65
N PHE C 153 -25.52 34.65 -14.97
CA PHE C 153 -24.58 34.12 -15.95
C PHE C 153 -25.18 34.00 -17.34
N ARG C 154 -26.45 34.37 -17.51
CA ARG C 154 -27.13 34.17 -18.79
C ARG C 154 -26.38 34.79 -19.95
N GLU C 155 -25.50 35.74 -19.69
CA GLU C 155 -24.68 36.35 -20.71
C GLU C 155 -23.58 35.43 -21.23
N ASP C 156 -22.88 34.72 -20.35
CA ASP C 156 -21.77 33.87 -20.75
C ASP C 156 -22.13 32.41 -20.99
N ILE C 157 -23.32 31.97 -20.60
CA ILE C 157 -23.67 30.56 -20.64
C ILE C 157 -25.00 30.43 -21.37
N LEU C 158 -24.98 29.82 -22.54
CA LEU C 158 -26.17 29.68 -23.35
C LEU C 158 -26.85 28.32 -23.25
N ASN C 159 -26.32 27.39 -22.45
CA ASN C 159 -26.87 26.04 -22.44
C ASN C 159 -26.71 25.40 -21.08
N CYS C 160 -27.70 24.61 -20.70
CA CYS C 160 -27.64 23.77 -19.51
C CYS C 160 -27.93 22.33 -19.89
N TYR C 161 -26.96 21.47 -19.63
CA TYR C 161 -27.11 20.02 -19.78
C TYR C 161 -27.18 19.47 -18.37
N ASP C 162 -28.34 18.97 -17.95
CA ASP C 162 -28.47 18.59 -16.56
C ASP C 162 -27.94 17.18 -16.34
N VAL C 163 -28.03 16.72 -15.09
CA VAL C 163 -27.68 15.35 -14.77
C VAL C 163 -28.63 14.40 -15.50
N TYR C 164 -28.18 13.17 -15.72
CA TYR C 164 -29.01 12.20 -16.42
C TYR C 164 -30.21 11.78 -15.60
N SER C 165 -31.38 11.88 -16.20
CA SER C 165 -32.59 11.22 -15.72
C SER C 165 -33.38 10.86 -16.96
N PRO C 166 -34.09 9.73 -16.98
CA PRO C 166 -34.72 9.27 -18.22
C PRO C 166 -35.74 10.22 -18.79
N ASP C 167 -36.21 11.20 -18.00
CA ASP C 167 -37.12 12.20 -18.50
C ASP C 167 -36.48 13.14 -19.50
N LYS C 168 -35.18 13.41 -19.34
CA LYS C 168 -34.50 14.43 -20.14
C LYS C 168 -33.67 13.84 -21.28
N GLU C 169 -33.71 12.53 -21.48
CA GLU C 169 -32.86 11.89 -22.49
C GLU C 169 -33.13 12.46 -23.87
N ASP C 170 -32.07 12.83 -24.57
CA ASP C 170 -32.20 13.51 -25.84
C ASP C 170 -32.38 12.51 -26.98
N GLN C 171 -33.52 12.59 -27.65
CA GLN C 171 -33.87 11.64 -28.70
C GLN C 171 -33.65 12.17 -30.10
N LEU C 172 -33.16 13.32 -30.25
CA LEU C 172 -33.01 13.77 -31.62
C LEU C 172 -31.64 13.40 -32.20
N PRO C 173 -31.53 13.33 -33.51
CA PRO C 173 -30.22 13.08 -34.13
C PRO C 173 -29.28 14.27 -33.95
N PHE C 174 -28.00 14.01 -34.19
CA PHE C 174 -26.99 15.06 -34.15
C PHE C 174 -25.86 14.67 -35.09
N GLY C 175 -24.80 15.46 -35.07
CA GLY C 175 -23.70 15.28 -36.00
C GLY C 175 -24.19 15.27 -37.43
N PRO C 176 -23.55 14.46 -38.28
CA PRO C 176 -24.05 14.27 -39.65
C PRO C 176 -25.43 13.63 -39.74
N GLN C 177 -25.94 13.03 -38.66
CA GLN C 177 -27.34 12.64 -38.53
C GLN C 177 -27.72 11.53 -39.50
N ASN C 178 -26.89 10.51 -39.67
CA ASN C 178 -27.08 9.58 -40.77
C ASN C 178 -27.17 8.14 -40.28
N GLY C 179 -26.07 7.56 -39.82
CA GLY C 179 -26.04 6.17 -39.43
C GLY C 179 -26.76 5.90 -38.12
N THR C 180 -26.65 4.66 -37.68
CA THR C 180 -27.22 4.26 -36.41
C THR C 180 -26.40 4.72 -35.23
N ALA C 181 -25.22 5.28 -35.48
CA ALA C 181 -24.45 5.89 -34.42
C ALA C 181 -24.90 7.30 -34.09
N TRP C 182 -25.45 8.01 -35.08
CA TRP C 182 -25.82 9.41 -34.92
C TRP C 182 -27.31 9.61 -34.67
N THR C 183 -28.10 8.56 -34.56
CA THR C 183 -29.54 8.67 -34.47
C THR C 183 -30.09 7.75 -33.39
N TYR C 184 -31.13 8.21 -32.71
CA TYR C 184 -31.59 7.53 -31.51
C TYR C 184 -32.17 6.16 -31.84
N HIS C 185 -32.17 5.30 -30.84
CA HIS C 185 -32.83 4.01 -30.90
C HIS C 185 -33.46 3.73 -29.56
N SER C 186 -34.70 3.25 -29.56
CA SER C 186 -35.44 3.04 -28.34
C SER C 186 -34.88 1.84 -27.59
N GLN C 187 -35.48 1.51 -26.46
CA GLN C 187 -35.08 0.33 -25.71
C GLN C 187 -35.69 -0.95 -26.26
N ASN C 188 -36.69 -0.87 -27.13
CA ASN C 188 -37.16 -2.07 -27.80
C ASN C 188 -36.29 -2.46 -28.98
N GLU C 189 -35.99 -1.52 -29.87
CA GLU C 189 -35.16 -1.81 -31.04
C GLU C 189 -33.82 -2.37 -30.64
N LEU C 190 -33.34 -2.03 -29.46
CA LEU C 190 -32.18 -2.68 -28.85
C LEU C 190 -32.70 -3.43 -27.64
N GLY C 191 -32.79 -4.74 -27.73
CA GLY C 191 -33.26 -5.50 -26.58
C GLY C 191 -32.30 -5.31 -25.45
N GLY C 192 -32.76 -4.80 -24.32
CA GLY C 192 -31.84 -4.51 -23.24
C GLY C 192 -32.57 -4.09 -21.99
N SER C 193 -31.88 -4.21 -20.86
CA SER C 193 -32.43 -3.88 -19.56
C SER C 193 -31.61 -2.73 -18.98
N SER C 194 -32.00 -2.33 -17.79
CA SER C 194 -31.36 -1.21 -17.10
C SER C 194 -29.98 -1.63 -16.65
N HIS C 195 -28.96 -0.88 -17.04
CA HIS C 195 -27.69 -0.96 -16.36
C HIS C 195 -27.69 -0.02 -15.19
N TRP C 196 -27.21 -0.50 -14.05
CA TRP C 196 -27.16 0.31 -12.83
C TRP C 196 -25.71 0.54 -12.45
N GLY C 197 -25.24 1.75 -12.69
CA GLY C 197 -23.84 2.09 -12.55
C GLY C 197 -23.54 2.73 -11.22
N ARG C 198 -22.52 3.58 -11.21
CA ARG C 198 -22.16 4.23 -9.95
C ARG C 198 -23.08 5.40 -9.65
N LEU C 199 -23.41 6.21 -10.64
CA LEU C 199 -24.24 7.38 -10.36
C LEU C 199 -25.70 6.99 -10.26
N THR C 200 -26.34 6.70 -11.39
CA THR C 200 -27.74 6.34 -11.41
C THR C 200 -27.96 5.25 -12.44
N SER C 201 -29.13 4.63 -12.38
CA SER C 201 -29.49 3.62 -13.35
C SER C 201 -29.66 4.25 -14.73
N TYR C 202 -29.49 3.44 -15.77
CA TYR C 202 -29.50 3.90 -17.14
C TYR C 202 -30.41 2.99 -17.95
N SER C 203 -31.01 3.53 -18.99
CA SER C 203 -31.93 2.75 -19.81
C SER C 203 -31.14 1.91 -20.81
N GLY C 204 -31.85 1.30 -21.76
CA GLY C 204 -31.21 0.51 -22.78
C GLY C 204 -31.19 1.10 -24.17
N GLY C 205 -31.57 2.36 -24.34
CA GLY C 205 -31.63 2.95 -25.65
C GLY C 205 -30.30 3.53 -26.04
N GLY C 206 -30.33 4.62 -26.80
CA GLY C 206 -29.11 5.33 -27.09
C GLY C 206 -28.63 5.15 -28.51
N TYR C 207 -27.46 5.68 -28.81
CA TYR C 207 -26.94 5.69 -30.16
C TYR C 207 -25.85 4.63 -30.26
N TYR C 208 -26.22 3.47 -30.80
CA TYR C 208 -25.25 2.38 -30.82
C TYR C 208 -24.38 2.45 -32.07
N LEU C 209 -23.21 1.84 -31.97
CA LEU C 209 -22.43 1.52 -33.15
C LEU C 209 -21.87 0.12 -32.99
N ASP C 210 -21.86 -0.65 -34.07
CA ASP C 210 -21.37 -2.02 -34.06
C ASP C 210 -20.12 -2.11 -34.92
N LEU C 211 -19.00 -2.41 -34.28
CA LEU C 211 -17.72 -2.42 -34.99
C LEU C 211 -17.68 -3.55 -36.00
N PRO C 212 -17.10 -3.32 -37.15
CA PRO C 212 -16.98 -4.38 -38.15
C PRO C 212 -16.05 -5.50 -37.72
N GLY C 213 -15.80 -6.45 -38.63
CA GLY C 213 -15.01 -7.62 -38.29
C GLY C 213 -13.53 -7.44 -38.06
N SER C 214 -12.81 -6.93 -39.04
CA SER C 214 -11.36 -6.88 -38.96
C SER C 214 -10.95 -5.72 -38.06
N ARG C 215 -9.65 -5.48 -37.94
CA ARG C 215 -9.23 -4.28 -37.21
C ARG C 215 -9.33 -3.03 -38.06
N GLN C 216 -8.82 -3.07 -39.28
CA GLN C 216 -8.69 -1.86 -40.07
C GLN C 216 -10.02 -1.17 -40.25
N ALA C 217 -11.06 -1.92 -40.62
CA ALA C 217 -12.37 -1.31 -40.77
C ALA C 217 -12.85 -0.71 -39.46
N SER C 218 -12.53 -1.36 -38.34
CA SER C 218 -12.93 -0.81 -37.04
C SER C 218 -12.26 0.53 -36.77
N ALA C 219 -10.95 0.60 -36.96
CA ALA C 219 -10.26 1.87 -36.80
C ALA C 219 -10.83 2.93 -37.72
N GLU C 220 -11.18 2.57 -38.96
CA GLU C 220 -11.89 3.53 -39.81
C GLU C 220 -13.15 4.02 -39.16
N ALA C 221 -13.92 3.13 -38.52
CA ALA C 221 -15.13 3.56 -37.82
C ALA C 221 -14.81 4.58 -36.74
N LEU C 222 -14.13 4.14 -35.68
CA LEU C 222 -13.88 5.05 -34.56
C LEU C 222 -13.19 6.32 -34.99
N GLN C 223 -12.30 6.26 -35.97
CA GLN C 223 -11.78 7.49 -36.53
C GLN C 223 -12.89 8.35 -37.10
N GLY C 224 -13.86 7.72 -37.75
CA GLY C 224 -15.03 8.45 -38.22
C GLY C 224 -15.84 9.08 -37.11
N LEU C 225 -15.86 8.48 -35.92
CA LEU C 225 -16.55 9.07 -34.79
C LEU C 225 -15.75 10.12 -34.04
N GLN C 226 -14.42 10.13 -34.18
CA GLN C 226 -13.66 11.26 -33.69
C GLN C 226 -13.72 12.45 -34.64
N GLU C 227 -13.80 12.19 -35.95
CA GLU C 227 -13.93 13.27 -36.92
C GLU C 227 -15.02 14.23 -36.50
N GLY C 228 -16.27 13.80 -36.58
CA GLY C 228 -17.31 14.53 -35.90
C GLY C 228 -17.16 14.38 -34.40
N LEU C 229 -18.03 15.05 -33.65
CA LEU C 229 -17.96 14.89 -32.20
C LEU C 229 -19.05 13.93 -31.79
N TRP C 230 -18.65 12.70 -31.50
CA TRP C 230 -19.63 11.75 -31.03
C TRP C 230 -19.66 11.75 -29.52
N LEU C 231 -18.71 12.43 -28.91
CA LEU C 231 -18.76 12.76 -27.49
C LEU C 231 -18.74 14.27 -27.39
N ASP C 232 -19.86 14.86 -26.96
CA ASP C 232 -19.91 16.30 -26.76
C ASP C 232 -20.55 16.57 -25.40
N ARG C 233 -20.80 17.84 -25.08
CA ARG C 233 -21.28 18.15 -23.74
C ARG C 233 -22.53 17.38 -23.39
N GLY C 234 -23.32 16.99 -24.39
CA GLY C 234 -24.54 16.27 -24.10
C GLY C 234 -24.36 14.87 -23.58
N THR C 235 -23.21 14.27 -23.85
CA THR C 235 -22.98 12.87 -23.51
C THR C 235 -23.08 12.65 -22.01
N ARG C 236 -23.54 11.47 -21.63
CA ARG C 236 -23.54 11.10 -20.23
C ARG C 236 -22.89 9.75 -19.96
N VAL C 237 -23.39 8.67 -20.56
CA VAL C 237 -22.81 7.36 -20.34
C VAL C 237 -22.37 6.79 -21.67
N VAL C 238 -21.27 6.04 -21.66
CA VAL C 238 -20.79 5.33 -22.83
C VAL C 238 -20.50 3.89 -22.43
N PHE C 239 -21.08 2.94 -23.15
CA PHE C 239 -20.95 1.52 -22.91
C PHE C 239 -20.16 0.88 -24.04
N ILE C 240 -19.31 -0.08 -23.69
CA ILE C 240 -18.67 -0.97 -24.65
C ILE C 240 -19.00 -2.38 -24.20
N ASP C 241 -19.75 -3.11 -25.01
CA ASP C 241 -20.16 -4.45 -24.64
C ASP C 241 -19.58 -5.45 -25.62
N PHE C 242 -18.96 -6.50 -25.08
CA PHE C 242 -18.67 -7.65 -25.93
C PHE C 242 -18.44 -8.87 -25.06
N SER C 243 -18.53 -10.04 -25.70
CA SER C 243 -18.51 -11.30 -25.01
C SER C 243 -17.64 -12.29 -25.75
N VAL C 244 -17.16 -13.30 -25.03
CA VAL C 244 -16.10 -14.19 -25.49
C VAL C 244 -16.45 -15.60 -25.06
N TYR C 245 -16.21 -16.59 -25.91
CA TYR C 245 -16.49 -17.97 -25.58
C TYR C 245 -15.23 -18.81 -25.61
N ASN C 246 -14.99 -19.56 -24.54
CA ASN C 246 -13.80 -20.38 -24.41
C ASN C 246 -14.10 -21.81 -24.82
N ALA C 247 -13.35 -22.32 -25.79
CA ALA C 247 -13.61 -23.65 -26.32
C ALA C 247 -13.05 -24.77 -25.46
N ASN C 248 -11.94 -24.53 -24.76
CA ASN C 248 -11.20 -25.62 -24.11
C ASN C 248 -12.00 -26.12 -22.93
N ILE C 249 -12.10 -25.32 -21.88
CA ILE C 249 -13.19 -25.51 -20.93
C ILE C 249 -14.42 -24.97 -21.63
N ASN C 250 -15.54 -24.94 -20.94
CA ASN C 250 -16.74 -24.34 -21.53
C ASN C 250 -17.19 -23.22 -20.60
N LEU C 251 -16.97 -21.99 -21.04
CA LEU C 251 -17.41 -20.81 -20.32
C LEU C 251 -17.51 -19.63 -21.27
N PHE C 252 -18.31 -18.67 -20.88
CA PHE C 252 -18.41 -17.37 -21.52
C PHE C 252 -17.84 -16.32 -20.60
N CYS C 253 -17.11 -15.36 -21.15
CA CYS C 253 -16.76 -14.15 -20.41
C CYS C 253 -17.46 -13.01 -21.12
N ILE C 254 -18.50 -12.48 -20.49
CA ILE C 254 -19.25 -11.36 -21.01
C ILE C 254 -18.85 -10.13 -20.22
N LEU C 255 -18.52 -9.05 -20.92
CA LEU C 255 -17.97 -7.91 -20.23
C LEU C 255 -18.49 -6.60 -20.79
N ARG C 256 -18.77 -5.69 -19.85
CA ARG C 256 -19.21 -4.33 -20.10
C ARG C 256 -18.16 -3.37 -19.57
N LEU C 257 -17.78 -2.41 -20.40
CA LEU C 257 -16.90 -1.34 -19.98
C LEU C 257 -17.74 -0.08 -19.99
N VAL C 258 -18.00 0.46 -18.81
CA VAL C 258 -18.94 1.55 -18.60
C VAL C 258 -18.15 2.79 -18.19
N VAL C 259 -18.10 3.79 -19.05
CA VAL C 259 -17.45 5.05 -18.72
C VAL C 259 -18.54 6.10 -18.56
N GLU C 260 -18.55 6.79 -17.42
CA GLU C 260 -19.58 7.77 -17.17
C GLU C 260 -19.02 9.17 -17.25
N PHE C 261 -19.75 10.08 -17.87
CA PHE C 261 -19.34 11.47 -17.89
C PHE C 261 -20.33 12.24 -17.04
N PRO C 262 -20.00 12.66 -15.84
CA PRO C 262 -20.99 13.38 -15.03
C PRO C 262 -21.24 14.76 -15.62
N ALA C 263 -22.19 15.48 -15.00
CA ALA C 263 -22.42 16.85 -15.41
C ALA C 263 -21.23 17.72 -15.10
N THR C 264 -20.43 17.33 -14.11
CA THR C 264 -19.32 18.14 -13.67
C THR C 264 -18.16 18.12 -14.63
N GLY C 265 -18.20 17.26 -15.64
CA GLY C 265 -17.06 17.03 -16.49
C GLY C 265 -16.26 15.83 -16.03
N GLY C 266 -15.22 15.54 -16.78
CA GLY C 266 -14.38 14.44 -16.41
C GLY C 266 -15.04 13.12 -16.72
N THR C 267 -14.51 12.06 -16.10
CA THR C 267 -14.98 10.72 -16.35
C THR C 267 -14.88 9.87 -15.10
N ILE C 268 -15.67 8.81 -15.08
CA ILE C 268 -15.66 7.80 -14.04
C ILE C 268 -15.70 6.44 -14.73
N PRO C 269 -14.56 5.82 -15.01
CA PRO C 269 -14.59 4.48 -15.59
C PRO C 269 -14.94 3.43 -14.58
N SER C 270 -15.64 2.41 -15.06
CA SER C 270 -16.12 1.29 -14.27
C SER C 270 -16.34 0.12 -15.20
N TRP C 271 -16.44 -1.08 -14.64
CA TRP C 271 -16.49 -2.27 -15.48
C TRP C 271 -17.23 -3.38 -14.78
N GLN C 272 -17.84 -4.27 -15.57
CA GLN C 272 -18.40 -5.52 -15.07
C GLN C 272 -17.96 -6.66 -15.96
N ILE C 273 -17.38 -7.68 -15.37
CA ILE C 273 -16.92 -8.85 -16.09
C ILE C 273 -17.52 -10.08 -15.43
N ARG C 274 -18.35 -10.80 -16.16
CA ARG C 274 -19.03 -11.99 -15.65
C ARG C 274 -18.68 -13.17 -16.52
N THR C 275 -18.16 -14.23 -15.93
CA THR C 275 -17.96 -15.49 -16.63
C THR C 275 -19.03 -16.47 -16.18
N VAL C 276 -19.56 -17.21 -17.14
CA VAL C 276 -20.83 -17.89 -17.00
C VAL C 276 -20.77 -19.20 -17.76
N LYS C 277 -21.30 -20.26 -17.15
CA LYS C 277 -21.54 -21.49 -17.88
C LYS C 277 -22.98 -21.42 -18.38
N LEU C 278 -23.15 -21.22 -19.68
CA LEU C 278 -24.51 -21.13 -20.20
C LEU C 278 -24.97 -22.48 -20.72
N ILE C 279 -24.29 -23.00 -21.73
CA ILE C 279 -24.61 -24.32 -22.25
C ILE C 279 -24.19 -25.31 -21.16
N ARG C 280 -25.14 -26.09 -20.67
CA ARG C 280 -24.81 -27.09 -19.67
C ARG C 280 -24.57 -28.46 -20.30
N TYR C 281 -24.71 -28.56 -21.62
CA TYR C 281 -24.49 -29.83 -22.31
C TYR C 281 -22.99 -30.01 -22.48
N VAL C 282 -22.50 -31.11 -21.91
CA VAL C 282 -21.10 -31.48 -21.99
C VAL C 282 -20.95 -32.90 -22.49
N ASN C 283 -21.44 -33.86 -21.72
CA ASN C 283 -21.40 -35.28 -22.06
C ASN C 283 -22.67 -35.91 -21.49
N ASN C 284 -22.69 -37.24 -21.42
CA ASN C 284 -23.76 -37.93 -20.71
C ASN C 284 -23.96 -37.38 -19.30
N TRP C 285 -22.92 -36.84 -18.69
CA TRP C 285 -23.05 -36.13 -17.42
C TRP C 285 -24.11 -35.05 -17.47
N ASP C 286 -24.27 -34.37 -18.61
CA ASP C 286 -25.38 -33.43 -18.75
C ASP C 286 -26.73 -34.13 -18.64
N PHE C 287 -26.83 -35.36 -19.15
CA PHE C 287 -28.06 -36.13 -18.98
C PHE C 287 -28.26 -36.54 -17.52
N PHE C 288 -27.16 -36.83 -16.81
CA PHE C 288 -27.25 -36.97 -15.36
C PHE C 288 -27.68 -35.68 -14.69
N ILE C 289 -27.45 -34.52 -15.32
CA ILE C 289 -27.93 -33.25 -14.80
C ILE C 289 -29.40 -33.06 -15.10
N VAL C 290 -29.89 -33.59 -16.23
CA VAL C 290 -31.33 -33.57 -16.49
C VAL C 290 -32.05 -34.47 -15.48
N GLY C 291 -31.54 -35.68 -15.28
CA GLY C 291 -32.07 -36.52 -14.22
C GLY C 291 -32.01 -35.85 -12.87
N CYS C 292 -30.89 -35.16 -12.58
CA CYS C 292 -30.80 -34.44 -11.32
C CYS C 292 -31.90 -33.38 -11.20
N GLU C 293 -32.15 -32.64 -12.28
CA GLU C 293 -33.19 -31.62 -12.24
C GLU C 293 -34.56 -32.24 -11.97
N VAL C 294 -34.91 -33.30 -12.70
CA VAL C 294 -36.23 -33.88 -12.48
C VAL C 294 -36.34 -34.50 -11.09
N VAL C 295 -35.24 -35.05 -10.56
CA VAL C 295 -35.26 -35.49 -9.18
C VAL C 295 -35.53 -34.32 -8.25
N PHE C 296 -34.93 -33.17 -8.53
CA PHE C 296 -35.15 -32.00 -7.68
C PHE C 296 -36.61 -31.58 -7.70
N CYS C 297 -37.22 -31.53 -8.87
CA CYS C 297 -38.64 -31.14 -8.87
C CYS C 297 -39.50 -32.21 -8.19
N VAL C 298 -39.13 -33.48 -8.31
CA VAL C 298 -39.80 -34.50 -7.49
C VAL C 298 -39.72 -34.13 -6.02
N PHE C 299 -38.52 -33.76 -5.56
CA PHE C 299 -38.35 -33.36 -4.16
C PHE C 299 -39.28 -32.20 -3.80
N ILE C 300 -39.29 -31.14 -4.61
CA ILE C 300 -40.07 -29.98 -4.23
C ILE C 300 -41.57 -30.30 -4.22
N PHE C 301 -42.05 -31.15 -5.14
CA PHE C 301 -43.44 -31.56 -5.04
C PHE C 301 -43.69 -32.33 -3.75
N TYR C 302 -42.77 -33.23 -3.39
CA TYR C 302 -42.89 -33.90 -2.09
C TYR C 302 -42.99 -32.89 -0.96
N TYR C 303 -42.25 -31.79 -1.03
CA TYR C 303 -42.19 -30.83 0.05
C TYR C 303 -43.36 -29.86 0.04
N VAL C 304 -44.06 -29.69 -1.08
CA VAL C 304 -45.31 -28.95 -1.04
C VAL C 304 -46.44 -29.83 -0.53
N VAL C 305 -46.41 -31.12 -0.87
CA VAL C 305 -47.37 -32.05 -0.27
C VAL C 305 -47.22 -32.07 1.24
N GLU C 306 -46.01 -32.37 1.74
CA GLU C 306 -45.80 -32.35 3.18
C GLU C 306 -45.84 -30.95 3.76
N GLU C 307 -45.78 -29.92 2.92
CA GLU C 307 -45.81 -28.55 3.42
C GLU C 307 -47.22 -28.11 3.75
N ILE C 308 -48.18 -28.36 2.85
CA ILE C 308 -49.50 -27.76 2.98
C ILE C 308 -50.25 -28.21 4.23
N LEU C 309 -50.18 -29.50 4.59
CA LEU C 309 -50.94 -30.02 5.72
C LEU C 309 -50.54 -29.36 7.05
N VAL C 322 -42.43 -21.53 12.79
CA VAL C 322 -41.31 -20.61 12.66
C VAL C 322 -40.35 -21.12 11.59
N TRP C 323 -39.85 -22.34 11.79
CA TRP C 323 -38.96 -22.93 10.81
C TRP C 323 -39.66 -23.17 9.48
N ASN C 324 -40.98 -23.38 9.51
CA ASN C 324 -41.72 -23.52 8.27
C ASN C 324 -41.72 -22.23 7.45
N ILE C 325 -41.44 -21.09 8.07
CA ILE C 325 -41.12 -19.89 7.30
C ILE C 325 -39.94 -20.17 6.40
N LEU C 326 -38.84 -20.62 7.00
CA LEU C 326 -37.67 -21.00 6.22
C LEU C 326 -38.02 -22.04 5.17
N ASP C 327 -38.95 -22.95 5.50
CA ASP C 327 -39.35 -23.96 4.52
C ASP C 327 -40.01 -23.33 3.30
N LEU C 328 -41.01 -22.46 3.52
CA LEU C 328 -41.70 -21.83 2.40
C LEU C 328 -40.76 -20.93 1.60
N VAL C 329 -39.77 -20.33 2.24
CA VAL C 329 -38.78 -19.55 1.51
C VAL C 329 -37.94 -20.44 0.61
N VAL C 330 -37.31 -21.46 1.21
CA VAL C 330 -36.47 -22.38 0.45
C VAL C 330 -37.23 -22.96 -0.74
N ILE C 331 -38.47 -23.40 -0.51
CA ILE C 331 -39.23 -23.96 -1.61
C ILE C 331 -39.56 -22.87 -2.64
N LEU C 332 -39.84 -21.66 -2.18
CA LEU C 332 -40.13 -20.56 -3.09
C LEU C 332 -38.98 -20.34 -4.06
N LEU C 333 -37.78 -20.06 -3.53
CA LEU C 333 -36.64 -19.84 -4.40
C LEU C 333 -36.29 -21.09 -5.18
N SER C 334 -36.63 -22.27 -4.68
CA SER C 334 -36.43 -23.48 -5.45
C SER C 334 -37.24 -23.44 -6.74
N ILE C 335 -38.56 -23.28 -6.63
CA ILE C 335 -39.38 -23.31 -7.83
C ILE C 335 -39.11 -22.11 -8.72
N VAL C 336 -38.68 -20.98 -8.15
CA VAL C 336 -38.15 -19.91 -8.99
C VAL C 336 -36.98 -20.43 -9.80
N ALA C 337 -36.10 -21.19 -9.17
CA ALA C 337 -34.94 -21.74 -9.85
C ALA C 337 -35.28 -22.84 -10.83
N VAL C 338 -36.48 -23.40 -10.79
CA VAL C 338 -36.82 -24.47 -11.71
C VAL C 338 -37.00 -23.94 -13.13
N GLY C 339 -37.90 -22.98 -13.31
CA GLY C 339 -38.21 -22.51 -14.64
C GLY C 339 -37.07 -21.83 -15.36
N PHE C 340 -36.09 -21.33 -14.62
CA PHE C 340 -35.01 -20.61 -15.25
C PHE C 340 -34.24 -21.45 -16.24
N HIS C 341 -34.21 -22.77 -16.06
CA HIS C 341 -33.48 -23.60 -17.02
C HIS C 341 -34.17 -23.63 -18.37
N ILE C 342 -35.50 -23.73 -18.40
CA ILE C 342 -36.21 -23.67 -19.67
C ILE C 342 -36.06 -22.28 -20.28
N PHE C 343 -36.24 -21.24 -19.45
CA PHE C 343 -35.95 -19.88 -19.90
C PHE C 343 -34.59 -19.79 -20.57
N ARG C 344 -33.57 -20.40 -19.96
CA ARG C 344 -32.22 -20.32 -20.46
C ARG C 344 -32.05 -21.08 -21.76
N THR C 345 -32.44 -22.36 -21.79
CA THR C 345 -32.31 -23.13 -23.03
C THR C 345 -33.00 -22.44 -24.19
N LEU C 346 -34.19 -21.87 -23.95
CA LEU C 346 -34.81 -21.07 -24.99
C LEU C 346 -33.92 -19.92 -25.42
N GLU C 347 -33.45 -19.13 -24.44
CA GLU C 347 -32.63 -17.97 -24.76
C GLU C 347 -31.40 -18.36 -25.58
N VAL C 348 -30.59 -19.29 -25.06
CA VAL C 348 -29.37 -19.69 -25.75
C VAL C 348 -29.69 -20.22 -27.14
N ASN C 349 -30.71 -21.06 -27.25
CA ASN C 349 -31.12 -21.54 -28.56
C ASN C 349 -31.34 -20.38 -29.51
N ARG C 350 -32.06 -19.35 -29.07
CA ARG C 350 -32.33 -18.21 -29.94
C ARG C 350 -31.05 -17.48 -30.32
N LEU C 351 -30.21 -17.16 -29.32
CA LEU C 351 -28.99 -16.42 -29.60
C LEU C 351 -28.09 -17.15 -30.58
N MET C 352 -27.68 -18.38 -30.24
CA MET C 352 -26.85 -19.14 -31.16
C MET C 352 -27.52 -19.28 -32.51
N GLY C 353 -28.85 -19.26 -32.54
CA GLY C 353 -29.53 -19.06 -33.81
C GLY C 353 -29.10 -17.80 -34.51
N LYS C 354 -29.07 -16.68 -33.78
CA LYS C 354 -28.74 -15.41 -34.44
C LYS C 354 -27.30 -15.37 -34.89
N LEU C 355 -26.37 -15.65 -33.97
CA LEU C 355 -24.96 -15.73 -34.33
C LEU C 355 -24.74 -16.66 -35.50
N LEU C 356 -25.51 -17.75 -35.56
CA LEU C 356 -25.44 -18.61 -36.73
C LEU C 356 -25.88 -17.88 -37.98
N GLN C 357 -26.97 -17.12 -37.91
CA GLN C 357 -27.51 -16.53 -39.12
C GLN C 357 -26.67 -15.35 -39.63
N GLN C 358 -26.41 -14.37 -38.78
CA GLN C 358 -25.77 -13.14 -39.23
C GLN C 358 -24.63 -12.74 -38.33
N PRO C 359 -23.40 -13.15 -38.64
CA PRO C 359 -22.24 -12.64 -37.89
C PRO C 359 -22.07 -11.14 -38.09
N ASP C 360 -21.06 -10.56 -37.43
CA ASP C 360 -20.84 -9.10 -37.48
C ASP C 360 -22.10 -8.35 -37.09
N THR C 361 -22.83 -8.89 -36.13
CA THR C 361 -24.02 -8.26 -35.58
C THR C 361 -24.03 -8.51 -34.09
N TYR C 362 -24.15 -7.46 -33.30
CA TYR C 362 -24.15 -7.64 -31.86
C TYR C 362 -25.29 -8.54 -31.46
N ALA C 363 -24.98 -9.57 -30.68
CA ALA C 363 -25.97 -10.48 -30.15
C ALA C 363 -25.86 -10.44 -28.64
N ASP C 364 -26.94 -10.10 -27.96
CA ASP C 364 -26.84 -9.78 -26.54
C ASP C 364 -26.66 -11.08 -25.76
N PHE C 365 -25.50 -11.20 -25.12
CA PHE C 365 -25.31 -12.12 -24.02
C PHE C 365 -25.35 -11.43 -22.66
N GLU C 366 -25.50 -10.11 -22.63
CA GLU C 366 -25.40 -9.42 -21.34
C GLU C 366 -26.64 -9.61 -20.50
N PHE C 367 -27.82 -9.55 -21.11
CA PHE C 367 -29.05 -9.86 -20.38
C PHE C 367 -28.99 -11.28 -19.83
N LEU C 368 -28.71 -12.24 -20.70
CA LEU C 368 -28.67 -13.64 -20.29
C LEU C 368 -27.62 -13.89 -19.23
N ALA C 369 -26.43 -13.31 -19.37
CA ALA C 369 -25.39 -13.48 -18.36
C ALA C 369 -25.80 -12.84 -17.04
N PHE C 370 -26.40 -11.66 -17.10
CA PHE C 370 -26.89 -10.99 -15.91
C PHE C 370 -27.79 -11.92 -15.12
N TRP C 371 -28.83 -12.46 -15.77
CA TRP C 371 -29.75 -13.29 -15.02
C TRP C 371 -29.17 -14.66 -14.68
N GLN C 372 -28.21 -15.14 -15.44
CA GLN C 372 -27.53 -16.37 -15.04
C GLN C 372 -26.76 -16.17 -13.74
N THR C 373 -26.05 -15.06 -13.61
CA THR C 373 -25.27 -14.84 -12.40
C THR C 373 -26.15 -14.58 -11.21
N GLN C 374 -27.23 -13.83 -11.39
CA GLN C 374 -28.11 -13.62 -10.26
C GLN C 374 -28.88 -14.90 -9.92
N TYR C 375 -29.11 -15.74 -10.92
CA TYR C 375 -29.58 -17.09 -10.65
C TYR C 375 -28.60 -17.84 -9.75
N ASN C 376 -27.30 -17.77 -10.06
CA ASN C 376 -26.32 -18.42 -9.21
C ASN C 376 -26.33 -17.84 -7.81
N ASN C 377 -26.53 -16.53 -7.66
CA ASN C 377 -26.65 -15.97 -6.33
C ASN C 377 -27.83 -16.58 -5.59
N MET C 378 -28.97 -16.69 -6.26
CA MET C 378 -30.13 -17.30 -5.62
C MET C 378 -29.83 -18.72 -5.17
N ASN C 379 -29.25 -19.55 -6.05
CA ASN C 379 -28.87 -20.88 -5.63
C ASN C 379 -27.95 -20.87 -4.43
N ALA C 380 -26.99 -19.93 -4.40
CA ALA C 380 -26.12 -19.85 -3.24
C ALA C 380 -26.90 -19.63 -1.96
N VAL C 381 -27.88 -18.71 -1.98
CA VAL C 381 -28.62 -18.43 -0.76
C VAL C 381 -29.48 -19.62 -0.38
N ASN C 382 -30.17 -20.23 -1.35
CA ASN C 382 -30.90 -21.46 -1.07
C ASN C 382 -30.02 -22.48 -0.39
N LEU C 383 -28.85 -22.76 -0.94
CA LEU C 383 -27.98 -23.79 -0.37
C LEU C 383 -27.58 -23.42 1.04
N PHE C 384 -27.28 -22.14 1.28
CA PHE C 384 -26.91 -21.72 2.62
C PHE C 384 -28.03 -22.00 3.62
N PHE C 385 -29.24 -21.54 3.32
CA PHE C 385 -30.38 -21.88 4.17
C PHE C 385 -30.51 -23.38 4.32
N ALA C 386 -30.31 -24.13 3.24
CA ALA C 386 -30.44 -25.58 3.31
C ALA C 386 -29.45 -26.17 4.31
N TRP C 387 -28.32 -25.52 4.53
CA TRP C 387 -27.47 -25.95 5.62
C TRP C 387 -27.96 -25.48 6.98
N ILE C 388 -28.49 -24.25 7.07
CA ILE C 388 -29.00 -23.81 8.37
C ILE C 388 -30.10 -24.72 8.86
N LYS C 389 -31.01 -25.11 7.98
CA LYS C 389 -32.24 -25.84 8.28
C LYS C 389 -31.99 -27.12 9.05
N ILE C 390 -30.75 -27.63 9.04
CA ILE C 390 -30.42 -28.85 9.78
C ILE C 390 -30.93 -28.78 11.21
N PHE C 391 -30.84 -27.62 11.85
CA PHE C 391 -31.23 -27.53 13.24
C PHE C 391 -32.71 -27.82 13.43
N LYS C 392 -33.54 -27.54 12.44
CA LYS C 392 -34.95 -27.90 12.55
C LYS C 392 -35.13 -29.40 12.59
N TYR C 393 -34.30 -30.13 11.85
CA TYR C 393 -34.38 -31.59 11.80
C TYR C 393 -33.45 -32.26 12.78
N ILE C 394 -32.78 -31.50 13.66
CA ILE C 394 -31.88 -32.08 14.64
C ILE C 394 -32.06 -31.44 16.00
N PHE C 417 -32.70 -0.84 25.28
CA PHE C 417 -31.51 -0.06 25.55
C PHE C 417 -30.75 0.26 24.27
N ALA C 418 -30.81 -0.68 23.32
CA ALA C 418 -30.07 -0.51 22.08
C ALA C 418 -30.49 0.72 21.31
N ILE C 419 -31.71 1.21 21.52
CA ILE C 419 -32.19 2.37 20.77
C ILE C 419 -31.31 3.58 21.03
N MET C 420 -30.83 3.75 22.26
CA MET C 420 -29.86 4.80 22.53
C MET C 420 -28.62 4.62 21.68
N PHE C 421 -28.28 3.38 21.32
CA PHE C 421 -27.13 3.20 20.47
C PHE C 421 -27.45 3.48 19.00
N PHE C 422 -28.56 2.97 18.49
CA PHE C 422 -28.84 3.17 17.07
C PHE C 422 -29.10 4.63 16.75
N ILE C 423 -29.87 5.33 17.58
CA ILE C 423 -30.15 6.72 17.29
C ILE C 423 -28.84 7.49 17.15
N VAL C 424 -28.00 7.45 18.18
CA VAL C 424 -26.75 8.20 18.14
C VAL C 424 -25.85 7.70 17.02
N PHE C 425 -25.92 6.41 16.70
CA PHE C 425 -25.13 5.90 15.59
C PHE C 425 -25.51 6.59 14.29
N PHE C 426 -26.79 6.55 13.92
CA PHE C 426 -27.19 7.26 12.72
C PHE C 426 -26.91 8.74 12.82
N ALA C 427 -26.94 9.29 14.02
CA ALA C 427 -26.57 10.70 14.16
C ALA C 427 -25.13 10.94 13.74
N TYR C 428 -24.21 10.04 14.09
CA TYR C 428 -22.86 10.15 13.55
C TYR C 428 -22.82 9.91 12.06
N ALA C 429 -23.55 8.93 11.55
CA ALA C 429 -23.55 8.74 10.10
C ALA C 429 -23.90 10.03 9.39
N GLN C 430 -24.89 10.74 9.91
CA GLN C 430 -25.31 11.99 9.30
C GLN C 430 -24.25 13.05 9.44
N LEU C 431 -23.74 13.26 10.67
CA LEU C 431 -22.69 14.25 10.88
C LEU C 431 -21.51 14.01 9.96
N GLY C 432 -20.95 12.81 10.00
CA GLY C 432 -19.86 12.48 9.11
C GLY C 432 -20.18 12.70 7.65
N TYR C 433 -21.41 12.41 7.24
CA TYR C 433 -21.76 12.70 5.86
C TYR C 433 -21.72 14.18 5.55
N LEU C 434 -22.10 15.03 6.50
CA LEU C 434 -22.11 16.46 6.21
C LEU C 434 -20.72 17.07 6.27
N LEU C 435 -19.93 16.77 7.30
CA LEU C 435 -18.62 17.37 7.43
C LEU C 435 -17.68 16.88 6.34
N PHE C 436 -17.52 15.58 6.23
CA PHE C 436 -16.75 14.97 5.17
C PHE C 436 -17.71 14.78 3.98
N GLY C 437 -17.34 13.99 3.00
CA GLY C 437 -18.30 13.60 2.01
C GLY C 437 -18.33 14.48 0.79
N THR C 438 -17.86 15.72 0.88
CA THR C 438 -17.44 16.45 -0.30
C THR C 438 -15.93 16.33 -0.51
N GLN C 439 -15.27 15.53 0.32
CA GLN C 439 -13.84 15.29 0.26
C GLN C 439 -13.53 13.80 0.13
N VAL C 440 -13.80 13.05 1.18
CA VAL C 440 -13.48 11.63 1.27
C VAL C 440 -14.57 10.85 0.57
N GLU C 441 -14.21 9.79 -0.15
CA GLU C 441 -15.25 9.02 -0.83
C GLU C 441 -16.05 8.17 0.14
N ASN C 442 -15.38 7.52 1.08
CA ASN C 442 -16.06 6.61 1.98
C ASN C 442 -17.25 7.24 2.67
N PHE C 443 -17.27 8.57 2.81
CA PHE C 443 -18.39 9.27 3.40
C PHE C 443 -19.33 9.89 2.38
N SER C 444 -19.07 9.75 1.09
CA SER C 444 -19.73 10.62 0.12
C SER C 444 -21.21 10.36 -0.05
N THR C 445 -21.75 9.28 0.51
CA THR C 445 -23.20 9.09 0.53
C THR C 445 -23.61 8.58 1.90
N PHE C 446 -24.89 8.32 2.10
CA PHE C 446 -25.27 7.96 3.46
C PHE C 446 -24.97 6.50 3.80
N VAL C 447 -25.33 5.57 2.92
CA VAL C 447 -25.05 4.17 3.20
C VAL C 447 -23.55 3.96 3.34
N LYS C 448 -22.75 4.54 2.45
CA LYS C 448 -21.31 4.45 2.60
C LYS C 448 -20.86 4.97 3.95
N CYS C 449 -21.52 5.99 4.50
CA CYS C 449 -21.17 6.42 5.85
C CYS C 449 -21.51 5.35 6.87
N ILE C 450 -22.65 4.69 6.71
CA ILE C 450 -22.99 3.63 7.66
C ILE C 450 -21.92 2.55 7.66
N PHE C 451 -21.56 2.04 6.49
CA PHE C 451 -20.58 0.97 6.51
C PHE C 451 -19.18 1.45 6.84
N THR C 452 -18.87 2.71 6.57
CA THR C 452 -17.58 3.22 7.01
C THR C 452 -17.51 3.23 8.53
N GLN C 453 -18.54 3.75 9.18
CA GLN C 453 -18.52 3.73 10.64
C GLN C 453 -18.50 2.31 11.17
N PHE C 454 -19.14 1.39 10.47
CA PHE C 454 -19.12 0.02 10.94
C PHE C 454 -17.71 -0.56 10.86
N ARG C 455 -17.00 -0.30 9.77
CA ARG C 455 -15.61 -0.73 9.74
C ARG C 455 -14.79 -0.06 10.83
N ILE C 456 -15.00 1.23 11.10
CA ILE C 456 -14.27 1.86 12.20
C ILE C 456 -14.46 1.07 13.47
N ILE C 457 -15.69 0.63 13.76
CA ILE C 457 -15.89 -0.25 14.89
C ILE C 457 -15.01 -1.48 14.75
N LEU C 458 -14.94 -2.06 13.56
CA LEU C 458 -14.15 -3.27 13.39
C LEU C 458 -12.67 -3.01 13.21
N GLY C 459 -12.24 -1.77 13.35
CA GLY C 459 -10.81 -1.52 13.35
C GLY C 459 -10.20 -1.52 11.98
N ASP C 460 -10.87 -0.94 11.00
CA ASP C 460 -10.29 -0.66 9.69
C ASP C 460 -10.67 0.76 9.32
N PHE C 461 -9.68 1.63 9.21
CA PHE C 461 -9.94 3.03 8.91
C PHE C 461 -8.69 3.64 8.32
N ASP C 462 -8.88 4.76 7.64
CA ASP C 462 -7.78 5.59 7.17
C ASP C 462 -7.91 6.91 7.89
N TYR C 463 -6.99 7.18 8.81
CA TYR C 463 -7.09 8.41 9.58
C TYR C 463 -6.56 9.61 8.82
N ASN C 464 -5.62 9.42 7.92
CA ASN C 464 -5.12 10.55 7.13
C ASN C 464 -6.25 11.25 6.39
N ALA C 465 -7.17 10.49 5.81
CA ALA C 465 -8.23 11.12 5.03
C ALA C 465 -9.13 11.97 5.92
N ILE C 466 -9.67 11.37 6.98
CA ILE C 466 -10.51 12.11 7.91
C ILE C 466 -9.77 13.33 8.42
N ASP C 467 -8.45 13.24 8.58
CA ASP C 467 -7.71 14.33 9.18
C ASP C 467 -7.40 15.44 8.19
N ASN C 468 -7.20 15.12 6.92
CA ASN C 468 -6.98 16.18 5.96
C ASN C 468 -8.26 16.76 5.40
N ALA C 469 -9.40 16.09 5.56
CA ALA C 469 -10.64 16.71 5.13
C ALA C 469 -10.93 17.95 5.95
N ASN C 470 -11.03 17.80 7.27
CA ASN C 470 -11.12 18.95 8.16
C ASN C 470 -10.23 18.63 9.36
N ARG C 471 -9.18 19.42 9.56
CA ARG C 471 -8.12 19.05 10.48
C ARG C 471 -8.39 19.46 11.91
N ILE C 472 -9.56 20.04 12.21
CA ILE C 472 -10.02 20.22 13.57
C ILE C 472 -11.17 19.27 13.90
N LEU C 473 -12.28 19.39 13.18
CA LEU C 473 -13.42 18.53 13.47
C LEU C 473 -13.16 17.07 13.15
N GLY C 474 -12.11 16.75 12.41
CA GLY C 474 -11.83 15.38 12.08
C GLY C 474 -11.50 14.54 13.29
N PRO C 475 -10.44 14.92 14.00
CA PRO C 475 -10.10 14.19 15.22
C PRO C 475 -11.19 14.20 16.25
N VAL C 476 -11.96 15.26 16.33
CA VAL C 476 -13.09 15.29 17.27
C VAL C 476 -14.10 14.22 16.89
N TYR C 477 -14.41 14.11 15.59
CA TYR C 477 -15.30 13.06 15.14
C TYR C 477 -14.75 11.68 15.48
N PHE C 478 -13.51 11.41 15.08
CA PHE C 478 -12.96 10.08 15.26
C PHE C 478 -12.90 9.70 16.73
N VAL C 479 -12.24 10.52 17.55
CA VAL C 479 -12.15 10.22 18.97
C VAL C 479 -13.53 10.07 19.58
N THR C 480 -14.38 11.07 19.40
CA THR C 480 -15.69 11.05 20.03
C THR C 480 -16.45 9.79 19.69
N TYR C 481 -16.39 9.37 18.43
CA TYR C 481 -17.08 8.15 18.03
C TYR C 481 -16.48 6.95 18.72
N VAL C 482 -15.16 6.89 18.80
CA VAL C 482 -14.53 5.75 19.46
C VAL C 482 -14.98 5.64 20.90
N PHE C 483 -14.89 6.72 21.67
CA PHE C 483 -15.39 6.68 23.04
C PHE C 483 -16.86 6.32 23.11
N PHE C 484 -17.67 6.77 22.16
CA PHE C 484 -19.07 6.38 22.20
C PHE C 484 -19.22 4.87 22.10
N VAL C 485 -18.66 4.27 21.05
CA VAL C 485 -18.85 2.83 20.86
C VAL C 485 -18.24 2.05 22.01
N PHE C 486 -17.01 2.36 22.36
CA PHE C 486 -16.34 1.72 23.50
C PHE C 486 -17.21 1.77 24.74
N PHE C 487 -17.70 2.96 25.09
CA PHE C 487 -18.41 3.17 26.34
C PHE C 487 -19.77 2.47 26.36
N VAL C 488 -20.54 2.64 25.28
CA VAL C 488 -21.83 1.98 25.20
C VAL C 488 -21.67 0.47 25.25
N LEU C 489 -20.70 -0.06 24.51
CA LEU C 489 -20.42 -1.48 24.59
C LEU C 489 -20.15 -1.90 26.02
N LEU C 490 -19.34 -1.12 26.74
CA LEU C 490 -19.12 -1.39 28.15
C LEU C 490 -20.43 -1.53 28.90
N ASN C 491 -21.24 -0.47 28.93
CA ASN C 491 -22.50 -0.53 29.66
C ASN C 491 -23.35 -1.72 29.26
N MET C 492 -23.24 -2.16 28.01
CA MET C 492 -23.90 -3.41 27.62
C MET C 492 -23.32 -4.60 28.37
N PHE C 493 -21.98 -4.69 28.47
CA PHE C 493 -21.41 -5.75 29.27
C PHE C 493 -21.91 -5.72 30.71
N LEU C 494 -21.76 -4.58 31.38
CA LEU C 494 -22.17 -4.54 32.79
C LEU C 494 -23.65 -4.86 32.95
N ALA C 495 -24.49 -4.46 31.99
CA ALA C 495 -25.90 -4.83 32.08
C ALA C 495 -26.09 -6.33 31.97
N ILE C 496 -25.45 -6.95 30.99
CA ILE C 496 -25.60 -8.40 30.84
C ILE C 496 -25.06 -9.13 32.07
N ILE C 497 -24.05 -8.58 32.72
CA ILE C 497 -23.58 -9.21 33.96
C ILE C 497 -24.59 -8.98 35.08
N ASN C 498 -25.31 -7.86 35.04
CA ASN C 498 -26.40 -7.67 36.00
C ASN C 498 -27.51 -8.69 35.80
N ASP C 499 -27.79 -9.09 34.55
CA ASP C 499 -28.77 -10.15 34.34
C ASP C 499 -28.30 -11.50 34.88
N THR C 500 -27.05 -11.60 35.31
CA THR C 500 -26.48 -12.86 35.79
C THR C 500 -26.20 -12.81 37.28
N LEU D 38 4.88 18.80 52.47
CA LEU D 38 4.32 19.27 51.21
C LEU D 38 5.23 20.31 50.55
N ARG D 39 6.31 20.69 51.23
CA ARG D 39 7.27 21.60 50.64
C ARG D 39 8.20 20.88 49.66
N GLU D 40 8.71 19.71 50.06
CA GLU D 40 9.53 18.91 49.15
C GLU D 40 8.79 18.65 47.84
N LEU D 41 7.47 18.55 47.89
CA LEU D 41 6.70 18.46 46.65
C LEU D 41 6.95 19.69 45.78
N VAL D 42 6.70 20.89 46.33
CA VAL D 42 6.88 22.12 45.55
C VAL D 42 8.28 22.18 44.95
N VAL D 43 9.31 21.98 45.78
CA VAL D 43 10.67 21.96 45.28
C VAL D 43 10.82 20.98 44.13
N TYR D 44 10.21 19.80 44.27
CA TYR D 44 10.23 18.81 43.20
C TYR D 44 9.63 19.35 41.92
N ILE D 45 8.46 20.01 41.99
CA ILE D 45 7.92 20.64 40.79
C ILE D 45 8.94 21.57 40.18
N VAL D 46 9.58 22.41 41.00
CA VAL D 46 10.61 23.29 40.48
C VAL D 46 11.67 22.50 39.72
N PHE D 47 11.98 21.30 40.21
CA PHE D 47 12.87 20.43 39.46
C PHE D 47 12.27 20.05 38.11
N LEU D 48 10.98 19.70 38.08
CA LEU D 48 10.36 19.31 36.81
C LEU D 48 10.40 20.45 35.79
N VAL D 49 10.17 21.69 36.21
CA VAL D 49 10.27 22.75 35.22
C VAL D 49 11.73 23.05 34.88
N ASP D 50 12.67 22.78 35.78
CA ASP D 50 14.08 22.94 35.44
C ASP D 50 14.46 21.97 34.32
N ILE D 51 14.31 20.67 34.57
CA ILE D 51 14.62 19.68 33.55
C ILE D 51 13.79 19.90 32.30
N CYS D 52 12.54 20.35 32.46
CA CYS D 52 11.68 20.57 31.32
C CYS D 52 12.25 21.63 30.40
N LEU D 53 12.56 22.81 30.93
CA LEU D 53 13.12 23.84 30.07
C LEU D 53 14.48 23.45 29.54
N LEU D 54 15.26 22.68 30.31
CA LEU D 54 16.58 22.32 29.81
C LEU D 54 16.49 21.34 28.65
N THR D 55 15.56 20.39 28.68
CA THR D 55 15.46 19.45 27.57
C THR D 55 14.71 20.04 26.38
N TYR D 56 13.61 20.75 26.61
CA TYR D 56 12.95 21.44 25.51
C TYR D 56 13.76 22.60 24.95
N GLY D 57 14.84 23.00 25.61
CA GLY D 57 15.70 23.99 25.01
C GLY D 57 16.46 23.47 23.82
N MET D 58 16.75 22.18 23.79
CA MET D 58 17.57 21.58 22.74
C MET D 58 16.80 21.37 21.45
N THR D 59 15.51 21.07 21.54
CA THR D 59 14.76 20.66 20.36
C THR D 59 14.48 21.86 19.45
N SER D 60 13.88 21.57 18.31
CA SER D 60 13.36 22.60 17.42
C SER D 60 12.18 22.01 16.65
N SER D 61 11.16 22.82 16.43
CA SER D 61 10.01 22.33 15.67
C SER D 61 10.27 22.32 14.18
N SER D 62 11.36 22.93 13.74
CA SER D 62 11.73 22.95 12.32
C SER D 62 12.72 21.84 11.98
N ALA D 63 13.02 20.95 12.93
CA ALA D 63 13.92 19.85 12.65
C ALA D 63 13.34 18.86 11.66
N TYR D 64 12.11 18.40 11.91
CA TYR D 64 11.56 17.32 11.10
C TYR D 64 11.60 17.65 9.64
N TYR D 65 11.16 18.85 9.25
CA TYR D 65 11.21 19.17 7.84
C TYR D 65 12.63 19.31 7.34
N TYR D 66 13.60 19.51 8.23
CA TYR D 66 14.96 19.61 7.74
C TYR D 66 15.50 18.25 7.38
N THR D 67 15.30 17.26 8.26
CA THR D 67 15.63 15.89 7.86
C THR D 67 14.87 15.51 6.61
N LYS D 68 13.55 15.66 6.63
CA LYS D 68 12.72 15.25 5.51
C LYS D 68 13.23 15.83 4.20
N VAL D 69 13.63 17.10 4.21
CA VAL D 69 14.11 17.70 2.98
C VAL D 69 15.45 17.12 2.56
N MET D 70 16.39 16.98 3.49
CA MET D 70 17.68 16.45 3.04
C MET D 70 17.55 15.02 2.57
N SER D 71 16.88 14.18 3.35
CA SER D 71 16.70 12.78 2.94
C SER D 71 16.02 12.69 1.59
N GLU D 72 14.92 13.42 1.38
CA GLU D 72 14.33 13.35 0.07
C GLU D 72 15.18 14.00 -1.01
N LEU D 73 16.22 14.74 -0.65
CA LEU D 73 17.12 15.19 -1.69
C LEU D 73 18.10 14.09 -2.10
N PHE D 74 18.75 13.45 -1.14
CA PHE D 74 19.76 12.46 -1.51
C PHE D 74 19.21 11.08 -1.79
N LEU D 75 18.26 10.60 -0.99
CA LEU D 75 17.83 9.23 -1.18
C LEU D 75 17.02 9.05 -2.46
N HIS D 76 15.98 9.84 -2.65
CA HIS D 76 14.96 9.49 -3.63
C HIS D 76 15.21 9.98 -5.05
N THR D 77 16.13 10.91 -5.28
CA THR D 77 16.24 11.49 -6.60
C THR D 77 16.89 10.52 -7.57
N PRO D 78 16.19 10.06 -8.61
CA PRO D 78 16.78 9.10 -9.54
C PRO D 78 17.86 9.72 -10.39
N SER D 79 18.68 8.85 -10.95
CA SER D 79 19.61 9.25 -12.00
C SER D 79 18.90 9.14 -13.35
N ASP D 80 19.66 9.23 -14.43
CA ASP D 80 19.10 9.00 -15.75
C ASP D 80 18.71 7.54 -15.94
N SER D 81 19.42 6.63 -15.27
CA SER D 81 19.17 5.20 -15.38
C SER D 81 18.05 4.74 -14.46
N GLY D 82 17.38 5.66 -13.78
CA GLY D 82 16.35 5.27 -12.85
C GLY D 82 16.90 4.67 -11.58
N VAL D 83 18.11 5.05 -11.20
CA VAL D 83 18.77 4.50 -10.03
C VAL D 83 18.63 5.51 -8.90
N SER D 84 17.79 5.20 -7.93
CA SER D 84 17.70 5.98 -6.71
C SER D 84 18.79 5.49 -5.78
N PHE D 85 18.87 6.03 -4.58
CA PHE D 85 19.80 5.41 -3.64
C PHE D 85 19.20 4.15 -3.05
N GLN D 86 17.95 4.21 -2.60
CA GLN D 86 17.34 3.04 -1.99
C GLN D 86 17.35 1.83 -2.91
N THR D 87 17.32 2.03 -4.22
CA THR D 87 17.11 0.97 -5.18
C THR D 87 18.41 0.40 -5.72
N ILE D 88 19.54 0.83 -5.17
CA ILE D 88 20.84 0.30 -5.59
C ILE D 88 20.82 -1.21 -5.45
N SER D 89 21.17 -1.89 -6.54
CA SER D 89 21.21 -3.35 -6.58
C SER D 89 22.62 -3.89 -6.56
N SER D 90 23.39 -3.60 -7.60
CA SER D 90 24.72 -4.16 -7.76
C SER D 90 25.76 -3.06 -7.73
N MET D 91 27.02 -3.41 -7.99
CA MET D 91 28.06 -2.39 -7.96
C MET D 91 27.88 -1.37 -9.07
N SER D 92 27.58 -1.80 -10.29
CA SER D 92 27.43 -0.84 -11.37
C SER D 92 26.34 0.17 -11.06
N ASP D 93 25.30 -0.25 -10.33
CA ASP D 93 24.34 0.72 -9.85
C ASP D 93 24.96 1.69 -8.88
N PHE D 94 25.81 1.23 -7.97
CA PHE D 94 26.47 2.16 -7.08
C PHE D 94 27.22 3.22 -7.86
N TRP D 95 28.06 2.80 -8.80
CA TRP D 95 28.76 3.83 -9.58
C TRP D 95 27.81 4.71 -10.36
N ASP D 96 26.70 4.18 -10.86
CA ASP D 96 25.73 5.05 -11.50
C ASP D 96 25.13 6.06 -10.55
N PHE D 97 25.08 5.75 -9.26
CA PHE D 97 24.62 6.70 -8.25
C PHE D 97 25.67 7.71 -7.88
N ALA D 98 26.89 7.27 -7.58
CA ALA D 98 27.91 8.19 -7.13
C ALA D 98 28.26 9.24 -8.17
N GLN D 99 28.45 8.88 -9.42
CA GLN D 99 28.68 9.84 -10.47
C GLN D 99 27.38 10.46 -10.96
N GLY D 100 26.26 10.03 -10.39
CA GLY D 100 24.93 10.46 -10.74
C GLY D 100 24.48 11.60 -9.85
N PRO D 101 23.27 11.51 -9.37
CA PRO D 101 22.72 12.55 -8.49
C PRO D 101 23.63 13.03 -7.39
N LEU D 102 24.35 12.14 -6.72
CA LEU D 102 25.16 12.55 -5.59
C LEU D 102 26.17 13.65 -5.92
N LEU D 103 26.64 13.74 -7.15
CA LEU D 103 27.46 14.89 -7.51
C LEU D 103 26.65 16.08 -7.99
N ASP D 104 25.37 15.89 -8.31
CA ASP D 104 24.52 17.03 -8.59
C ASP D 104 23.60 17.41 -7.44
N SER D 105 23.51 16.61 -6.40
CA SER D 105 22.78 16.99 -5.20
C SER D 105 23.72 17.48 -4.09
N LEU D 106 25.01 17.57 -4.38
CA LEU D 106 25.97 18.22 -3.48
C LEU D 106 26.35 19.61 -3.91
N TYR D 107 26.90 19.77 -5.08
CA TYR D 107 27.48 21.04 -5.49
C TYR D 107 26.39 21.83 -6.19
N TRP D 108 25.91 22.88 -5.53
CA TRP D 108 25.01 23.82 -6.16
C TRP D 108 25.79 25.09 -6.41
N THR D 109 25.59 25.65 -7.60
CA THR D 109 26.34 26.82 -8.02
C THR D 109 25.37 27.89 -8.47
N LYS D 110 24.51 27.57 -9.42
CA LYS D 110 23.72 28.55 -10.13
C LYS D 110 22.25 28.42 -9.76
N TRP D 111 21.51 29.52 -9.92
CA TRP D 111 20.11 29.53 -9.56
C TRP D 111 19.29 28.67 -10.51
N TYR D 112 17.99 28.62 -10.25
CA TYR D 112 17.09 27.90 -11.14
C TYR D 112 16.94 28.61 -12.48
N ASN D 113 17.18 29.91 -12.53
CA ASN D 113 17.15 30.63 -13.79
C ASN D 113 18.49 30.63 -14.49
N ASN D 114 19.45 29.84 -13.98
CA ASN D 114 20.75 29.69 -14.61
C ASN D 114 21.56 30.97 -14.54
N GLN D 115 21.26 31.78 -13.53
CA GLN D 115 22.09 32.89 -13.10
C GLN D 115 22.99 32.45 -11.97
N SER D 116 24.22 32.93 -11.97
CA SER D 116 25.17 32.50 -10.96
C SER D 116 24.76 32.97 -9.57
N LEU D 117 25.07 32.15 -8.58
CA LEU D 117 24.84 32.52 -7.19
C LEU D 117 26.06 33.21 -6.62
N GLY D 118 25.82 34.23 -5.80
CA GLY D 118 26.88 35.19 -5.50
C GLY D 118 27.67 34.91 -4.24
N ARG D 119 27.66 33.67 -3.76
CA ARG D 119 28.49 33.34 -2.61
C ARG D 119 29.70 32.53 -3.07
N GLY D 120 30.88 33.00 -2.70
CA GLY D 120 32.08 32.48 -3.32
C GLY D 120 32.42 31.03 -3.02
N SER D 121 32.46 30.23 -4.07
CA SER D 121 33.15 28.94 -4.14
C SER D 121 32.59 27.88 -3.19
N HIS D 122 31.82 28.28 -2.19
CA HIS D 122 31.20 27.30 -1.31
C HIS D 122 29.89 26.79 -1.92
N SER D 123 29.52 25.58 -1.53
CA SER D 123 28.37 24.90 -2.09
C SER D 123 27.20 24.97 -1.12
N PHE D 124 26.16 25.68 -1.50
CA PHE D 124 24.96 25.82 -0.66
C PHE D 124 23.87 24.90 -1.17
N ILE D 125 23.56 23.88 -0.40
CA ILE D 125 22.52 22.93 -0.77
C ILE D 125 21.16 23.56 -0.52
N TYR D 126 20.33 23.60 -1.55
CA TYR D 126 19.07 24.35 -1.54
C TYR D 126 19.26 25.82 -1.26
N TYR D 127 20.47 26.33 -1.52
CA TYR D 127 20.80 27.75 -1.42
C TYR D 127 20.80 28.22 0.03
N GLU D 128 20.15 27.47 0.91
CA GLU D 128 20.04 27.86 2.31
C GLU D 128 20.97 27.08 3.24
N ASN D 129 21.72 26.11 2.72
CA ASN D 129 22.43 25.17 3.59
C ASN D 129 23.90 25.10 3.20
N LEU D 130 24.78 25.46 4.12
CA LEU D 130 26.20 25.42 3.86
C LEU D 130 26.73 23.99 4.01
N LEU D 131 27.75 23.65 3.23
CA LEU D 131 28.34 22.33 3.24
C LEU D 131 29.66 22.42 4.00
N LEU D 132 29.79 21.65 5.08
CA LEU D 132 30.93 21.76 5.97
C LEU D 132 32.04 20.84 5.50
N GLY D 133 33.18 21.42 5.15
CA GLY D 133 34.33 20.62 4.77
C GLY D 133 34.11 19.90 3.46
N ALA D 134 34.56 18.65 3.38
CA ALA D 134 34.45 17.85 2.18
C ALA D 134 33.82 16.52 2.52
N PRO D 135 33.16 15.89 1.56
CA PRO D 135 32.59 14.56 1.80
C PRO D 135 33.68 13.49 1.74
N ARG D 136 33.43 12.39 2.45
CA ARG D 136 34.43 11.33 2.51
C ARG D 136 33.81 9.96 2.24
N LEU D 137 34.35 9.27 1.25
CA LEU D 137 34.14 7.84 1.06
C LEU D 137 35.13 7.05 1.89
N ARG D 138 34.69 5.94 2.46
CA ARG D 138 35.70 5.00 2.94
C ARG D 138 35.16 3.60 2.89
N GLN D 139 36.05 2.65 2.67
CA GLN D 139 35.74 1.28 2.29
C GLN D 139 36.31 0.33 3.32
N LEU D 140 35.80 -0.90 3.36
CA LEU D 140 36.47 -1.93 4.13
C LEU D 140 36.68 -3.18 3.30
N ARG D 141 37.87 -3.74 3.39
CA ARG D 141 38.27 -4.87 2.57
C ARG D 141 38.47 -6.06 3.46
N VAL D 142 38.39 -7.26 2.89
CA VAL D 142 38.64 -8.49 3.62
C VAL D 142 39.72 -9.27 2.89
N ARG D 143 40.51 -10.04 3.64
CA ARG D 143 41.75 -10.60 3.15
C ARG D 143 41.50 -11.55 1.98
N ASN D 144 42.52 -11.67 1.13
CA ASN D 144 42.39 -12.47 -0.09
C ASN D 144 41.86 -13.86 0.21
N ASP D 145 42.65 -14.68 0.88
CA ASP D 145 42.23 -16.03 1.22
C ASP D 145 41.78 -16.00 2.67
N SER D 146 40.48 -15.91 2.87
CA SER D 146 39.93 -15.78 4.20
C SER D 146 39.30 -17.04 4.75
N CYS D 147 39.19 -18.11 3.98
CA CYS D 147 38.61 -19.32 4.50
C CYS D 147 39.15 -20.47 3.69
N VAL D 148 38.54 -21.64 3.83
CA VAL D 148 38.97 -22.84 3.12
C VAL D 148 37.89 -23.20 2.12
N VAL D 149 38.21 -23.05 0.83
CA VAL D 149 37.31 -23.52 -0.22
C VAL D 149 37.12 -25.01 -0.06
N HIS D 150 35.91 -25.50 -0.29
CA HIS D 150 35.68 -26.91 -0.11
C HIS D 150 36.47 -27.72 -1.15
N GLU D 151 36.69 -28.99 -0.83
CA GLU D 151 37.59 -29.84 -1.60
C GLU D 151 37.11 -30.09 -3.03
N ASP D 152 35.80 -30.13 -3.25
CA ASP D 152 35.31 -30.45 -4.59
C ASP D 152 35.61 -29.34 -5.58
N PHE D 153 35.51 -28.09 -5.15
CA PHE D 153 35.51 -26.94 -6.05
C PHE D 153 36.88 -26.32 -6.22
N ARG D 154 37.91 -26.85 -5.55
CA ARG D 154 39.22 -26.23 -5.57
C ARG D 154 39.75 -26.01 -6.97
N GLU D 155 39.22 -26.72 -7.95
CA GLU D 155 39.59 -26.55 -9.34
C GLU D 155 39.06 -25.26 -9.95
N ASP D 156 37.80 -24.91 -9.70
CA ASP D 156 37.18 -23.75 -10.30
C ASP D 156 37.24 -22.49 -9.44
N ILE D 157 37.61 -22.59 -8.17
CA ILE D 157 37.53 -21.47 -7.26
C ILE D 157 38.87 -21.33 -6.56
N LEU D 158 39.57 -20.24 -6.85
CA LEU D 158 40.89 -20.02 -6.29
C LEU D 158 40.92 -19.08 -5.10
N ASN D 159 39.78 -18.56 -4.64
CA ASN D 159 39.79 -17.55 -3.59
C ASN D 159 38.54 -17.63 -2.74
N CYS D 160 38.70 -17.39 -1.45
CA CYS D 160 37.59 -17.23 -0.53
C CYS D 160 37.70 -15.91 0.19
N TYR D 161 36.69 -15.07 0.02
CA TYR D 161 36.54 -13.82 0.76
C TYR D 161 35.43 -14.05 1.76
N ASP D 162 35.74 -14.11 3.05
CA ASP D 162 34.72 -14.50 3.99
C ASP D 162 33.87 -13.29 4.38
N VAL D 163 32.91 -13.51 5.28
CA VAL D 163 32.12 -12.43 5.83
C VAL D 163 33.03 -11.51 6.64
N TYR D 164 32.61 -10.26 6.80
CA TYR D 164 33.42 -9.30 7.52
C TYR D 164 33.48 -9.64 9.01
N SER D 165 34.70 -9.71 9.53
CA SER D 165 34.96 -9.66 10.97
C SER D 165 36.28 -8.96 11.13
N PRO D 166 36.47 -8.17 12.18
CA PRO D 166 37.67 -7.32 12.27
C PRO D 166 38.97 -8.10 12.29
N ASP D 167 38.92 -9.41 12.54
CA ASP D 167 40.11 -10.23 12.49
C ASP D 167 40.66 -10.39 11.08
N LYS D 168 39.78 -10.39 10.08
CA LYS D 168 40.17 -10.70 8.71
C LYS D 168 40.34 -9.45 7.83
N GLU D 169 40.20 -8.26 8.40
CA GLU D 169 40.24 -7.04 7.59
C GLU D 169 41.57 -6.91 6.87
N ASP D 170 41.50 -6.63 5.57
CA ASP D 170 42.68 -6.62 4.73
C ASP D 170 43.38 -5.28 4.79
N GLN D 171 44.62 -5.29 5.28
CA GLN D 171 45.38 -4.07 5.49
C GLN D 171 46.41 -3.78 4.40
N LEU D 172 46.47 -4.57 3.42
CA LEU D 172 47.49 -4.25 2.42
C LEU D 172 46.96 -3.34 1.33
N PRO D 173 47.83 -2.61 0.65
CA PRO D 173 47.39 -1.80 -0.49
C PRO D 173 46.96 -2.65 -1.66
N PHE D 174 46.25 -2.02 -2.59
CA PHE D 174 45.82 -2.67 -3.82
C PHE D 174 45.70 -1.63 -4.91
N GLY D 175 45.21 -2.05 -6.06
CA GLY D 175 45.15 -1.19 -7.22
C GLY D 175 46.51 -0.61 -7.54
N PRO D 176 46.53 0.63 -8.02
CA PRO D 176 47.81 1.34 -8.22
C PRO D 176 48.59 1.60 -6.95
N GLN D 177 47.99 1.44 -5.77
CA GLN D 177 48.69 1.39 -4.49
C GLN D 177 49.39 2.70 -4.14
N ASN D 178 48.73 3.84 -4.34
CA ASN D 178 49.43 5.11 -4.28
C ASN D 178 48.79 6.07 -3.28
N GLY D 179 47.61 6.60 -3.59
CA GLY D 179 46.97 7.59 -2.76
C GLY D 179 46.41 7.01 -1.48
N THR D 180 45.71 7.87 -0.74
CA THR D 180 45.05 7.46 0.48
C THR D 180 43.77 6.69 0.21
N ALA D 181 43.34 6.63 -1.05
CA ALA D 181 42.22 5.79 -1.40
C ALA D 181 42.61 4.34 -1.58
N TRP D 182 43.84 4.08 -2.00
CA TRP D 182 44.30 2.74 -2.33
C TRP D 182 45.11 2.09 -1.22
N THR D 183 45.29 2.73 -0.07
CA THR D 183 46.16 2.24 0.98
C THR D 183 45.50 2.38 2.34
N TYR D 184 45.77 1.42 3.21
CA TYR D 184 45.02 1.29 4.44
C TYR D 184 45.30 2.46 5.37
N HIS D 185 44.36 2.70 6.28
CA HIS D 185 44.52 3.67 7.34
C HIS D 185 43.87 3.11 8.59
N SER D 186 44.54 3.22 9.72
CA SER D 186 44.06 2.63 10.96
C SER D 186 42.88 3.42 11.48
N GLN D 187 42.34 3.00 12.63
CA GLN D 187 41.26 3.73 13.27
C GLN D 187 41.74 4.93 14.06
N ASN D 188 43.04 5.04 14.33
CA ASN D 188 43.54 6.27 14.94
C ASN D 188 43.76 7.37 13.93
N GLU D 189 44.45 7.08 12.82
CA GLU D 189 44.71 8.09 11.80
C GLU D 189 43.43 8.69 11.27
N LEU D 190 42.34 7.95 11.33
CA LEU D 190 41.00 8.48 11.07
C LEU D 190 40.26 8.40 12.40
N GLY D 191 40.08 9.53 13.06
CA GLY D 191 39.36 9.49 14.31
C GLY D 191 37.94 9.03 14.06
N GLY D 192 37.54 7.94 14.70
CA GLY D 192 36.22 7.39 14.39
C GLY D 192 35.88 6.27 15.33
N SER D 193 34.58 6.00 15.43
CA SER D 193 34.06 4.95 16.28
C SER D 193 33.39 3.91 15.42
N SER D 194 32.86 2.88 16.07
CA SER D 194 32.21 1.77 15.39
C SER D 194 30.90 2.24 14.79
N HIS D 195 30.72 2.04 13.50
CA HIS D 195 29.39 2.09 12.93
C HIS D 195 28.75 0.72 13.05
N TRP D 196 27.50 0.69 13.47
CA TRP D 196 26.77 -0.56 13.63
C TRP D 196 25.63 -0.59 12.64
N GLY D 197 25.79 -1.40 11.59
CA GLY D 197 24.88 -1.41 10.47
C GLY D 197 23.86 -2.52 10.57
N ARG D 198 23.41 -3.00 9.42
CA ARG D 198 22.42 -4.07 9.46
C ARG D 198 23.05 -5.42 9.70
N LEU D 199 24.20 -5.70 9.08
CA LEU D 199 24.79 -7.02 9.26
C LEU D 199 25.56 -7.09 10.57
N THR D 200 26.72 -6.46 10.63
CA THR D 200 27.54 -6.48 11.82
C THR D 200 28.17 -5.11 12.01
N SER D 201 28.72 -4.90 13.20
CA SER D 201 29.43 -3.67 13.49
C SER D 201 30.69 -3.57 12.65
N TYR D 202 31.15 -2.35 12.42
CA TYR D 202 32.28 -2.07 11.55
C TYR D 202 33.23 -1.12 12.26
N SER D 203 34.51 -1.23 11.94
CA SER D 203 35.51 -0.40 12.62
C SER D 203 35.54 0.97 11.96
N GLY D 204 36.54 1.78 12.30
CA GLY D 204 36.70 3.09 11.74
C GLY D 204 37.84 3.27 10.77
N GLY D 205 38.51 2.20 10.37
CA GLY D 205 39.65 2.32 9.49
C GLY D 205 39.23 2.34 8.04
N GLY D 206 40.06 1.78 7.18
CA GLY D 206 39.67 1.61 5.80
C GLY D 206 40.36 2.56 4.87
N TYR D 207 39.97 2.54 3.60
CA TYR D 207 40.63 3.31 2.57
C TYR D 207 39.75 4.51 2.24
N TYR D 208 40.11 5.66 2.80
CA TYR D 208 39.25 6.81 2.61
C TYR D 208 39.62 7.56 1.34
N LEU D 209 38.68 8.31 0.82
CA LEU D 209 38.96 9.34 -0.16
C LEU D 209 38.15 10.58 0.18
N ASP D 210 38.75 11.75 0.02
CA ASP D 210 38.10 13.02 0.33
C ASP D 210 37.92 13.80 -0.95
N LEU D 211 36.67 14.02 -1.33
CA LEU D 211 36.37 14.66 -2.60
C LEU D 211 36.81 16.13 -2.56
N PRO D 212 37.34 16.62 -3.65
CA PRO D 212 37.75 18.02 -3.70
C PRO D 212 36.57 18.98 -3.65
N GLY D 213 36.85 20.28 -3.81
CA GLY D 213 35.83 21.30 -3.66
C GLY D 213 34.76 21.38 -4.72
N SER D 214 35.14 21.60 -5.97
CA SER D 214 34.17 21.86 -7.02
C SER D 214 33.53 20.55 -7.45
N ARG D 215 32.67 20.59 -8.46
CA ARG D 215 32.15 19.35 -9.00
C ARG D 215 33.14 18.66 -9.93
N GLN D 216 33.70 19.42 -10.87
CA GLN D 216 34.48 18.81 -11.93
C GLN D 216 35.64 17.99 -11.38
N ALA D 217 36.39 18.56 -10.43
CA ALA D 217 37.47 17.81 -9.83
C ALA D 217 36.96 16.55 -9.14
N SER D 218 35.78 16.63 -8.52
CA SER D 218 35.23 15.45 -7.87
C SER D 218 34.91 14.36 -8.89
N ALA D 219 34.23 14.70 -9.97
CA ALA D 219 33.98 13.71 -11.01
C ALA D 219 35.27 13.12 -11.55
N GLU D 220 36.31 13.94 -11.70
CA GLU D 220 37.62 13.38 -12.06
C GLU D 220 38.06 12.34 -11.05
N ALA D 221 37.86 12.61 -9.76
CA ALA D 221 38.23 11.62 -8.75
C ALA D 221 37.48 10.32 -8.95
N LEU D 222 36.16 10.33 -8.72
CA LEU D 222 35.40 9.08 -8.80
C LEU D 222 35.57 8.38 -10.14
N GLN D 223 35.72 9.12 -11.22
CA GLN D 223 36.09 8.49 -12.48
C GLN D 223 37.42 7.76 -12.34
N GLY D 224 38.38 8.38 -11.64
CA GLY D 224 39.62 7.71 -11.35
C GLY D 224 39.48 6.45 -10.53
N LEU D 225 38.48 6.39 -9.66
CA LEU D 225 38.23 5.18 -8.89
C LEU D 225 37.42 4.12 -9.64
N GLN D 226 36.69 4.48 -10.67
CA GLN D 226 36.12 3.48 -11.55
C GLN D 226 37.13 2.93 -12.53
N GLU D 227 38.07 3.76 -12.98
CA GLU D 227 39.13 3.28 -13.87
C GLU D 227 39.74 2.00 -13.33
N GLY D 228 40.49 2.10 -12.25
CA GLY D 228 40.84 0.92 -11.50
C GLY D 228 39.61 0.36 -10.82
N LEU D 229 39.76 -0.78 -10.15
CA LEU D 229 38.62 -1.33 -9.43
C LEU D 229 38.79 -0.96 -7.96
N TRP D 230 38.01 0.02 -7.54
CA TRP D 230 38.06 0.37 -6.13
C TRP D 230 36.98 -0.37 -5.39
N LEU D 231 36.08 -1.02 -6.11
CA LEU D 231 35.16 -1.99 -5.56
C LEU D 231 35.44 -3.30 -6.26
N ASP D 232 35.97 -4.27 -5.51
CA ASP D 232 36.21 -5.60 -6.07
C ASP D 232 35.69 -6.63 -5.09
N ARG D 233 35.91 -7.92 -5.35
CA ARG D 233 35.30 -8.94 -4.51
C ARG D 233 35.67 -8.76 -3.05
N GLY D 234 36.80 -8.14 -2.76
CA GLY D 234 37.19 -7.96 -1.38
C GLY D 234 36.35 -6.99 -0.60
N THR D 235 35.67 -6.07 -1.28
CA THR D 235 34.95 -5.01 -0.62
C THR D 235 33.86 -5.57 0.29
N ARG D 236 33.59 -4.87 1.37
CA ARG D 236 32.47 -5.23 2.22
C ARG D 236 31.55 -4.06 2.53
N VAL D 237 32.04 -2.99 3.12
CA VAL D 237 31.20 -1.86 3.44
C VAL D 237 31.76 -0.62 2.75
N VAL D 238 30.87 0.26 2.31
CA VAL D 238 31.25 1.55 1.75
C VAL D 238 30.43 2.63 2.42
N PHE D 239 31.11 3.64 2.95
CA PHE D 239 30.50 4.75 3.65
C PHE D 239 30.68 6.03 2.85
N ILE D 240 29.65 6.86 2.85
CA ILE D 240 29.73 8.23 2.35
C ILE D 240 29.28 9.13 3.48
N ASP D 241 30.17 9.95 3.99
CA ASP D 241 29.83 10.80 5.13
C ASP D 241 29.95 12.26 4.72
N PHE D 242 28.92 13.05 5.02
CA PHE D 242 29.08 14.49 4.95
C PHE D 242 28.00 15.15 5.80
N SER D 243 28.25 16.42 6.11
CA SER D 243 27.43 17.16 7.05
C SER D 243 27.18 18.56 6.52
N VAL D 244 26.11 19.18 7.00
CA VAL D 244 25.56 20.40 6.43
C VAL D 244 25.12 21.30 7.58
N TYR D 245 25.35 22.60 7.46
CA TYR D 245 24.97 23.55 8.50
C TYR D 245 23.98 24.57 7.96
N ASN D 246 22.87 24.74 8.66
CA ASN D 246 21.82 25.65 8.24
C ASN D 246 21.97 26.97 8.96
N ALA D 247 22.08 28.05 8.20
CA ALA D 247 22.32 29.37 8.77
C ALA D 247 21.05 30.04 9.31
N ASN D 248 19.90 29.77 8.72
CA ASN D 248 18.70 30.54 9.00
C ASN D 248 18.20 30.21 10.40
N ILE D 249 17.69 29.00 10.59
CA ILE D 249 17.65 28.44 11.93
C ILE D 249 19.07 28.03 12.24
N ASN D 250 19.30 27.41 13.39
CA ASN D 250 20.62 26.90 13.70
C ASN D 250 20.50 25.40 13.92
N LEU D 251 20.98 24.62 12.96
CA LEU D 251 21.01 23.18 13.07
C LEU D 251 22.04 22.62 12.11
N PHE D 252 22.51 21.42 12.42
CA PHE D 252 23.35 20.62 11.56
C PHE D 252 22.56 19.42 11.08
N CYS D 253 22.73 19.05 9.82
CA CYS D 253 22.26 17.77 9.33
C CYS D 253 23.50 16.98 8.96
N ILE D 254 23.82 15.97 9.77
CA ILE D 254 24.95 15.09 9.53
C ILE D 254 24.41 13.79 9.02
N LEU D 255 24.98 13.29 7.92
CA LEU D 255 24.38 12.13 7.31
C LEU D 255 25.44 11.16 6.78
N ARG D 256 25.15 9.87 6.99
CA ARG D 256 25.94 8.75 6.53
C ARG D 256 25.11 7.94 5.57
N LEU D 257 25.70 7.62 4.43
CA LEU D 257 25.10 6.72 3.46
C LEU D 257 25.95 5.46 3.47
N VAL D 258 25.37 4.38 3.97
CA VAL D 258 26.07 3.13 4.23
C VAL D 258 25.57 2.08 3.26
N VAL D 259 26.40 1.65 2.33
CA VAL D 259 26.06 0.59 1.39
C VAL D 259 26.87 -0.62 1.76
N GLU D 260 26.21 -1.75 1.98
CA GLU D 260 26.92 -2.95 2.39
C GLU D 260 26.95 -3.95 1.26
N PHE D 261 28.09 -4.60 1.07
CA PHE D 261 28.18 -5.67 0.09
C PHE D 261 28.36 -6.96 0.86
N PRO D 262 27.37 -7.83 0.98
CA PRO D 262 27.58 -9.05 1.74
C PRO D 262 28.50 -9.99 0.99
N ALA D 263 28.82 -11.11 1.63
CA ALA D 263 29.60 -12.13 0.95
C ALA D 263 28.84 -12.73 -0.21
N THR D 264 27.51 -12.69 -0.13
CA THR D 264 26.66 -13.32 -1.12
C THR D 264 26.63 -12.55 -2.43
N GLY D 265 27.19 -11.37 -2.46
CA GLY D 265 27.04 -10.48 -3.60
C GLY D 265 25.90 -9.50 -3.39
N GLY D 266 25.71 -8.64 -4.37
CA GLY D 266 24.65 -7.69 -4.28
C GLY D 266 24.97 -6.60 -3.30
N THR D 267 23.94 -5.87 -2.88
CA THR D 267 24.09 -4.73 -2.01
C THR D 267 22.91 -4.60 -1.08
N ILE D 268 23.15 -3.90 0.02
CA ILE D 268 22.14 -3.55 1.01
C ILE D 268 22.34 -2.09 1.35
N PRO D 269 21.67 -1.16 0.68
CA PRO D 269 21.80 0.25 1.06
C PRO D 269 21.03 0.56 2.32
N SER D 270 21.58 1.50 3.09
CA SER D 270 21.04 1.94 4.36
C SER D 270 21.58 3.33 4.64
N TRP D 271 20.94 4.04 5.56
CA TRP D 271 21.31 5.43 5.76
C TRP D 271 21.00 5.86 7.19
N GLN D 272 21.75 6.84 7.68
CA GLN D 272 21.44 7.51 8.94
C GLN D 272 21.55 9.01 8.74
N ILE D 273 20.50 9.73 9.09
CA ILE D 273 20.46 11.18 8.97
C ILE D 273 20.05 11.75 10.31
N ARG D 274 20.95 12.51 10.93
CA ARG D 274 20.72 13.11 12.24
C ARG D 274 20.86 14.62 12.13
N THR D 275 19.83 15.34 12.54
CA THR D 275 19.93 16.78 12.67
C THR D 275 20.04 17.14 14.14
N VAL D 276 20.90 18.09 14.43
CA VAL D 276 21.45 18.29 15.75
C VAL D 276 21.65 19.77 15.99
N LYS D 277 21.30 20.25 17.17
CA LYS D 277 21.69 21.58 17.59
C LYS D 277 22.98 21.43 18.37
N LEU D 278 24.10 21.84 17.78
CA LEU D 278 25.36 21.70 18.48
C LEU D 278 25.70 22.97 19.22
N ILE D 279 25.90 24.06 18.49
CA ILE D 279 26.17 25.35 19.11
C ILE D 279 24.87 25.76 19.80
N ARG D 280 24.92 25.95 21.11
CA ARG D 280 23.74 26.40 21.83
C ARG D 280 23.72 27.89 22.02
N TYR D 281 24.74 28.59 21.53
CA TYR D 281 24.81 30.05 21.64
C TYR D 281 23.94 30.64 20.56
N VAL D 282 22.95 31.41 20.99
CA VAL D 282 22.02 32.09 20.11
C VAL D 282 21.96 33.57 20.44
N ASN D 283 21.49 33.89 21.63
CA ASN D 283 21.36 35.25 22.13
C ASN D 283 21.59 35.21 23.64
N ASN D 284 21.24 36.30 24.33
CA ASN D 284 21.24 36.28 25.79
C ASN D 284 20.46 35.10 26.34
N TRP D 285 19.48 34.59 25.60
CA TRP D 285 18.80 33.35 25.97
C TRP D 285 19.77 32.20 26.20
N ASP D 286 20.87 32.14 25.45
CA ASP D 286 21.90 31.15 25.74
C ASP D 286 22.52 31.36 27.12
N PHE D 287 22.67 32.62 27.55
CA PHE D 287 23.13 32.90 28.90
C PHE D 287 22.10 32.50 29.93
N PHE D 288 20.81 32.66 29.61
CA PHE D 288 19.77 32.06 30.45
C PHE D 288 19.85 30.53 30.46
N ILE D 289 20.45 29.94 29.42
CA ILE D 289 20.67 28.49 29.42
C ILE D 289 21.88 28.12 30.27
N VAL D 290 22.89 28.99 30.33
CA VAL D 290 24.00 28.76 31.26
C VAL D 290 23.50 28.87 32.69
N GLY D 291 22.74 29.91 33.00
CA GLY D 291 22.10 29.98 34.31
C GLY D 291 21.23 28.78 34.58
N CYS D 292 20.47 28.32 33.58
CA CYS D 292 19.66 27.13 33.77
C CYS D 292 20.52 25.92 34.11
N GLU D 293 21.65 25.74 33.43
CA GLU D 293 22.53 24.63 33.72
C GLU D 293 23.06 24.69 35.15
N VAL D 294 23.56 25.85 35.58
CA VAL D 294 24.10 25.92 36.93
C VAL D 294 23.00 25.75 37.96
N VAL D 295 21.78 26.21 37.68
CA VAL D 295 20.67 25.92 38.57
C VAL D 295 20.44 24.42 38.66
N PHE D 296 20.54 23.73 37.52
CA PHE D 296 20.34 22.28 37.51
C PHE D 296 21.38 21.59 38.38
N CYS D 297 22.65 21.96 38.25
CA CYS D 297 23.64 21.30 39.10
C CYS D 297 23.43 21.65 40.56
N VAL D 298 22.98 22.88 40.86
CA VAL D 298 22.57 23.18 42.22
C VAL D 298 21.52 22.18 42.70
N PHE D 299 20.51 21.92 41.86
CA PHE D 299 19.48 20.96 42.21
C PHE D 299 20.08 19.59 42.51
N ILE D 300 20.92 19.08 41.61
CA ILE D 300 21.43 17.73 41.82
C ILE D 300 22.29 17.65 43.07
N PHE D 301 23.07 18.69 43.38
CA PHE D 301 23.79 18.66 44.66
C PHE D 301 22.81 18.63 45.83
N TYR D 302 21.74 19.42 45.77
CA TYR D 302 20.71 19.33 46.78
C TYR D 302 20.18 17.91 46.93
N TYR D 303 20.03 17.21 45.81
CA TYR D 303 19.44 15.88 45.83
C TYR D 303 20.42 14.78 46.22
N VAL D 304 21.72 15.02 46.11
CA VAL D 304 22.66 14.08 46.68
C VAL D 304 22.80 14.30 48.18
N VAL D 305 22.71 15.56 48.63
CA VAL D 305 22.66 15.83 50.07
C VAL D 305 21.45 15.15 50.68
N GLU D 306 20.26 15.45 50.18
CA GLU D 306 19.06 14.79 50.71
C GLU D 306 18.99 13.32 50.35
N GLU D 307 19.82 12.88 49.39
CA GLU D 307 19.81 11.48 49.00
C GLU D 307 20.57 10.60 49.99
N ILE D 308 21.78 11.02 50.37
CA ILE D 308 22.66 10.14 51.12
C ILE D 308 22.11 9.73 52.49
N LEU D 309 21.50 10.66 53.22
CA LEU D 309 21.02 10.38 54.58
C LEU D 309 19.97 9.28 54.60
N VAL D 322 12.46 1.85 47.62
CA VAL D 322 12.07 1.40 46.30
C VAL D 322 12.11 2.57 45.33
N TRP D 323 11.37 3.62 45.65
CA TRP D 323 11.37 4.81 44.80
C TRP D 323 12.73 5.49 44.79
N ASN D 324 13.49 5.34 45.88
CA ASN D 324 14.85 5.87 45.90
C ASN D 324 15.75 5.18 44.88
N ILE D 325 15.39 3.98 44.43
CA ILE D 325 16.04 3.42 43.24
C ILE D 325 15.89 4.38 42.08
N LEU D 326 14.64 4.73 41.77
CA LEU D 326 14.38 5.70 40.73
C LEU D 326 15.12 7.00 40.99
N ASP D 327 15.25 7.39 42.26
CA ASP D 327 15.98 8.61 42.58
C ASP D 327 17.46 8.51 42.17
N LEU D 328 18.13 7.45 42.59
CA LEU D 328 19.54 7.29 42.26
C LEU D 328 19.76 7.14 40.76
N VAL D 329 18.80 6.55 40.04
CA VAL D 329 18.89 6.48 38.59
C VAL D 329 18.79 7.87 37.97
N VAL D 330 17.72 8.60 38.29
CA VAL D 330 17.52 9.94 37.75
C VAL D 330 18.73 10.82 38.03
N ILE D 331 19.25 10.78 39.25
CA ILE D 331 20.42 11.59 39.55
C ILE D 331 21.62 11.10 38.78
N LEU D 332 21.76 9.78 38.61
CA LEU D 332 22.89 9.24 37.87
C LEU D 332 22.91 9.79 36.44
N LEU D 333 21.83 9.59 35.70
CA LEU D 333 21.79 10.09 34.33
C LEU D 333 21.84 11.61 34.29
N SER D 334 21.41 12.28 35.35
CA SER D 334 21.55 13.73 35.42
C SER D 334 23.03 14.12 35.39
N ILE D 335 23.82 13.60 36.33
CA ILE D 335 25.22 14.01 36.37
C ILE D 335 25.98 13.49 35.16
N VAL D 336 25.56 12.37 34.57
CA VAL D 336 26.10 12.01 33.27
C VAL D 336 25.83 13.11 32.27
N ALA D 337 24.63 13.66 32.30
CA ALA D 337 24.25 14.72 31.39
C ALA D 337 24.94 16.04 31.69
N VAL D 338 25.53 16.21 32.87
CA VAL D 338 26.16 17.48 33.19
C VAL D 338 27.44 17.67 32.39
N GLY D 339 28.37 16.73 32.50
CA GLY D 339 29.66 16.90 31.86
C GLY D 339 29.64 16.96 30.36
N PHE D 340 28.59 16.40 29.76
CA PHE D 340 28.54 16.36 28.30
C PHE D 340 28.57 17.74 27.67
N HIS D 341 28.10 18.76 28.38
CA HIS D 341 28.15 20.09 27.78
C HIS D 341 29.56 20.62 27.65
N ILE D 342 30.40 20.38 28.67
CA ILE D 342 31.80 20.78 28.54
C ILE D 342 32.49 19.94 27.48
N PHE D 343 32.25 18.63 27.50
CA PHE D 343 32.73 17.77 26.42
C PHE D 343 32.36 18.33 25.05
N ARG D 344 31.13 18.80 24.90
CA ARG D 344 30.66 19.29 23.62
C ARG D 344 31.31 20.61 23.23
N THR D 345 31.29 21.60 24.13
CA THR D 345 31.92 22.88 23.81
C THR D 345 33.38 22.69 23.44
N LEU D 346 34.09 21.82 24.14
CA LEU D 346 35.45 21.50 23.72
C LEU D 346 35.46 20.93 22.30
N GLU D 347 34.63 19.92 22.04
CA GLU D 347 34.63 19.29 20.73
C GLU D 347 34.35 20.30 19.63
N VAL D 348 33.23 21.02 19.72
CA VAL D 348 32.86 21.99 18.70
C VAL D 348 33.95 23.02 18.52
N ASN D 349 34.49 23.55 19.63
CA ASN D 349 35.59 24.48 19.53
C ASN D 349 36.72 23.92 18.67
N ARG D 350 37.09 22.66 18.92
CA ARG D 350 38.18 22.06 18.15
C ARG D 350 37.81 21.93 16.68
N LEU D 351 36.63 21.39 16.38
CA LEU D 351 36.24 21.18 14.99
C LEU D 351 36.21 22.49 14.23
N MET D 352 35.41 23.44 14.68
CA MET D 352 35.37 24.73 14.00
C MET D 352 36.75 25.35 13.91
N GLY D 353 37.63 25.03 14.85
CA GLY D 353 39.03 25.31 14.65
C GLY D 353 39.58 24.68 13.39
N LYS D 354 39.29 23.40 13.17
CA LYS D 354 39.87 22.72 12.02
C LYS D 354 39.28 23.25 10.71
N LEU D 355 37.95 23.27 10.60
CA LEU D 355 37.31 23.85 9.44
C LEU D 355 37.80 25.25 9.17
N LEU D 356 38.07 26.01 10.23
CA LEU D 356 38.68 27.31 10.04
C LEU D 356 40.06 27.19 9.40
N GLN D 357 40.88 26.26 9.87
CA GLN D 357 42.26 26.21 9.40
C GLN D 357 42.37 25.68 7.98
N GLN D 358 41.82 24.49 7.72
CA GLN D 358 42.04 23.82 6.44
C GLN D 358 40.73 23.33 5.84
N PRO D 359 40.09 24.11 5.00
CA PRO D 359 38.93 23.60 4.26
C PRO D 359 39.32 22.48 3.31
N ASP D 360 38.34 21.91 2.60
CA ASP D 360 38.58 20.76 1.73
C ASP D 360 39.27 19.63 2.46
N THR D 361 38.91 19.45 3.72
CA THR D 361 39.41 18.37 4.55
C THR D 361 38.26 17.86 5.40
N TYR D 362 38.01 16.56 5.36
CA TYR D 362 36.91 16.03 6.13
C TYR D 362 37.13 16.32 7.60
N ALA D 363 36.12 16.89 8.24
CA ALA D 363 36.14 17.16 9.66
C ALA D 363 34.97 16.42 10.28
N ASP D 364 35.24 15.55 11.24
CA ASP D 364 34.21 14.63 11.69
C ASP D 364 33.21 15.38 12.55
N PHE D 365 31.98 15.46 12.07
CA PHE D 365 30.83 15.75 12.90
C PHE D 365 30.03 14.50 13.25
N GLU D 366 30.41 13.34 12.74
CA GLU D 366 29.57 12.17 12.94
C GLU D 366 29.70 11.62 14.36
N PHE D 367 30.91 11.58 14.90
CA PHE D 367 31.07 11.20 16.30
C PHE D 367 30.30 12.14 17.21
N LEU D 368 30.52 13.43 17.04
CA LEU D 368 29.87 14.42 17.88
C LEU D 368 28.35 14.38 17.74
N ALA D 369 27.85 14.23 16.52
CA ALA D 369 26.40 14.14 16.32
C ALA D 369 25.84 12.88 16.95
N PHE D 370 26.56 11.77 16.79
CA PHE D 370 26.15 10.52 17.39
C PHE D 370 25.93 10.70 18.89
N TRP D 371 26.94 11.22 19.59
CA TRP D 371 26.76 11.33 21.03
C TRP D 371 25.82 12.46 21.43
N GLN D 372 25.65 13.47 20.59
CA GLN D 372 24.63 14.48 20.88
C GLN D 372 23.25 13.87 20.84
N THR D 373 22.96 13.03 19.85
CA THR D 373 21.62 12.46 19.74
C THR D 373 21.37 11.44 20.83
N GLN D 374 22.38 10.65 21.18
CA GLN D 374 22.15 9.71 22.27
C GLN D 374 22.08 10.44 23.60
N TYR D 375 22.77 11.58 23.71
CA TYR D 375 22.54 12.48 24.83
C TYR D 375 21.09 12.90 24.90
N ASN D 376 20.51 13.31 23.77
CA ASN D 376 19.10 13.67 23.77
C ASN D 376 18.21 12.51 24.16
N ASN D 377 18.56 11.29 23.75
CA ASN D 377 17.78 10.15 24.20
C ASN D 377 17.84 10.02 25.72
N MET D 378 19.03 10.17 26.29
CA MET D 378 19.16 10.09 27.75
C MET D 378 18.29 11.15 28.43
N ASN D 379 18.38 12.40 27.97
CA ASN D 379 17.50 13.43 28.54
C ASN D 379 16.03 13.05 28.43
N ALA D 380 15.63 12.47 27.30
CA ALA D 380 14.24 12.05 27.17
C ALA D 380 13.86 11.06 28.25
N VAL D 381 14.71 10.07 28.50
CA VAL D 381 14.35 9.06 29.50
C VAL D 381 14.33 9.68 30.90
N ASN D 382 15.34 10.49 31.23
CA ASN D 382 15.31 11.23 32.49
C ASN D 382 14.00 11.97 32.66
N LEU D 383 13.61 12.75 31.67
CA LEU D 383 12.39 13.54 31.81
C LEU D 383 11.18 12.64 32.00
N PHE D 384 11.12 11.53 31.29
CA PHE D 384 10.00 10.61 31.46
C PHE D 384 9.92 10.11 32.89
N PHE D 385 11.03 9.57 33.41
CA PHE D 385 11.03 9.18 34.82
C PHE D 385 10.66 10.34 35.72
N ALA D 386 11.13 11.54 35.42
CA ALA D 386 10.81 12.70 36.24
C ALA D 386 9.33 12.95 36.28
N TRP D 387 8.59 12.56 35.24
CA TRP D 387 7.14 12.60 35.34
C TRP D 387 6.58 11.43 36.13
N ILE D 388 7.13 10.23 35.97
CA ILE D 388 6.62 9.10 36.75
C ILE D 388 6.73 9.37 38.24
N LYS D 389 7.86 9.91 38.67
CA LYS D 389 8.25 10.08 40.06
C LYS D 389 7.22 10.85 40.86
N ILE D 390 6.32 11.59 40.19
CA ILE D 390 5.28 12.34 40.90
C ILE D 390 4.57 11.47 41.92
N PHE D 391 4.32 10.20 41.60
CA PHE D 391 3.57 9.36 42.51
C PHE D 391 4.30 9.16 43.83
N LYS D 392 5.63 9.20 43.83
CA LYS D 392 6.35 9.12 45.09
C LYS D 392 6.08 10.33 45.97
N TYR D 393 5.92 11.49 45.36
CA TYR D 393 5.66 12.73 46.09
C TYR D 393 4.18 13.04 46.20
N ILE D 394 3.31 12.14 45.76
CA ILE D 394 1.86 12.37 45.86
C ILE D 394 1.14 11.13 46.33
N PHE D 417 2.05 -19.29 36.50
CA PHE D 417 1.29 -19.80 35.37
C PHE D 417 1.83 -19.26 34.06
N ALA D 418 2.33 -18.03 34.09
CA ALA D 418 2.82 -17.39 32.88
C ALA D 418 3.94 -18.17 32.22
N ILE D 419 4.68 -18.97 32.98
CA ILE D 419 5.81 -19.70 32.42
C ILE D 419 5.35 -20.63 31.30
N MET D 420 4.18 -21.26 31.47
CA MET D 420 3.62 -22.04 30.38
C MET D 420 3.42 -21.18 29.14
N PHE D 421 3.16 -19.89 29.33
CA PHE D 421 3.01 -19.04 28.16
C PHE D 421 4.35 -18.66 27.56
N PHE D 422 5.31 -18.24 28.37
CA PHE D 422 6.58 -17.79 27.80
C PHE D 422 7.33 -18.93 27.13
N ILE D 423 7.39 -20.10 27.76
CA ILE D 423 8.11 -21.21 27.15
C ILE D 423 7.56 -21.48 25.75
N VAL D 424 6.26 -21.74 25.65
CA VAL D 424 5.67 -22.05 24.36
C VAL D 424 5.80 -20.87 23.40
N PHE D 425 5.77 -19.65 23.92
CA PHE D 425 5.96 -18.49 23.06
C PHE D 425 7.32 -18.55 22.38
N PHE D 426 8.40 -18.63 23.15
CA PHE D 426 9.71 -18.75 22.53
C PHE D 426 9.82 -19.98 21.66
N ALA D 427 9.08 -21.03 21.99
CA ALA D 427 9.08 -22.20 21.12
C ALA D 427 8.53 -21.85 19.74
N TYR D 428 7.46 -21.04 19.67
CA TYR D 428 7.03 -20.54 18.37
C TYR D 428 8.04 -19.62 17.73
N ALA D 429 8.65 -18.71 18.50
CA ALA D 429 9.67 -17.86 17.89
C ALA D 429 10.72 -18.69 17.20
N GLN D 430 11.14 -19.78 17.82
CA GLN D 430 12.15 -20.64 17.24
C GLN D 430 11.62 -21.35 16.01
N LEU D 431 10.45 -21.98 16.13
CA LEU D 431 9.88 -22.68 14.98
C LEU D 431 9.73 -21.76 13.79
N GLY D 432 9.07 -20.62 13.98
CA GLY D 432 8.94 -19.65 12.90
C GLY D 432 10.26 -19.21 12.34
N TYR D 433 11.28 -19.07 13.18
CA TYR D 433 12.58 -18.72 12.65
C TYR D 433 13.14 -19.82 11.75
N LEU D 434 12.88 -21.09 12.08
CA LEU D 434 13.45 -22.16 11.25
C LEU D 434 12.67 -22.36 9.96
N LEU D 435 11.34 -22.42 10.04
CA LEU D 435 10.55 -22.67 8.84
C LEU D 435 10.64 -21.51 7.86
N PHE D 436 10.31 -20.32 8.33
CA PHE D 436 10.46 -19.11 7.54
C PHE D 436 11.88 -18.61 7.77
N GLY D 437 12.18 -17.38 7.41
CA GLY D 437 13.43 -16.81 7.82
C GLY D 437 14.56 -16.98 6.84
N THR D 438 14.48 -17.95 5.94
CA THR D 438 15.25 -17.88 4.71
C THR D 438 14.42 -17.32 3.57
N GLN D 439 13.20 -16.89 3.87
CA GLN D 439 12.28 -16.31 2.90
C GLN D 439 11.81 -14.94 3.33
N VAL D 440 11.04 -14.87 4.40
CA VAL D 440 10.43 -13.64 4.88
C VAL D 440 11.47 -12.90 5.73
N GLU D 441 11.50 -11.59 5.62
CA GLU D 441 12.47 -10.86 6.42
C GLU D 441 12.07 -10.79 7.89
N ASN D 442 10.80 -10.53 8.17
CA ASN D 442 10.35 -10.36 9.54
C ASN D 442 10.75 -11.51 10.44
N PHE D 443 10.98 -12.70 9.88
CA PHE D 443 11.43 -13.85 10.66
C PHE D 443 12.92 -14.10 10.54
N SER D 444 13.67 -13.30 9.82
CA SER D 444 15.00 -13.72 9.41
C SER D 444 16.02 -13.78 10.53
N THR D 445 15.69 -13.26 11.72
CA THR D 445 16.54 -13.46 12.89
C THR D 445 15.68 -13.79 14.09
N PHE D 446 16.28 -13.97 15.26
CA PHE D 446 15.45 -14.42 16.36
C PHE D 446 14.66 -13.28 16.99
N VAL D 447 15.32 -12.16 17.30
CA VAL D 447 14.59 -11.04 17.89
C VAL D 447 13.48 -10.57 16.96
N LYS D 448 13.77 -10.45 15.67
CA LYS D 448 12.72 -10.09 14.73
C LYS D 448 11.55 -11.07 14.79
N CYS D 449 11.82 -12.36 15.06
CA CYS D 449 10.72 -13.29 15.24
C CYS D 449 9.93 -12.96 16.48
N ILE D 450 10.62 -12.59 17.57
CA ILE D 450 9.88 -12.24 18.77
C ILE D 450 8.94 -11.08 18.52
N PHE D 451 9.44 -10.00 17.92
CA PHE D 451 8.55 -8.86 17.74
C PHE D 451 7.54 -9.09 16.64
N THR D 452 7.84 -9.96 15.67
CA THR D 452 6.82 -10.30 14.70
C THR D 452 5.66 -11.02 15.37
N GLN D 453 5.96 -12.02 16.19
CA GLN D 453 4.87 -12.70 16.88
C GLN D 453 4.13 -11.75 17.80
N PHE D 454 4.83 -10.80 18.38
CA PHE D 454 4.15 -9.86 19.25
C PHE D 454 3.17 -9.00 18.45
N ARG D 455 3.58 -8.53 17.29
CA ARG D 455 2.62 -7.81 16.46
C ARG D 455 1.45 -8.71 16.07
N ILE D 456 1.70 -9.97 15.72
CA ILE D 456 0.58 -10.86 15.40
C ILE D 456 -0.42 -10.86 16.54
N ILE D 457 0.05 -10.92 17.79
CA ILE D 457 -0.88 -10.76 18.90
C ILE D 457 -1.62 -9.44 18.79
N LEU D 458 -0.93 -8.37 18.43
CA LEU D 458 -1.59 -7.08 18.37
C LEU D 458 -2.35 -6.86 17.06
N GLY D 459 -2.42 -7.87 16.21
CA GLY D 459 -3.26 -7.74 15.04
C GLY D 459 -2.66 -6.93 13.93
N ASP D 460 -1.37 -7.11 13.69
CA ASP D 460 -0.72 -6.58 12.50
C ASP D 460 0.13 -7.68 11.92
N PHE D 461 -0.20 -8.13 10.71
CA PHE D 461 0.52 -9.22 10.10
C PHE D 461 0.30 -9.17 8.60
N ASP D 462 1.19 -9.82 7.88
CA ASP D 462 1.04 -10.02 6.44
C ASP D 462 0.90 -11.52 6.24
N TYR D 463 -0.29 -11.97 5.87
CA TYR D 463 -0.50 -13.39 5.73
C TYR D 463 0.01 -13.93 4.41
N ASN D 464 0.03 -13.10 3.36
CA ASN D 464 0.57 -13.55 2.08
C ASN D 464 1.98 -14.05 2.22
N ALA D 465 2.83 -13.36 2.98
CA ALA D 465 4.21 -13.77 3.09
C ALA D 465 4.33 -15.12 3.76
N ILE D 466 3.75 -15.25 4.95
CA ILE D 466 3.78 -16.53 5.65
C ILE D 466 3.23 -17.63 4.76
N ASP D 467 2.26 -17.31 3.92
CA ASP D 467 1.61 -18.34 3.13
C ASP D 467 2.40 -18.73 1.90
N ASN D 468 3.13 -17.80 1.30
CA ASN D 468 3.95 -18.18 0.16
C ASN D 468 5.31 -18.71 0.56
N ALA D 469 5.76 -18.49 1.80
CA ALA D 469 7.01 -19.10 2.21
C ALA D 469 6.88 -20.61 2.21
N ASN D 470 5.95 -21.14 2.99
CA ASN D 470 5.62 -22.56 2.94
C ASN D 470 4.11 -22.67 3.00
N ARG D 471 3.49 -23.17 1.95
CA ARG D 471 2.05 -23.05 1.80
C ARG D 471 1.27 -24.15 2.48
N ILE D 472 1.92 -25.06 3.19
CA ILE D 472 1.26 -25.99 4.10
C ILE D 472 1.52 -25.62 5.55
N LEU D 473 2.78 -25.64 5.97
CA LEU D 473 3.09 -25.31 7.36
C LEU D 473 2.81 -23.88 7.72
N GLY D 474 2.61 -22.99 6.75
CA GLY D 474 2.36 -21.61 7.05
C GLY D 474 1.05 -21.42 7.79
N PRO D 475 -0.06 -21.82 7.16
CA PRO D 475 -1.35 -21.70 7.85
C PRO D 475 -1.41 -22.48 9.14
N VAL D 476 -0.71 -23.60 9.24
CA VAL D 476 -0.68 -24.33 10.50
C VAL D 476 -0.01 -23.49 11.57
N TYR D 477 1.11 -22.85 11.23
CA TYR D 477 1.75 -21.96 12.18
C TYR D 477 0.83 -20.84 12.60
N PHE D 478 0.27 -20.12 11.62
CA PHE D 478 -0.53 -18.95 11.94
C PHE D 478 -1.74 -19.32 12.79
N VAL D 479 -2.56 -20.25 12.31
CA VAL D 479 -3.74 -20.66 13.06
C VAL D 479 -3.35 -21.16 14.44
N THR D 480 -2.43 -22.12 14.50
CA THR D 480 -2.07 -22.72 15.77
C THR D 480 -1.63 -21.67 16.77
N TYR D 481 -0.84 -20.70 16.33
CA TYR D 481 -0.40 -19.64 17.23
C TYR D 481 -1.58 -18.82 17.70
N VAL D 482 -2.50 -18.49 16.80
CA VAL D 482 -3.65 -17.70 17.20
C VAL D 482 -4.45 -18.41 18.28
N PHE D 483 -4.81 -19.67 18.05
CA PHE D 483 -5.51 -20.41 19.10
C PHE D 483 -4.71 -20.49 20.38
N PHE D 484 -3.39 -20.61 20.30
CA PHE D 484 -2.62 -20.63 21.53
C PHE D 484 -2.82 -19.36 22.33
N VAL D 485 -2.55 -18.20 21.71
CA VAL D 485 -2.62 -16.94 22.44
C VAL D 485 -4.04 -16.69 22.93
N PHE D 486 -5.01 -16.83 22.04
CA PHE D 486 -6.42 -16.69 22.40
C PHE D 486 -6.79 -17.54 23.62
N PHE D 487 -6.43 -18.82 23.57
CA PHE D 487 -6.85 -19.78 24.59
C PHE D 487 -6.16 -19.52 25.92
N VAL D 488 -4.84 -19.33 25.90
CA VAL D 488 -4.12 -19.04 27.12
C VAL D 488 -4.63 -17.75 27.76
N LEU D 489 -4.82 -16.71 26.94
CA LEU D 489 -5.40 -15.48 27.46
C LEU D 489 -6.73 -15.75 28.15
N LEU D 490 -7.58 -16.56 27.53
CA LEU D 490 -8.82 -16.97 28.17
C LEU D 490 -8.57 -17.52 29.57
N ASN D 491 -7.82 -18.62 29.66
CA ASN D 491 -7.57 -19.24 30.96
C ASN D 491 -7.02 -18.22 31.96
N MET D 492 -6.28 -17.22 31.50
CA MET D 492 -5.87 -16.16 32.40
C MET D 492 -7.08 -15.38 32.90
N PHE D 493 -8.01 -15.02 32.01
CA PHE D 493 -9.24 -14.37 32.49
C PHE D 493 -9.95 -15.21 33.53
N LEU D 494 -10.27 -16.47 33.20
CA LEU D 494 -11.03 -17.28 34.15
C LEU D 494 -10.28 -17.43 35.47
N ALA D 495 -8.95 -17.51 35.43
CA ALA D 495 -8.20 -17.58 36.68
C ALA D 495 -8.37 -16.31 37.49
N ILE D 496 -8.21 -15.15 36.85
CA ILE D 496 -8.34 -13.91 37.60
C ILE D 496 -9.76 -13.75 38.14
N ILE D 497 -10.76 -14.29 37.45
CA ILE D 497 -12.11 -14.25 38.00
C ILE D 497 -12.24 -15.22 39.16
N ASN D 498 -11.49 -16.31 39.14
CA ASN D 498 -11.45 -17.20 40.30
C ASN D 498 -10.83 -16.51 41.51
N ASP D 499 -9.85 -15.63 41.31
CA ASP D 499 -9.32 -14.87 42.44
C ASP D 499 -10.33 -13.88 43.00
N THR D 500 -11.48 -13.71 42.34
CA THR D 500 -12.48 -12.74 42.76
C THR D 500 -13.75 -13.43 43.24
C1 NAG E . -4.72 21.08 -35.05
C2 NAG E . -4.71 20.65 -36.51
C3 NAG E . -3.72 21.50 -37.31
C4 NAG E . -3.98 22.98 -37.09
C5 NAG E . -3.97 23.27 -35.59
C6 NAG E . -4.29 24.71 -35.27
C7 NAG E . -5.28 18.29 -36.94
C8 NAG E . -6.68 18.77 -37.19
N2 NAG E . -4.39 19.23 -36.63
O3 NAG E . -3.87 21.18 -38.70
O4 NAG E . -2.98 23.76 -37.72
O5 NAG E . -4.98 22.48 -34.96
O6 NAG E . -3.54 25.59 -36.12
O7 NAG E . -4.98 17.11 -37.01
C1 NAG F . 19.36 43.41 2.32
C2 NAG F . 20.50 44.03 1.51
C3 NAG F . 20.12 45.45 1.08
C4 NAG F . 18.78 45.45 0.37
C5 NAG F . 17.74 44.77 1.26
C6 NAG F . 16.38 44.66 0.62
C7 NAG F . 22.93 43.81 1.76
C8 NAG F . 24.08 43.87 2.70
N2 NAG F . 21.73 44.05 2.29
O3 NAG F . 21.13 45.94 0.20
O4 NAG F . 18.38 46.79 0.09
O5 NAG F . 18.17 43.43 1.55
O6 NAG F . 15.38 45.27 1.42
O7 NAG F . 23.07 43.56 0.57
C1 NAG G . 7.80 49.91 -15.40
C2 NAG G . 6.73 50.96 -15.05
C3 NAG G . 6.65 52.00 -16.16
C4 NAG G . 8.03 52.60 -16.42
C5 NAG G . 9.06 51.50 -16.68
C6 NAG G . 10.47 52.03 -16.79
C7 NAG G . 4.53 50.84 -13.98
C8 NAG G . 3.24 50.08 -13.88
N2 NAG G . 5.43 50.35 -14.83
O3 NAG G . 5.76 53.03 -15.77
O4 NAG G . 7.97 53.45 -17.56
O5 NAG G . 9.05 50.56 -15.60
O6 NAG G . 10.55 53.36 -16.30
O7 NAG G . 4.76 51.84 -13.31
C1 NAG H . 33.74 -2.02 -23.50
C2 NAG H . 34.71 -0.96 -23.99
C3 NAG H . 34.88 -1.04 -25.51
C4 NAG H . 35.23 -2.46 -25.92
C5 NAG H . 34.20 -3.43 -25.36
C6 NAG H . 34.50 -4.87 -25.67
C7 NAG H . 34.83 1.10 -22.63
C8 NAG H . 36.02 0.50 -21.96
N2 NAG H . 34.25 0.38 -23.60
O3 NAG H . 35.91 -0.15 -25.92
O4 NAG H . 35.24 -2.59 -27.34
O5 NAG H . 34.18 -3.30 -23.93
O6 NAG H . 34.87 -5.03 -27.03
O7 NAG H . 34.41 2.21 -22.32
C1 NAG I . -3.64 -33.09 -34.00
C2 NAG I . -3.63 -32.96 -35.53
C3 NAG I . -2.74 -34.03 -36.14
C4 NAG I . -1.36 -34.01 -35.50
C5 NAG I . -1.51 -34.11 -33.99
C6 NAG I . -0.19 -34.04 -33.24
C7 NAG I . -5.40 -32.31 -37.09
C8 NAG I . -6.83 -32.54 -37.51
N2 NAG I . -4.98 -33.05 -36.06
O3 NAG I . -2.61 -33.78 -37.54
O4 NAG I . -0.59 -35.10 -35.98
O5 NAG I . -2.32 -33.02 -33.51
O6 NAG I . -0.02 -35.17 -32.41
O7 NAG I . -4.68 -31.49 -37.64
C1 NAG J . 18.26 -32.81 -37.14
C2 NAG J . 18.93 -34.11 -36.70
C3 NAG J . 20.04 -34.47 -37.67
C4 NAG J . 19.50 -34.52 -39.11
C5 NAG J . 18.78 -33.22 -39.45
C6 NAG J . 18.08 -33.28 -40.79
C7 NAG J . 19.51 -35.05 -34.52
C8 NAG J . 20.08 -34.78 -33.16
N2 NAG J . 19.45 -34.01 -35.35
O3 NAG J . 20.57 -35.74 -37.32
O4 NAG J . 20.58 -34.71 -40.02
O5 NAG J . 17.76 -32.95 -38.48
O6 NAG J . 18.00 -34.62 -41.26
O7 NAG J . 19.12 -36.16 -34.84
C1 NAG K . 6.20 -9.48 -39.58
C2 NAG K . 7.46 -9.78 -40.37
C3 NAG K . 7.54 -8.89 -41.61
C4 NAG K . 6.25 -8.99 -42.41
C5 NAG K . 5.07 -8.68 -41.50
C6 NAG K . 3.74 -8.81 -42.21
C7 NAG K . 9.38 -10.61 -39.06
C8 NAG K . 8.94 -11.98 -39.46
N2 NAG K . 8.64 -9.60 -39.54
O3 NAG K . 8.63 -9.32 -42.42
O4 NAG K . 6.25 -8.07 -43.50
O5 NAG K . 5.06 -9.62 -40.42
O6 NAG K . 3.76 -8.18 -43.48
O7 NAG K . 10.36 -10.42 -38.35
C1 NAG L . -30.13 22.79 -28.93
C2 NAG L . -29.87 23.81 -30.04
C3 NAG L . -30.69 23.47 -31.28
C4 NAG L . -30.48 22.03 -31.68
C5 NAG L . -30.74 21.12 -30.49
C6 NAG L . -30.49 19.66 -30.77
C7 NAG L . -29.41 26.22 -29.93
C8 NAG L . -29.86 27.53 -29.37
N2 NAG L . -30.15 25.16 -29.58
O3 NAG L . -30.31 24.34 -32.34
O4 NAG L . -31.37 21.69 -32.74
O5 NAG L . -29.87 21.49 -29.42
O6 NAG L . -31.65 18.87 -30.49
O7 NAG L . -28.44 26.12 -30.65
C1 NAG M . -25.60 8.69 -45.37
C2 NAG M . -26.78 7.80 -45.73
C3 NAG M . -26.85 7.59 -47.22
C4 NAG M . -26.87 8.94 -47.94
C5 NAG M . -25.71 9.81 -47.49
C6 NAG M . -25.77 11.21 -48.04
C7 NAG M . -27.78 5.84 -44.65
C8 NAG M . -27.53 4.53 -43.96
N2 NAG M . -26.71 6.51 -45.04
O3 NAG M . -28.03 6.86 -47.54
O4 NAG M . -26.78 8.73 -49.35
O5 NAG M . -25.71 9.94 -46.07
O6 NAG M . -27.05 11.48 -48.58
O7 NAG M . -28.92 6.25 -44.85
C1 NAG N . 22.83 28.54 -18.94
C2 NAG N . 22.55 29.48 -20.12
C3 NAG N . 23.61 29.36 -21.18
C4 NAG N . 25.00 29.52 -20.57
C5 NAG N . 25.16 28.53 -19.42
C6 NAG N . 26.49 28.66 -18.72
C7 NAG N . 20.17 30.01 -20.49
C8 NAG N . 20.40 31.26 -19.69
N2 NAG N . 21.23 29.21 -20.67
O3 NAG N . 23.41 30.36 -22.17
O4 NAG N . 26.01 29.25 -21.54
O5 NAG N . 24.14 28.79 -18.45
O6 NAG N . 27.56 28.75 -19.65
O7 NAG N . 19.06 29.74 -20.97
C1 NAG O . 45.85 -12.46 -2.75
C2 NAG O . 46.74 -12.73 -3.96
C3 NAG O . 48.09 -12.05 -3.78
C4 NAG O . 47.91 -10.57 -3.44
C5 NAG O . 46.98 -10.45 -2.23
C6 NAG O . 46.69 -9.02 -1.84
C7 NAG O . 46.95 -14.70 -5.39
C8 NAG O . 47.13 -16.19 -5.43
N2 NAG O . 46.91 -14.15 -4.17
O3 NAG O . 48.84 -12.16 -4.98
O4 NAG O . 49.17 -10.00 -3.13
O5 NAG O . 45.72 -11.07 -2.54
O6 NAG O . 47.02 -8.77 -0.49
O7 NAG O . 46.83 -14.03 -6.41
C1 NAG P . 51.65 8.43 -7.15
C2 NAG P . 52.45 9.07 -6.01
C3 NAG P . 53.56 9.94 -6.59
C4 NAG P . 54.42 9.15 -7.56
C5 NAG P . 53.55 8.48 -8.62
C6 NAG P . 54.33 7.55 -9.52
C7 NAG P . 51.83 9.97 -3.82
C8 NAG P . 50.86 10.80 -3.05
N2 NAG P . 51.59 9.84 -5.13
O3 NAG P . 54.35 10.44 -5.52
O4 NAG P . 55.34 10.03 -8.21
O5 NAG P . 52.53 7.69 -7.99
O6 NAG P . 55.60 7.28 -8.96
O7 NAG P . 52.81 9.44 -3.28
#